data_7LOE
# 
_entry.id   7LOE 
# 
_audit_conform.dict_name       mmcif_pdbx.dic 
_audit_conform.dict_version    5.380 
_audit_conform.dict_location   http://mmcif.pdb.org/dictionaries/ascii/mmcif_pdbx.dic 
# 
loop_
_database_2.database_id 
_database_2.database_code 
_database_2.pdbx_database_accession 
_database_2.pdbx_DOI 
PDB   7LOE         pdb_00007loe 10.2210/pdb7loe/pdb 
WWPDB D_1000254755 ?            ?                   
# 
_pdbx_database_status.status_code                     REL 
_pdbx_database_status.status_code_sf                  REL 
_pdbx_database_status.status_code_mr                  ? 
_pdbx_database_status.entry_id                        7LOE 
_pdbx_database_status.recvd_initial_deposition_date   2021-02-10 
_pdbx_database_status.SG_entry                        N 
_pdbx_database_status.deposit_site                    RCSB 
_pdbx_database_status.process_site                    RCSB 
_pdbx_database_status.status_code_cs                  ? 
_pdbx_database_status.status_code_nmr_data            ? 
_pdbx_database_status.methods_development_category    ? 
_pdbx_database_status.pdb_format_compatible           Y 
# 
loop_
_audit_author.name 
_audit_author.pdbx_ordinal 
_audit_author.identifier_ORCID 
'Kamenik, A.S.'  1 ? 
'Singh, I.'      2 ? 
'Lak, P.'        3 ? 
'Balius, T.E.'   4 ? 
'Liedl, K.R.'    5 ? 
'Shoichet, B.K.' 6 ? 
# 
_citation.abstract                  ? 
_citation.abstract_id_CAS           ? 
_citation.book_id_ISBN              ? 
_citation.book_publisher            ? 
_citation.book_publisher_city       ? 
_citation.book_title                ? 
_citation.coordinate_linkage        ? 
_citation.country                   US 
_citation.database_id_Medline       ? 
_citation.details                   ? 
_citation.id                        primary 
_citation.journal_abbrev            Proc.Natl.Acad.Sci.USA 
_citation.journal_id_ASTM           PNASA6 
_citation.journal_id_CSD            0040 
_citation.journal_id_ISSN           1091-6490 
_citation.journal_full              ? 
_citation.journal_issue             ? 
_citation.journal_volume            118 
_citation.language                  ? 
_citation.page_first                ? 
_citation.page_last                 ? 
_citation.title                     'Energy penalties enhance flexible receptor docking in a model cavity.' 
_citation.year                      2021 
_citation.database_id_CSD           ? 
_citation.pdbx_database_id_DOI      10.1073/pnas.2106195118 
_citation.pdbx_database_id_PubMed   34475217 
_citation.pdbx_database_id_patent   ? 
_citation.unpublished_flag          ? 
# 
loop_
_citation_author.citation_id 
_citation_author.name 
_citation_author.ordinal 
_citation_author.identifier_ORCID 
primary 'Kamenik, A.S.'  1 0000-0001-8657-0036 
primary 'Singh, I.'      2 ?                   
primary 'Lak, P.'        3 ?                   
primary 'Balius, T.E.'   4 0000-0002-6811-4667 
primary 'Liedl, K.R.'    5 ?                   
primary 'Shoichet, B.K.' 6 0000-0002-6098-7367 
# 
_cell.angle_alpha                  90.000 
_cell.angle_alpha_esd              ? 
_cell.angle_beta                   90.000 
_cell.angle_beta_esd               ? 
_cell.angle_gamma                  120.000 
_cell.angle_gamma_esd              ? 
_cell.entry_id                     7LOE 
_cell.details                      ? 
_cell.formula_units_Z              ? 
_cell.length_a                     60.078 
_cell.length_a_esd                 ? 
_cell.length_b                     60.078 
_cell.length_b_esd                 ? 
_cell.length_c                     96.266 
_cell.length_c_esd                 ? 
_cell.volume                       ? 
_cell.volume_esd                   ? 
_cell.Z_PDB                        6 
_cell.reciprocal_angle_alpha       ? 
_cell.reciprocal_angle_beta        ? 
_cell.reciprocal_angle_gamma       ? 
_cell.reciprocal_angle_alpha_esd   ? 
_cell.reciprocal_angle_beta_esd    ? 
_cell.reciprocal_angle_gamma_esd   ? 
_cell.reciprocal_length_a          ? 
_cell.reciprocal_length_b          ? 
_cell.reciprocal_length_c          ? 
_cell.reciprocal_length_a_esd      ? 
_cell.reciprocal_length_b_esd      ? 
_cell.reciprocal_length_c_esd      ? 
_cell.pdbx_unique_axis             ? 
# 
_symmetry.entry_id                         7LOE 
_symmetry.cell_setting                     ? 
_symmetry.Int_Tables_number                154 
_symmetry.space_group_name_Hall            ? 
_symmetry.space_group_name_H-M             'P 32 2 1' 
_symmetry.pdbx_full_space_group_name_H-M   ? 
# 
loop_
_entity.id 
_entity.type 
_entity.src_method 
_entity.pdbx_description 
_entity.formula_weight 
_entity.pdbx_number_of_molecules 
_entity.pdbx_ec 
_entity.pdbx_mutation 
_entity.pdbx_fragment 
_entity.details 
1 polymer     man Lysozyme                                 19691.541 1   3.2.1.17 L99A ? ? 
2 non-polymer syn 1-fluoranylnaphthalene                   146.161   1   ?        ?    ? ? 
3 non-polymer syn BETA-MERCAPTOETHANOL                     78.133    1   ?        ?    ? ? 
4 non-polymer syn 2-AMINO-2-HYDROXYMETHYL-PROPANE-1,3-DIOL 122.143   1   ?        ?    ? ? 
5 water       nat water                                    18.015    126 ?        ?    ? ? 
# 
_entity_name_com.entity_id   1 
_entity_name_com.name        'Endolysin,Lysis protein,Muramidase' 
# 
_entity_poly.entity_id                      1 
_entity_poly.type                           'polypeptide(L)' 
_entity_poly.nstd_linkage                   no 
_entity_poly.nstd_monomer                   no 
_entity_poly.pdbx_seq_one_letter_code       
;MNIFEMLRIDEGLRLKIYKDTEGYYTIGIGHLLTKSPSLNAAKSELDKAIGRNCNGVITKDEAEKLFNQDVDAAVRGILR
NAKLKPVYDSLDAVRRCAAINMVFQMGETGVAGFTNSLRMLQQKRWDEAAVNLAKSRWYNQTPNRAKRVITTFRTGTWDA
YKNLLEHHHHHH
;
_entity_poly.pdbx_seq_one_letter_code_can   
;MNIFEMLRIDEGLRLKIYKDTEGYYTIGIGHLLTKSPSLNAAKSELDKAIGRNCNGVITKDEAEKLFNQDVDAAVRGILR
NAKLKPVYDSLDAVRRCAAINMVFQMGETGVAGFTNSLRMLQQKRWDEAAVNLAKSRWYNQTPNRAKRVITTFRTGTWDA
YKNLLEHHHHHH
;
_entity_poly.pdbx_strand_id                 A 
_entity_poly.pdbx_target_identifier         ? 
# 
loop_
_entity_poly_seq.entity_id 
_entity_poly_seq.num 
_entity_poly_seq.mon_id 
_entity_poly_seq.hetero 
1 1   MET n 
1 2   ASN n 
1 3   ILE n 
1 4   PHE n 
1 5   GLU n 
1 6   MET n 
1 7   LEU n 
1 8   ARG n 
1 9   ILE n 
1 10  ASP n 
1 11  GLU n 
1 12  GLY n 
1 13  LEU n 
1 14  ARG n 
1 15  LEU n 
1 16  LYS n 
1 17  ILE n 
1 18  TYR n 
1 19  LYS n 
1 20  ASP n 
1 21  THR n 
1 22  GLU n 
1 23  GLY n 
1 24  TYR n 
1 25  TYR n 
1 26  THR n 
1 27  ILE n 
1 28  GLY n 
1 29  ILE n 
1 30  GLY n 
1 31  HIS n 
1 32  LEU n 
1 33  LEU n 
1 34  THR n 
1 35  LYS n 
1 36  SER n 
1 37  PRO n 
1 38  SER n 
1 39  LEU n 
1 40  ASN n 
1 41  ALA n 
1 42  ALA n 
1 43  LYS n 
1 44  SER n 
1 45  GLU n 
1 46  LEU n 
1 47  ASP n 
1 48  LYS n 
1 49  ALA n 
1 50  ILE n 
1 51  GLY n 
1 52  ARG n 
1 53  ASN n 
1 54  CYS n 
1 55  ASN n 
1 56  GLY n 
1 57  VAL n 
1 58  ILE n 
1 59  THR n 
1 60  LYS n 
1 61  ASP n 
1 62  GLU n 
1 63  ALA n 
1 64  GLU n 
1 65  LYS n 
1 66  LEU n 
1 67  PHE n 
1 68  ASN n 
1 69  GLN n 
1 70  ASP n 
1 71  VAL n 
1 72  ASP n 
1 73  ALA n 
1 74  ALA n 
1 75  VAL n 
1 76  ARG n 
1 77  GLY n 
1 78  ILE n 
1 79  LEU n 
1 80  ARG n 
1 81  ASN n 
1 82  ALA n 
1 83  LYS n 
1 84  LEU n 
1 85  LYS n 
1 86  PRO n 
1 87  VAL n 
1 88  TYR n 
1 89  ASP n 
1 90  SER n 
1 91  LEU n 
1 92  ASP n 
1 93  ALA n 
1 94  VAL n 
1 95  ARG n 
1 96  ARG n 
1 97  CYS n 
1 98  ALA n 
1 99  ALA n 
1 100 ILE n 
1 101 ASN n 
1 102 MET n 
1 103 VAL n 
1 104 PHE n 
1 105 GLN n 
1 106 MET n 
1 107 GLY n 
1 108 GLU n 
1 109 THR n 
1 110 GLY n 
1 111 VAL n 
1 112 ALA n 
1 113 GLY n 
1 114 PHE n 
1 115 THR n 
1 116 ASN n 
1 117 SER n 
1 118 LEU n 
1 119 ARG n 
1 120 MET n 
1 121 LEU n 
1 122 GLN n 
1 123 GLN n 
1 124 LYS n 
1 125 ARG n 
1 126 TRP n 
1 127 ASP n 
1 128 GLU n 
1 129 ALA n 
1 130 ALA n 
1 131 VAL n 
1 132 ASN n 
1 133 LEU n 
1 134 ALA n 
1 135 LYS n 
1 136 SER n 
1 137 ARG n 
1 138 TRP n 
1 139 TYR n 
1 140 ASN n 
1 141 GLN n 
1 142 THR n 
1 143 PRO n 
1 144 ASN n 
1 145 ARG n 
1 146 ALA n 
1 147 LYS n 
1 148 ARG n 
1 149 VAL n 
1 150 ILE n 
1 151 THR n 
1 152 THR n 
1 153 PHE n 
1 154 ARG n 
1 155 THR n 
1 156 GLY n 
1 157 THR n 
1 158 TRP n 
1 159 ASP n 
1 160 ALA n 
1 161 TYR n 
1 162 LYS n 
1 163 ASN n 
1 164 LEU n 
1 165 LEU n 
1 166 GLU n 
1 167 HIS n 
1 168 HIS n 
1 169 HIS n 
1 170 HIS n 
1 171 HIS n 
1 172 HIS n 
# 
_entity_src_gen.entity_id                          1 
_entity_src_gen.pdbx_src_id                        1 
_entity_src_gen.pdbx_alt_source_flag               sample 
_entity_src_gen.pdbx_seq_type                      'Biological sequence' 
_entity_src_gen.pdbx_beg_seq_num                   1 
_entity_src_gen.pdbx_end_seq_num                   172 
_entity_src_gen.gene_src_common_name               'Bacteriophage T4' 
_entity_src_gen.gene_src_genus                     ? 
_entity_src_gen.pdbx_gene_src_gene                 'e, T4Tp126' 
_entity_src_gen.gene_src_species                   ? 
_entity_src_gen.gene_src_strain                    ? 
_entity_src_gen.gene_src_tissue                    ? 
_entity_src_gen.gene_src_tissue_fraction           ? 
_entity_src_gen.gene_src_details                   ? 
_entity_src_gen.pdbx_gene_src_fragment             ? 
_entity_src_gen.pdbx_gene_src_scientific_name      'Enterobacteria phage T4' 
_entity_src_gen.pdbx_gene_src_ncbi_taxonomy_id     10665 
_entity_src_gen.pdbx_gene_src_variant              ? 
_entity_src_gen.pdbx_gene_src_cell_line            ? 
_entity_src_gen.pdbx_gene_src_atcc                 ? 
_entity_src_gen.pdbx_gene_src_organ                ? 
_entity_src_gen.pdbx_gene_src_organelle            ? 
_entity_src_gen.pdbx_gene_src_cell                 ? 
_entity_src_gen.pdbx_gene_src_cellular_location    ? 
_entity_src_gen.host_org_common_name               ? 
_entity_src_gen.pdbx_host_org_scientific_name      
;Escherichia coli 'BL21-Gold(DE3)pLysS AG'
;
_entity_src_gen.pdbx_host_org_ncbi_taxonomy_id     866768 
_entity_src_gen.host_org_genus                     ? 
_entity_src_gen.pdbx_host_org_gene                 ? 
_entity_src_gen.pdbx_host_org_organ                ? 
_entity_src_gen.host_org_species                   ? 
_entity_src_gen.pdbx_host_org_tissue               ? 
_entity_src_gen.pdbx_host_org_tissue_fraction      ? 
_entity_src_gen.pdbx_host_org_strain               ? 
_entity_src_gen.pdbx_host_org_variant              ? 
_entity_src_gen.pdbx_host_org_cell_line            ? 
_entity_src_gen.pdbx_host_org_atcc                 ? 
_entity_src_gen.pdbx_host_org_culture_collection   ? 
_entity_src_gen.pdbx_host_org_cell                 ? 
_entity_src_gen.pdbx_host_org_organelle            ? 
_entity_src_gen.pdbx_host_org_cellular_location    ? 
_entity_src_gen.pdbx_host_org_vector_type          ? 
_entity_src_gen.pdbx_host_org_vector               ? 
_entity_src_gen.host_org_details                   ? 
_entity_src_gen.expression_system_id               ? 
_entity_src_gen.plasmid_name                       ? 
_entity_src_gen.plasmid_details                    ? 
_entity_src_gen.pdbx_description                   ? 
# 
_struct_ref.id                         1 
_struct_ref.db_name                    UNP 
_struct_ref.db_code                    D9IEF7_BPT4 
_struct_ref.pdbx_db_accession          D9IEF7 
_struct_ref.pdbx_db_isoform            ? 
_struct_ref.entity_id                  1 
_struct_ref.pdbx_seq_one_letter_code   
;MNIFEMLRIDEGLRLKIYKDTEGYYTIGIGHLLTKSPSLNAAKSELDKAIGRNCNGVITKDEAEKLFNQDVDAAVRGILR
NAKLKPVYDSLDAVRRCALINMVFQMGETGVAGFTNSLRMLQQKRWDEAAVNLAKSRWYNQTPNRAKRVITTFRTGTWDA
YKNL
;
_struct_ref.pdbx_align_begin           1 
# 
_struct_ref_seq.align_id                      1 
_struct_ref_seq.ref_id                        1 
_struct_ref_seq.pdbx_PDB_id_code              7LOE 
_struct_ref_seq.pdbx_strand_id                A 
_struct_ref_seq.seq_align_beg                 1 
_struct_ref_seq.pdbx_seq_align_beg_ins_code   ? 
_struct_ref_seq.seq_align_end                 164 
_struct_ref_seq.pdbx_seq_align_end_ins_code   ? 
_struct_ref_seq.pdbx_db_accession             D9IEF7 
_struct_ref_seq.db_align_beg                  1 
_struct_ref_seq.pdbx_db_align_beg_ins_code    ? 
_struct_ref_seq.db_align_end                  164 
_struct_ref_seq.pdbx_db_align_end_ins_code    ? 
_struct_ref_seq.pdbx_auth_seq_align_beg       1 
_struct_ref_seq.pdbx_auth_seq_align_end       164 
# 
loop_
_struct_ref_seq_dif.align_id 
_struct_ref_seq_dif.pdbx_pdb_id_code 
_struct_ref_seq_dif.mon_id 
_struct_ref_seq_dif.pdbx_pdb_strand_id 
_struct_ref_seq_dif.seq_num 
_struct_ref_seq_dif.pdbx_pdb_ins_code 
_struct_ref_seq_dif.pdbx_seq_db_name 
_struct_ref_seq_dif.pdbx_seq_db_accession_code 
_struct_ref_seq_dif.db_mon_id 
_struct_ref_seq_dif.pdbx_seq_db_seq_num 
_struct_ref_seq_dif.details 
_struct_ref_seq_dif.pdbx_auth_seq_num 
_struct_ref_seq_dif.pdbx_ordinal 
1 7LOE ALA A 99  ? UNP D9IEF7 LEU 99 'engineered mutation' 99  1 
1 7LOE LEU A 165 ? UNP D9IEF7 ?   ?  'expression tag'      165 2 
1 7LOE GLU A 166 ? UNP D9IEF7 ?   ?  'expression tag'      166 3 
1 7LOE HIS A 167 ? UNP D9IEF7 ?   ?  'expression tag'      167 4 
1 7LOE HIS A 168 ? UNP D9IEF7 ?   ?  'expression tag'      168 5 
1 7LOE HIS A 169 ? UNP D9IEF7 ?   ?  'expression tag'      169 6 
1 7LOE HIS A 170 ? UNP D9IEF7 ?   ?  'expression tag'      170 7 
1 7LOE HIS A 171 ? UNP D9IEF7 ?   ?  'expression tag'      171 8 
1 7LOE HIS A 172 ? UNP D9IEF7 ?   ?  'expression tag'      172 9 
# 
loop_
_chem_comp.id 
_chem_comp.type 
_chem_comp.mon_nstd_flag 
_chem_comp.name 
_chem_comp.pdbx_synonyms 
_chem_comp.formula 
_chem_comp.formula_weight 
ALA 'L-peptide linking' y ALANINE                                  ?             'C3 H7 N O2'     89.093  
ARG 'L-peptide linking' y ARGININE                                 ?             'C6 H15 N4 O2 1' 175.209 
ASN 'L-peptide linking' y ASPARAGINE                               ?             'C4 H8 N2 O3'    132.118 
ASP 'L-peptide linking' y 'ASPARTIC ACID'                          ?             'C4 H7 N O4'     133.103 
BME non-polymer         . BETA-MERCAPTOETHANOL                     ?             'C2 H6 O S'      78.133  
CYS 'L-peptide linking' y CYSTEINE                                 ?             'C3 H7 N O2 S'   121.158 
GLN 'L-peptide linking' y GLUTAMINE                                ?             'C5 H10 N2 O3'   146.144 
GLU 'L-peptide linking' y 'GLUTAMIC ACID'                          ?             'C5 H9 N O4'     147.129 
GLY 'peptide linking'   y GLYCINE                                  ?             'C2 H5 N O2'     75.067  
HIS 'L-peptide linking' y HISTIDINE                                ?             'C6 H10 N3 O2 1' 156.162 
HOH non-polymer         . WATER                                    ?             'H2 O'           18.015  
ILE 'L-peptide linking' y ISOLEUCINE                               ?             'C6 H13 N O2'    131.173 
LEU 'L-peptide linking' y LEUCINE                                  ?             'C6 H13 N O2'    131.173 
LYS 'L-peptide linking' y LYSINE                                   ?             'C6 H15 N2 O2 1' 147.195 
MET 'L-peptide linking' y METHIONINE                               ?             'C5 H11 N O2 S'  149.211 
PHE 'L-peptide linking' y PHENYLALANINE                            ?             'C9 H11 N O2'    165.189 
PRO 'L-peptide linking' y PROLINE                                  ?             'C5 H9 N O2'     115.130 
SER 'L-peptide linking' y SERINE                                   ?             'C3 H7 N O3'     105.093 
THR 'L-peptide linking' y THREONINE                                ?             'C4 H9 N O3'     119.119 
TRP 'L-peptide linking' y TRYPTOPHAN                               ?             'C11 H12 N2 O2'  204.225 
TRS non-polymer         . 2-AMINO-2-HYDROXYMETHYL-PROPANE-1,3-DIOL 'TRIS BUFFER' 'C4 H12 N O3 1'  122.143 
TYR 'L-peptide linking' y TYROSINE                                 ?             'C9 H11 N O3'    181.189 
VAL 'L-peptide linking' y VALINE                                   ?             'C5 H11 N O2'    117.146 
Y84 non-polymer         . 1-fluoranylnaphthalene                   ?             'C10 H7 F'       146.161 
# 
_exptl.absorpt_coefficient_mu     ? 
_exptl.absorpt_correction_T_max   ? 
_exptl.absorpt_correction_T_min   ? 
_exptl.absorpt_correction_type    ? 
_exptl.absorpt_process_details    ? 
_exptl.entry_id                   7LOE 
_exptl.crystals_number            1 
_exptl.details                    ? 
_exptl.method                     'X-RAY DIFFRACTION' 
_exptl.method_details             ? 
# 
_exptl_crystal.colour                      ? 
_exptl_crystal.density_diffrn              ? 
_exptl_crystal.density_Matthews            2.55 
_exptl_crystal.density_method              ? 
_exptl_crystal.density_percent_sol         51.71 
_exptl_crystal.description                 ? 
_exptl_crystal.F_000                       ? 
_exptl_crystal.id                          1 
_exptl_crystal.preparation                 ? 
_exptl_crystal.size_max                    ? 
_exptl_crystal.size_mid                    ? 
_exptl_crystal.size_min                    ? 
_exptl_crystal.size_rad                    ? 
_exptl_crystal.colour_lustre               ? 
_exptl_crystal.colour_modifier             ? 
_exptl_crystal.colour_primary              ? 
_exptl_crystal.density_meas                ? 
_exptl_crystal.density_meas_esd            ? 
_exptl_crystal.density_meas_gt             ? 
_exptl_crystal.density_meas_lt             ? 
_exptl_crystal.density_meas_temp           ? 
_exptl_crystal.density_meas_temp_esd       ? 
_exptl_crystal.density_meas_temp_gt        ? 
_exptl_crystal.density_meas_temp_lt        ? 
_exptl_crystal.pdbx_crystal_image_url      ? 
_exptl_crystal.pdbx_crystal_image_format   ? 
_exptl_crystal.pdbx_mosaicity              ? 
_exptl_crystal.pdbx_mosaicity_esd          ? 
# 
_exptl_crystal_grow.apparatus       ? 
_exptl_crystal_grow.atmosphere      ? 
_exptl_crystal_grow.crystal_id      1 
_exptl_crystal_grow.details         ? 
_exptl_crystal_grow.method          'VAPOR DIFFUSION, HANGING DROP' 
_exptl_crystal_grow.method_ref      ? 
_exptl_crystal_grow.pH              8.0 
_exptl_crystal_grow.pressure        ? 
_exptl_crystal_grow.pressure_esd    ? 
_exptl_crystal_grow.seeding         ? 
_exptl_crystal_grow.seeding_ref     ? 
_exptl_crystal_grow.temp            294 
_exptl_crystal_grow.temp_details    ? 
_exptl_crystal_grow.temp_esd        ? 
_exptl_crystal_grow.time            ? 
_exptl_crystal_grow.pdbx_details    'Isopropanol, PEG 4000, Tris-Cl pH 8.0, Beta-mercaptoethanol,  2-hyrdoxyethyl disulfide' 
_exptl_crystal_grow.pdbx_pH_range   ? 
# 
_diffrn.ambient_environment              ? 
_diffrn.ambient_temp                     100 
_diffrn.ambient_temp_details             ? 
_diffrn.ambient_temp_esd                 ? 
_diffrn.crystal_id                       1 
_diffrn.crystal_support                  ? 
_diffrn.crystal_treatment                ? 
_diffrn.details                          ? 
_diffrn.id                               1 
_diffrn.ambient_pressure                 ? 
_diffrn.ambient_pressure_esd             ? 
_diffrn.ambient_pressure_gt              ? 
_diffrn.ambient_pressure_lt              ? 
_diffrn.ambient_temp_gt                  ? 
_diffrn.ambient_temp_lt                  ? 
_diffrn.pdbx_serial_crystal_experiment   N 
# 
_diffrn_detector.details                      ? 
_diffrn_detector.detector                     PIXEL 
_diffrn_detector.diffrn_id                    1 
_diffrn_detector.type                         'DECTRIS PILATUS3 S 6M' 
_diffrn_detector.area_resol_mean              ? 
_diffrn_detector.dtime                        ? 
_diffrn_detector.pdbx_frames_total            ? 
_diffrn_detector.pdbx_collection_time_total   ? 
_diffrn_detector.pdbx_collection_date         2020-11-24 
_diffrn_detector.pdbx_frequency               ? 
# 
_diffrn_radiation.collimation                      ? 
_diffrn_radiation.diffrn_id                        1 
_diffrn_radiation.filter_edge                      ? 
_diffrn_radiation.inhomogeneity                    ? 
_diffrn_radiation.monochromator                    ? 
_diffrn_radiation.polarisn_norm                    ? 
_diffrn_radiation.polarisn_ratio                   ? 
_diffrn_radiation.probe                            ? 
_diffrn_radiation.type                             ? 
_diffrn_radiation.xray_symbol                      ? 
_diffrn_radiation.wavelength_id                    1 
_diffrn_radiation.pdbx_monochromatic_or_laue_m_l   M 
_diffrn_radiation.pdbx_wavelength_list             ? 
_diffrn_radiation.pdbx_wavelength                  ? 
_diffrn_radiation.pdbx_diffrn_protocol             'SINGLE WAVELENGTH' 
_diffrn_radiation.pdbx_analyzer                    ? 
_diffrn_radiation.pdbx_scattering_type             x-ray 
# 
_diffrn_radiation_wavelength.id           1 
_diffrn_radiation_wavelength.wavelength   0.95386 
_diffrn_radiation_wavelength.wt           1.0 
# 
_diffrn_source.current                     ? 
_diffrn_source.details                     ? 
_diffrn_source.diffrn_id                   1 
_diffrn_source.power                       ? 
_diffrn_source.size                        ? 
_diffrn_source.source                      SYNCHROTRON 
_diffrn_source.target                      ? 
_diffrn_source.type                        'ALS BEAMLINE 8.3.1' 
_diffrn_source.voltage                     ? 
_diffrn_source.take-off_angle              ? 
_diffrn_source.pdbx_wavelength_list        0.95386 
_diffrn_source.pdbx_wavelength             ? 
_diffrn_source.pdbx_synchrotron_beamline   8.3.1 
_diffrn_source.pdbx_synchrotron_site       ALS 
# 
_reflns.B_iso_Wilson_estimate            11.740 
_reflns.entry_id                         7LOE 
_reflns.data_reduction_details           ? 
_reflns.data_reduction_method            ? 
_reflns.d_resolution_high                1.010 
_reflns.d_resolution_low                 96.270 
_reflns.details                          ? 
_reflns.limit_h_max                      ? 
_reflns.limit_h_min                      ? 
_reflns.limit_k_max                      ? 
_reflns.limit_k_min                      ? 
_reflns.limit_l_max                      ? 
_reflns.limit_l_min                      ? 
_reflns.number_all                       ? 
_reflns.number_obs                       103054 
_reflns.observed_criterion               ? 
_reflns.observed_criterion_F_max         ? 
_reflns.observed_criterion_F_min         ? 
_reflns.observed_criterion_I_max         ? 
_reflns.observed_criterion_I_min         ? 
_reflns.observed_criterion_sigma_F       ? 
_reflns.observed_criterion_sigma_I       ? 
_reflns.percent_possible_obs             97.400 
_reflns.R_free_details                   ? 
_reflns.Rmerge_F_all                     ? 
_reflns.Rmerge_F_obs                     ? 
_reflns.Friedel_coverage                 ? 
_reflns.number_gt                        ? 
_reflns.threshold_expression             ? 
_reflns.pdbx_redundancy                  17.300 
_reflns.pdbx_Rmerge_I_obs                0.047 
_reflns.pdbx_Rmerge_I_all                ? 
_reflns.pdbx_Rsym_value                  ? 
_reflns.pdbx_netI_over_av_sigmaI         ? 
_reflns.pdbx_netI_over_sigmaI            23.800 
_reflns.pdbx_res_netI_over_av_sigmaI_2   ? 
_reflns.pdbx_res_netI_over_sigmaI_2      ? 
_reflns.pdbx_chi_squared                 ? 
_reflns.pdbx_scaling_rejects             41 
_reflns.pdbx_d_res_high_opt              ? 
_reflns.pdbx_d_res_low_opt               ? 
_reflns.pdbx_d_res_opt_method            ? 
_reflns.phase_calculation_details        ? 
_reflns.pdbx_Rrim_I_all                  0.048 
_reflns.pdbx_Rpim_I_all                  0.011 
_reflns.pdbx_d_opt                       ? 
_reflns.pdbx_number_measured_all         1783109 
_reflns.pdbx_diffrn_id                   1 
_reflns.pdbx_ordinal                     1 
_reflns.pdbx_CC_half                     1.000 
_reflns.pdbx_CC_star                     ? 
_reflns.pdbx_R_split                     ? 
# 
loop_
_reflns_shell.d_res_high 
_reflns_shell.d_res_low 
_reflns_shell.meanI_over_sigI_all 
_reflns_shell.meanI_over_sigI_obs 
_reflns_shell.number_measured_all 
_reflns_shell.number_measured_obs 
_reflns_shell.number_possible 
_reflns_shell.number_unique_all 
_reflns_shell.number_unique_obs 
_reflns_shell.percent_possible_all 
_reflns_shell.percent_possible_obs 
_reflns_shell.Rmerge_F_all 
_reflns_shell.Rmerge_F_obs 
_reflns_shell.Rmerge_I_all 
_reflns_shell.Rmerge_I_obs 
_reflns_shell.meanI_over_sigI_gt 
_reflns_shell.meanI_over_uI_all 
_reflns_shell.meanI_over_uI_gt 
_reflns_shell.number_measured_gt 
_reflns_shell.number_unique_gt 
_reflns_shell.percent_possible_gt 
_reflns_shell.Rmerge_F_gt 
_reflns_shell.Rmerge_I_gt 
_reflns_shell.pdbx_redundancy 
_reflns_shell.pdbx_Rsym_value 
_reflns_shell.pdbx_chi_squared 
_reflns_shell.pdbx_netI_over_sigmaI_all 
_reflns_shell.pdbx_netI_over_sigmaI_obs 
_reflns_shell.pdbx_Rrim_I_all 
_reflns_shell.pdbx_Rpim_I_all 
_reflns_shell.pdbx_rejects 
_reflns_shell.pdbx_ordinal 
_reflns_shell.pdbx_diffrn_id 
_reflns_shell.pdbx_CC_half 
_reflns_shell.pdbx_CC_star 
_reflns_shell.pdbx_R_split 
1.010 1.030  ? ? 27449 ? ? ? 3978 76.500  ? ? ? ? 2.093 ? ? ? ? ? ? ? ? 6.900  ? ? ? 0.900   2.263 0.825 ? 1 1 0.387 ? ? 
5.530 96.270 ? ? 14438 ? ? ? 762  100.000 ? ? ? ? 0.017 ? ? ? ? ? ? ? ? 18.900 ? ? ? 100.100 0.018 0.004 ? 2 1 1.000 ? ? 
# 
_refine.aniso_B[1][1]                            ? 
_refine.aniso_B[1][2]                            ? 
_refine.aniso_B[1][3]                            ? 
_refine.aniso_B[2][2]                            ? 
_refine.aniso_B[2][3]                            ? 
_refine.aniso_B[3][3]                            ? 
_refine.B_iso_max                                39.470 
_refine.B_iso_mean                               14.2880 
_refine.B_iso_min                                8.120 
_refine.correlation_coeff_Fo_to_Fc               ? 
_refine.correlation_coeff_Fo_to_Fc_free          ? 
_refine.details                                  ? 
_refine.diff_density_max                         ? 
_refine.diff_density_max_esd                     ? 
_refine.diff_density_min                         ? 
_refine.diff_density_min_esd                     ? 
_refine.diff_density_rms                         ? 
_refine.diff_density_rms_esd                     ? 
_refine.entry_id                                 7LOE 
_refine.pdbx_refine_id                           'X-RAY DIFFRACTION' 
_refine.ls_abs_structure_details                 ? 
_refine.ls_abs_structure_Flack                   ? 
_refine.ls_abs_structure_Flack_esd               ? 
_refine.ls_abs_structure_Rogers                  ? 
_refine.ls_abs_structure_Rogers_esd              ? 
_refine.ls_d_res_high                            1.0100 
_refine.ls_d_res_low                             52.0290 
_refine.ls_extinction_coef                       ? 
_refine.ls_extinction_coef_esd                   ? 
_refine.ls_extinction_expression                 ? 
_refine.ls_extinction_method                     ? 
_refine.ls_goodness_of_fit_all                   ? 
_refine.ls_goodness_of_fit_all_esd               ? 
_refine.ls_goodness_of_fit_obs                   ? 
_refine.ls_goodness_of_fit_obs_esd               ? 
_refine.ls_hydrogen_treatment                    ? 
_refine.ls_matrix_type                           ? 
_refine.ls_number_constraints                    ? 
_refine.ls_number_parameters                     ? 
_refine.ls_number_reflns_all                     ? 
_refine.ls_number_reflns_obs                     102915 
_refine.ls_number_reflns_R_free                  5258 
_refine.ls_number_reflns_R_work                  97657 
_refine.ls_number_restraints                     ? 
_refine.ls_percent_reflns_obs                    97.2700 
_refine.ls_percent_reflns_R_free                 5.1100 
_refine.ls_R_factor_all                          ? 
_refine.ls_R_factor_obs                          0.2046 
_refine.ls_R_factor_R_free                       0.2188 
_refine.ls_R_factor_R_free_error                 ? 
_refine.ls_R_factor_R_free_error_details         ? 
_refine.ls_R_factor_R_work                       0.2038 
_refine.ls_R_Fsqd_factor_obs                     ? 
_refine.ls_R_I_factor_obs                        ? 
_refine.ls_redundancy_reflns_all                 ? 
_refine.ls_redundancy_reflns_obs                 ? 
_refine.ls_restrained_S_all                      ? 
_refine.ls_restrained_S_obs                      ? 
_refine.ls_shift_over_esd_max                    ? 
_refine.ls_shift_over_esd_mean                   ? 
_refine.ls_structure_factor_coef                 ? 
_refine.ls_weighting_details                     ? 
_refine.ls_weighting_scheme                      ? 
_refine.ls_wR_factor_all                         ? 
_refine.ls_wR_factor_obs                         ? 
_refine.ls_wR_factor_R_free                      ? 
_refine.ls_wR_factor_R_work                      ? 
_refine.occupancy_max                            ? 
_refine.occupancy_min                            ? 
_refine.solvent_model_details                    'FLAT BULK SOLVENT MODEL' 
_refine.solvent_model_param_bsol                 ? 
_refine.solvent_model_param_ksol                 ? 
_refine.pdbx_R_complete                          ? 
_refine.ls_R_factor_gt                           ? 
_refine.ls_goodness_of_fit_gt                    ? 
_refine.ls_goodness_of_fit_ref                   ? 
_refine.ls_shift_over_su_max                     ? 
_refine.ls_shift_over_su_max_lt                  ? 
_refine.ls_shift_over_su_mean                    ? 
_refine.ls_shift_over_su_mean_lt                 ? 
_refine.pdbx_ls_sigma_I                          ? 
_refine.pdbx_ls_sigma_F                          1.340 
_refine.pdbx_ls_sigma_Fsqd                       ? 
_refine.pdbx_data_cutoff_high_absF               ? 
_refine.pdbx_data_cutoff_high_rms_absF           ? 
_refine.pdbx_data_cutoff_low_absF                ? 
_refine.pdbx_isotropic_thermal_model             ? 
_refine.pdbx_ls_cross_valid_method               THROUGHOUT 
_refine.pdbx_method_to_determine_struct          'MOLECULAR REPLACEMENT' 
_refine.pdbx_starting_model                      4W57 
_refine.pdbx_stereochemistry_target_values       ML 
_refine.pdbx_R_Free_selection_details            ? 
_refine.pdbx_stereochem_target_val_spec_case     ? 
_refine.pdbx_overall_ESU_R                       ? 
_refine.pdbx_overall_ESU_R_Free                  ? 
_refine.pdbx_solvent_vdw_probe_radii             1.1100 
_refine.pdbx_solvent_ion_probe_radii             ? 
_refine.pdbx_solvent_shrinkage_radii             0.9000 
_refine.pdbx_real_space_R                        ? 
_refine.pdbx_density_correlation                 ? 
_refine.pdbx_pd_number_of_powder_patterns        ? 
_refine.pdbx_pd_number_of_points                 ? 
_refine.pdbx_pd_meas_number_of_points            ? 
_refine.pdbx_pd_proc_ls_prof_R_factor            ? 
_refine.pdbx_pd_proc_ls_prof_wR_factor           ? 
_refine.pdbx_pd_Marquardt_correlation_coeff      ? 
_refine.pdbx_pd_Fsqrd_R_factor                   ? 
_refine.pdbx_pd_ls_matrix_band_width             ? 
_refine.pdbx_overall_phase_error                 22.5200 
_refine.pdbx_overall_SU_R_free_Cruickshank_DPI   ? 
_refine.pdbx_overall_SU_R_free_Blow_DPI          ? 
_refine.pdbx_overall_SU_R_Blow_DPI               ? 
_refine.pdbx_TLS_residual_ADP_flag               ? 
_refine.pdbx_diffrn_id                           1 
_refine.overall_SU_B                             ? 
_refine.overall_SU_ML                            0.1200 
_refine.overall_SU_R_Cruickshank_DPI             ? 
_refine.overall_SU_R_free                        ? 
_refine.overall_FOM_free_R_set                   ? 
_refine.overall_FOM_work_R_set                   ? 
_refine.pdbx_average_fsc_overall                 ? 
_refine.pdbx_average_fsc_work                    ? 
_refine.pdbx_average_fsc_free                    ? 
# 
_refine_hist.pdbx_refine_id                   'X-RAY DIFFRACTION' 
_refine_hist.cycle_id                         final 
_refine_hist.details                          ? 
_refine_hist.d_res_high                       1.0100 
_refine_hist.d_res_low                        52.0290 
_refine_hist.number_atoms_solvent             126 
_refine_hist.number_atoms_total               1455 
_refine_hist.number_reflns_all                ? 
_refine_hist.number_reflns_obs                ? 
_refine_hist.number_reflns_R_free             ? 
_refine_hist.number_reflns_R_work             ? 
_refine_hist.R_factor_all                     ? 
_refine_hist.R_factor_obs                     ? 
_refine_hist.R_factor_R_free                  ? 
_refine_hist.R_factor_R_work                  ? 
_refine_hist.pdbx_number_residues_total       163 
_refine_hist.pdbx_B_iso_mean_ligand           15.80 
_refine_hist.pdbx_B_iso_mean_solvent          21.01 
_refine_hist.pdbx_number_atoms_protein        1295 
_refine_hist.pdbx_number_atoms_nucleic_acid   0 
_refine_hist.pdbx_number_atoms_ligand         34 
_refine_hist.pdbx_number_atoms_lipid          ? 
_refine_hist.pdbx_number_atoms_carb           ? 
_refine_hist.pdbx_pseudo_atom_details         ? 
# 
loop_
_refine_ls_restr.pdbx_refine_id 
_refine_ls_restr.criterion 
_refine_ls_restr.dev_ideal 
_refine_ls_restr.dev_ideal_target 
_refine_ls_restr.number 
_refine_ls_restr.rejects 
_refine_ls_restr.type 
_refine_ls_restr.weight 
_refine_ls_restr.pdbx_restraint_function 
'X-RAY DIFFRACTION' ? 0.004 ? 1363 ? f_bond_d           ? ? 
'X-RAY DIFFRACTION' ? 0.743 ? 1832 ? f_angle_d          ? ? 
'X-RAY DIFFRACTION' ? 0.062 ? 198  ? f_chiral_restr     ? ? 
'X-RAY DIFFRACTION' ? 0.005 ? 231  ? f_plane_restr      ? ? 
'X-RAY DIFFRACTION' ? 2.323 ? 818  ? f_dihedral_angle_d ? ? 
# 
loop_
_refine_ls_shell.pdbx_refine_id 
_refine_ls_shell.d_res_high 
_refine_ls_shell.d_res_low 
_refine_ls_shell.number_reflns_all 
_refine_ls_shell.number_reflns_obs 
_refine_ls_shell.number_reflns_R_free 
_refine_ls_shell.number_reflns_R_work 
_refine_ls_shell.percent_reflns_obs 
_refine_ls_shell.percent_reflns_R_free 
_refine_ls_shell.R_factor_all 
_refine_ls_shell.R_factor_obs 
_refine_ls_shell.R_factor_R_free 
_refine_ls_shell.R_factor_R_free_error 
_refine_ls_shell.R_factor_R_work 
_refine_ls_shell.redundancy_reflns_all 
_refine_ls_shell.redundancy_reflns_obs 
_refine_ls_shell.wR_factor_all 
_refine_ls_shell.wR_factor_obs 
_refine_ls_shell.wR_factor_R_free 
_refine_ls_shell.wR_factor_R_work 
_refine_ls_shell.pdbx_R_complete 
_refine_ls_shell.pdbx_total_number_of_bins_used 
_refine_ls_shell.pdbx_phase_error 
_refine_ls_shell.pdbx_fsc_work 
_refine_ls_shell.pdbx_fsc_free 
'X-RAY DIFFRACTION' 1.0100 1.0215  . . 116 2489 74.0000  . . . 0.4432 0.0000 0.3822 . . . . . . . . . . . 
'X-RAY DIFFRACTION' 1.0215 1.0335  . . 160 2613 79.0000  . . . 0.3356 0.0000 0.3441 . . . . . . . . . . . 
'X-RAY DIFFRACTION' 1.0335 1.0461  . . 163 2745 84.0000  . . . 0.3255 0.0000 0.3376 . . . . . . . . . . . 
'X-RAY DIFFRACTION' 1.0461 1.0593  . . 178 2932 89.0000  . . . 0.3181 0.0000 0.3057 . . . . . . . . . . . 
'X-RAY DIFFRACTION' 1.0593 1.0733  . . 177 3145 94.0000  . . . 0.3008 0.0000 0.2919 . . . . . . . . . . . 
'X-RAY DIFFRACTION' 1.0733 1.0880  . . 165 3192 98.0000  . . . 0.3195 0.0000 0.2597 . . . . . . . . . . . 
'X-RAY DIFFRACTION' 1.0880 1.1035  . . 191 3268 100.0000 . . . 0.2493 0.0000 0.2360 . . . . . . . . . . . 
'X-RAY DIFFRACTION' 1.1035 1.1200  . . 160 3355 100.0000 . . . 0.2342 0.0000 0.2271 . . . . . . . . . . . 
'X-RAY DIFFRACTION' 1.1200 1.1375  . . 172 3296 100.0000 . . . 0.2285 0.0000 0.2141 . . . . . . . . . . . 
'X-RAY DIFFRACTION' 1.1375 1.1562  . . 184 3368 100.0000 . . . 0.2210 0.0000 0.2139 . . . . . . . . . . . 
'X-RAY DIFFRACTION' 1.1562 1.1761  . . 216 3266 100.0000 . . . 0.1918 0.0000 0.2096 . . . . . . . . . . . 
'X-RAY DIFFRACTION' 1.1761 1.1975  . . 167 3314 100.0000 . . . 0.2031 0.0000 0.1999 . . . . . . . . . . . 
'X-RAY DIFFRACTION' 1.1975 1.2205  . . 154 3336 100.0000 . . . 0.2215 0.0000 0.1999 . . . . . . . . . . . 
'X-RAY DIFFRACTION' 1.2205 1.2454  . . 171 3334 100.0000 . . . 0.2262 0.0000 0.1983 . . . . . . . . . . . 
'X-RAY DIFFRACTION' 1.2454 1.2725  . . 181 3330 100.0000 . . . 0.2052 0.0000 0.2014 . . . . . . . . . . . 
'X-RAY DIFFRACTION' 1.2725 1.3021  . . 196 3333 100.0000 . . . 0.2168 0.0000 0.1983 . . . . . . . . . . . 
'X-RAY DIFFRACTION' 1.3021 1.3347  . . 153 3373 100.0000 . . . 0.1664 0.0000 0.1975 . . . . . . . . . . . 
'X-RAY DIFFRACTION' 1.3347 1.3708  . . 169 3311 100.0000 . . . 0.2118 0.0000 0.1940 . . . . . . . . . . . 
'X-RAY DIFFRACTION' 1.3708 1.4111  . . 179 3303 100.0000 . . . 0.2070 0.0000 0.1987 . . . . . . . . . . . 
'X-RAY DIFFRACTION' 1.4111 1.4567  . . 154 3384 100.0000 . . . 0.2182 0.0000 0.1943 . . . . . . . . . . . 
'X-RAY DIFFRACTION' 1.4567 1.5087  . . 207 3320 100.0000 . . . 0.2161 0.0000 0.1883 . . . . . . . . . . . 
'X-RAY DIFFRACTION' 1.5087 1.5691  . . 171 3348 100.0000 . . . 0.1923 0.0000 0.1848 . . . . . . . . . . . 
'X-RAY DIFFRACTION' 1.5691 1.6406  . . 195 3350 100.0000 . . . 0.1992 0.0000 0.1849 . . . . . . . . . . . 
'X-RAY DIFFRACTION' 1.6406 1.7271  . . 185 3345 100.0000 . . . 0.2350 0.0000 0.1937 . . . . . . . . . . . 
'X-RAY DIFFRACTION' 1.7271 1.8353  . . 173 3394 100.0000 . . . 0.2208 0.0000 0.1959 . . . . . . . . . . . 
'X-RAY DIFFRACTION' 1.8353 1.9770  . . 199 3344 100.0000 . . . 0.2243 0.0000 0.1965 . . . . . . . . . . . 
'X-RAY DIFFRACTION' 1.9770 2.1759  . . 167 3405 100.0000 . . . 0.1870 0.0000 0.1964 . . . . . . . . . . . 
'X-RAY DIFFRACTION' 2.1759 2.4908  . . 173 3432 100.0000 . . . 0.2067 0.0000 0.2007 . . . . . . . . . . . 
'X-RAY DIFFRACTION' 2.4908 3.1381  . . 187 3438 100.0000 . . . 0.2296 0.0000 0.2147 . . . . . . . . . . . 
'X-RAY DIFFRACTION' 3.1381 52.0290 . . 195 3594 100.0000 . . . 0.2185 0.0000 0.1976 . . . . . . . . . . . 
# 
_struct.entry_id                     7LOE 
_struct.title                        'T4 lysozyme mutant L99A in complex with 1-fluoranylnaphthalene' 
_struct.pdbx_model_details           ? 
_struct.pdbx_formula_weight          ? 
_struct.pdbx_formula_weight_method   ? 
_struct.pdbx_model_type_details      ? 
_struct.pdbx_CASP_flag               N 
# 
_struct_keywords.entry_id        7LOE 
_struct_keywords.text            'mutant, lysozyme, small molecule, L99A, complex, PROTEIN BINDING, HYDROLASE' 
_struct_keywords.pdbx_keywords   'PROTEIN BINDING,HYDROLASE' 
# 
loop_
_struct_asym.id 
_struct_asym.pdbx_blank_PDB_chainid_flag 
_struct_asym.pdbx_modified 
_struct_asym.entity_id 
_struct_asym.details 
A N N 1 ? 
B N N 2 ? 
C N N 3 ? 
D N N 4 ? 
E N N 5 ? 
# 
loop_
_struct_conf.conf_type_id 
_struct_conf.id 
_struct_conf.pdbx_PDB_helix_id 
_struct_conf.beg_label_comp_id 
_struct_conf.beg_label_asym_id 
_struct_conf.beg_label_seq_id 
_struct_conf.pdbx_beg_PDB_ins_code 
_struct_conf.end_label_comp_id 
_struct_conf.end_label_asym_id 
_struct_conf.end_label_seq_id 
_struct_conf.pdbx_end_PDB_ins_code 
_struct_conf.beg_auth_comp_id 
_struct_conf.beg_auth_asym_id 
_struct_conf.beg_auth_seq_id 
_struct_conf.end_auth_comp_id 
_struct_conf.end_auth_asym_id 
_struct_conf.end_auth_seq_id 
_struct_conf.pdbx_PDB_helix_class 
_struct_conf.details 
_struct_conf.pdbx_PDB_helix_length 
HELX_P HELX_P1  AA1 ASN A 2   ? GLY A 12  ? ASN A 2   GLY A 12  1 ? 11 
HELX_P HELX_P2  AA2 SER A 38  ? GLY A 51  ? SER A 38  GLY A 51  1 ? 14 
HELX_P HELX_P3  AA3 THR A 59  ? ASN A 81  ? THR A 59  ASN A 81  1 ? 23 
HELX_P HELX_P4  AA4 LYS A 83  ? LEU A 91  ? LYS A 83  LEU A 91  1 ? 9  
HELX_P HELX_P5  AA5 ASP A 92  ? VAL A 111 ? ASP A 92  VAL A 111 1 ? 20 
HELX_P HELX_P6  AA6 PHE A 114 ? GLN A 123 ? PHE A 114 GLN A 123 1 ? 10 
HELX_P HELX_P7  AA7 ARG A 125 ? LYS A 135 ? ARG A 125 LYS A 135 1 ? 11 
HELX_P HELX_P8  AA8 SER A 136 ? THR A 142 ? SER A 136 THR A 142 1 ? 7  
HELX_P HELX_P9  AA9 THR A 142 ? GLY A 156 ? THR A 142 GLY A 156 1 ? 15 
HELX_P HELX_P10 AB1 TRP A 158 ? ASN A 163 ? TRP A 158 ASN A 163 1 ? 6  
# 
_struct_conf_type.id          HELX_P 
_struct_conf_type.criteria    ? 
_struct_conf_type.reference   ? 
# 
_struct_sheet.id               AA1 
_struct_sheet.type             ? 
_struct_sheet.number_strands   3 
_struct_sheet.details          ? 
# 
loop_
_struct_sheet_order.sheet_id 
_struct_sheet_order.range_id_1 
_struct_sheet_order.range_id_2 
_struct_sheet_order.offset 
_struct_sheet_order.sense 
AA1 1 2 ? anti-parallel 
AA1 2 3 ? anti-parallel 
# 
loop_
_struct_sheet_range.sheet_id 
_struct_sheet_range.id 
_struct_sheet_range.beg_label_comp_id 
_struct_sheet_range.beg_label_asym_id 
_struct_sheet_range.beg_label_seq_id 
_struct_sheet_range.pdbx_beg_PDB_ins_code 
_struct_sheet_range.end_label_comp_id 
_struct_sheet_range.end_label_asym_id 
_struct_sheet_range.end_label_seq_id 
_struct_sheet_range.pdbx_end_PDB_ins_code 
_struct_sheet_range.beg_auth_comp_id 
_struct_sheet_range.beg_auth_asym_id 
_struct_sheet_range.beg_auth_seq_id 
_struct_sheet_range.end_auth_comp_id 
_struct_sheet_range.end_auth_asym_id 
_struct_sheet_range.end_auth_seq_id 
AA1 1 ARG A 14 ? LYS A 19 ? ARG A 14 LYS A 19 
AA1 2 TYR A 25 ? GLY A 28 ? TYR A 25 GLY A 28 
AA1 3 HIS A 31 ? THR A 34 ? HIS A 31 THR A 34 
# 
loop_
_pdbx_struct_sheet_hbond.sheet_id 
_pdbx_struct_sheet_hbond.range_id_1 
_pdbx_struct_sheet_hbond.range_id_2 
_pdbx_struct_sheet_hbond.range_1_label_atom_id 
_pdbx_struct_sheet_hbond.range_1_label_comp_id 
_pdbx_struct_sheet_hbond.range_1_label_asym_id 
_pdbx_struct_sheet_hbond.range_1_label_seq_id 
_pdbx_struct_sheet_hbond.range_1_PDB_ins_code 
_pdbx_struct_sheet_hbond.range_1_auth_atom_id 
_pdbx_struct_sheet_hbond.range_1_auth_comp_id 
_pdbx_struct_sheet_hbond.range_1_auth_asym_id 
_pdbx_struct_sheet_hbond.range_1_auth_seq_id 
_pdbx_struct_sheet_hbond.range_2_label_atom_id 
_pdbx_struct_sheet_hbond.range_2_label_comp_id 
_pdbx_struct_sheet_hbond.range_2_label_asym_id 
_pdbx_struct_sheet_hbond.range_2_label_seq_id 
_pdbx_struct_sheet_hbond.range_2_PDB_ins_code 
_pdbx_struct_sheet_hbond.range_2_auth_atom_id 
_pdbx_struct_sheet_hbond.range_2_auth_comp_id 
_pdbx_struct_sheet_hbond.range_2_auth_asym_id 
_pdbx_struct_sheet_hbond.range_2_auth_seq_id 
AA1 1 2 N TYR A 18 ? N TYR A 18 O THR A 26 ? O THR A 26 
AA1 2 3 N TYR A 25 ? N TYR A 25 O LEU A 33 ? O LEU A 33 
# 
loop_
_struct_site.id 
_struct_site.pdbx_evidence_code 
_struct_site.pdbx_auth_asym_id 
_struct_site.pdbx_auth_comp_id 
_struct_site.pdbx_auth_seq_id 
_struct_site.pdbx_auth_ins_code 
_struct_site.pdbx_num_residues 
_struct_site.details 
AC1 Software A Y84 201 ? 11 'binding site for residue Y84 A 201' 
AC2 Software A BME 202 ? 7  'binding site for residue BME A 202' 
AC3 Software A TRS 203 ? 4  'binding site for residue TRS A 203' 
# 
loop_
_struct_site_gen.id 
_struct_site_gen.site_id 
_struct_site_gen.pdbx_num_res 
_struct_site_gen.label_comp_id 
_struct_site_gen.label_asym_id 
_struct_site_gen.label_seq_id 
_struct_site_gen.pdbx_auth_ins_code 
_struct_site_gen.auth_comp_id 
_struct_site_gen.auth_asym_id 
_struct_site_gen.auth_seq_id 
_struct_site_gen.label_atom_id 
_struct_site_gen.label_alt_id 
_struct_site_gen.symmetry 
_struct_site_gen.details 
1  AC1 11 ILE A 78  ? ILE A 78  . ? 1_555 ? 
2  AC1 11 LEU A 84  ? LEU A 84  . ? 1_555 ? 
3  AC1 11 VAL A 87  ? VAL A 87  . ? 1_555 ? 
4  AC1 11 TYR A 88  ? TYR A 88  . ? 1_555 ? 
5  AC1 11 LEU A 91  ? LEU A 91  . ? 1_555 ? 
6  AC1 11 ALA A 99  ? ALA A 99  . ? 1_555 ? 
7  AC1 11 MET A 102 ? MET A 102 . ? 1_555 ? 
8  AC1 11 VAL A 103 ? VAL A 103 . ? 1_555 ? 
9  AC1 11 LEU A 118 ? LEU A 118 . ? 1_555 ? 
10 AC1 11 LEU A 121 ? LEU A 121 . ? 1_555 ? 
11 AC1 11 PHE A 153 ? PHE A 153 . ? 1_555 ? 
12 AC2 7  GLY A 30  ? GLY A 30  . ? 1_555 ? 
13 AC2 7  LEU A 32  ? LEU A 32  . ? 1_555 ? 
14 AC2 7  ASP A 70  ? ASP A 70  . ? 1_555 ? 
15 AC2 7  PHE A 104 ? PHE A 104 . ? 1_555 ? 
16 AC2 7  TRS D .   ? TRS A 203 . ? 1_555 ? 
17 AC2 7  HOH E .   ? HOH A 363 . ? 1_555 ? 
18 AC2 7  HOH E .   ? HOH A 379 . ? 1_555 ? 
19 AC3 4  GLU A 11  ? GLU A 11  . ? 1_555 ? 
20 AC3 4  GLY A 30  ? GLY A 30  . ? 1_555 ? 
21 AC3 4  GLN A 105 ? GLN A 105 . ? 1_555 ? 
22 AC3 4  BME C .   ? BME A 202 . ? 1_555 ? 
# 
_atom_sites.entry_id                    7LOE 
_atom_sites.Cartn_transf_matrix[1][1]   ? 
_atom_sites.Cartn_transf_matrix[1][2]   ? 
_atom_sites.Cartn_transf_matrix[1][3]   ? 
_atom_sites.Cartn_transf_matrix[2][1]   ? 
_atom_sites.Cartn_transf_matrix[2][2]   ? 
_atom_sites.Cartn_transf_matrix[2][3]   ? 
_atom_sites.Cartn_transf_matrix[3][1]   ? 
_atom_sites.Cartn_transf_matrix[3][2]   ? 
_atom_sites.Cartn_transf_matrix[3][3]   ? 
_atom_sites.Cartn_transf_vector[1]      ? 
_atom_sites.Cartn_transf_vector[2]      ? 
_atom_sites.Cartn_transf_vector[3]      ? 
_atom_sites.fract_transf_matrix[1][1]   0.01526697 
_atom_sites.fract_transf_matrix[1][2]   0.00701392 
_atom_sites.fract_transf_matrix[1][3]   -0.00933449 
_atom_sites.fract_transf_matrix[2][1]   0.00585543 
_atom_sites.fract_transf_matrix[2][2]   0.01800330 
_atom_sites.fract_transf_matrix[2][3]   0.00331718 
_atom_sites.fract_transf_matrix[3][1]   0.00621227 
_atom_sites.fract_transf_matrix[3][2]   -0.00341921 
_atom_sites.fract_transf_matrix[3][3]   0.00759126 
_atom_sites.fract_transf_vector[1]      0.313733 
_atom_sites.fract_transf_vector[2]      -0.463102 
_atom_sites.fract_transf_vector[3]      0.065411 
_atom_sites.solution_primary            ? 
_atom_sites.solution_secondary          ? 
_atom_sites.solution_hydrogens          ? 
_atom_sites.special_details             ? 
# 
loop_
_atom_type.symbol 
C 
F 
N 
O 
S 
# 
loop_
_atom_site.group_PDB 
_atom_site.id 
_atom_site.type_symbol 
_atom_site.label_atom_id 
_atom_site.label_alt_id 
_atom_site.label_comp_id 
_atom_site.label_asym_id 
_atom_site.label_entity_id 
_atom_site.label_seq_id 
_atom_site.pdbx_PDB_ins_code 
_atom_site.Cartn_x 
_atom_site.Cartn_y 
_atom_site.Cartn_z 
_atom_site.occupancy 
_atom_site.B_iso_or_equiv 
_atom_site.pdbx_formal_charge 
_atom_site.auth_seq_id 
_atom_site.auth_comp_id 
_atom_site.auth_asym_id 
_atom_site.auth_atom_id 
_atom_site.pdbx_PDB_model_num 
ATOM   1    N N   A MET A 1 1   ? 2.213   -15.101 -7.604  0.47 14.48 ? 1   MET A N   1 
ATOM   2    N N   B MET A 1 1   ? 1.712   -14.987 -8.079  0.53 18.31 ? 1   MET A N   1 
ATOM   3    C CA  A MET A 1 1   ? 1.928   -13.870 -6.877  0.47 14.84 ? 1   MET A CA  1 
ATOM   4    C CA  B MET A 1 1   ? 1.870   -13.920 -7.099  0.53 16.74 ? 1   MET A CA  1 
ATOM   5    C C   A MET A 1 1   ? 2.585   -12.648 -7.533  0.47 12.39 ? 1   MET A C   1 
ATOM   6    C C   B MET A 1 1   ? 2.501   -12.677 -7.714  0.53 13.20 ? 1   MET A C   1 
ATOM   7    O O   A MET A 1 1   ? 3.671   -12.727 -8.111  0.47 12.87 ? 1   MET A O   1 
ATOM   8    O O   B MET A 1 1   ? 3.515   -12.763 -8.413  0.53 11.73 ? 1   MET A O   1 
ATOM   9    C CB  A MET A 1 1   ? 2.301   -13.997 -5.397  0.47 16.53 ? 1   MET A CB  1 
ATOM   10   C CB  B MET A 1 1   ? 2.682   -14.417 -5.913  0.53 18.37 ? 1   MET A CB  1 
ATOM   11   C CG  A MET A 1 1   ? 1.402   -13.188 -4.476  0.47 11.04 ? 1   MET A CG  1 
ATOM   12   C CG  B MET A 1 1   ? 1.899   -15.358 -5.040  0.53 18.81 ? 1   MET A CG  1 
ATOM   13   S SD  A MET A 1 1   ? -0.010  -14.119 -3.844  0.47 20.74 ? 1   MET A SD  1 
ATOM   14   S SD  B MET A 1 1   ? 1.479   -14.615 -3.463  0.53 12.79 ? 1   MET A SD  1 
ATOM   15   C CE  A MET A 1 1   ? 0.745   -15.707 -3.510  0.47 18.86 ? 1   MET A CE  1 
ATOM   16   C CE  B MET A 1 1   ? 0.549   -13.147 -3.914  0.53 16.58 ? 1   MET A CE  1 
ATOM   17   N N   . ASN A 1 2   ? 1.870   -11.530 -7.466  1.00 11.21 ? 2   ASN A N   1 
ATOM   18   C CA  . ASN A 1 2   ? 2.292   -10.257 -8.033  1.00 10.83 ? 2   ASN A CA  1 
ATOM   19   C C   . ASN A 1 2   ? 1.732   -9.172  -7.122  1.00 9.62  ? 2   ASN A C   1 
ATOM   20   O O   . ASN A 1 2   ? 0.983   -9.456  -6.185  1.00 9.72  ? 2   ASN A O   1 
ATOM   21   C CB  . ASN A 1 2   ? 1.819   -10.124 -9.489  1.00 11.53 ? 2   ASN A CB  1 
ATOM   22   C CG  . ASN A 1 2   ? 0.305   -10.181 -9.617  1.00 10.65 ? 2   ASN A CG  1 
ATOM   23   O OD1 . ASN A 1 2   ? -0.400  -9.404  -8.978  1.00 10.90 ? 2   ASN A OD1 1 
ATOM   24   N ND2 . ASN A 1 2   ? -0.201  -11.092 -10.449 1.00 11.76 ? 2   ASN A ND2 1 
ATOM   25   N N   . ILE A 1 3   ? 2.081   -7.919  -7.411  1.00 9.36  ? 3   ILE A N   1 
ATOM   26   C CA  . ILE A 1 3   ? 1.694   -6.819  -6.529  1.00 9.47  ? 3   ILE A CA  1 
ATOM   27   C C   . ILE A 1 3   ? 0.177   -6.699  -6.413  1.00 8.81  ? 3   ILE A C   1 
ATOM   28   O O   . ILE A 1 3   ? -0.358  -6.332  -5.358  1.00 9.48  ? 3   ILE A O   1 
ATOM   29   C CB  . ILE A 1 3   ? 2.358   -5.498  -6.969  1.00 9.62  ? 3   ILE A CB  1 
ATOM   30   C CG1 . ILE A 1 3   ? 1.990   -4.352  -6.019  1.00 10.59 ? 3   ILE A CG1 1 
ATOM   31   C CG2 . ILE A 1 3   ? 1.989   -5.136  -8.406  1.00 10.98 ? 3   ILE A CG2 1 
ATOM   32   C CD1 . ILE A 1 3   ? 2.337   -4.587  -4.561  1.00 9.93  ? 3   ILE A CD1 1 
ATOM   33   N N   . PHE A 1 4   ? -0.547  -6.962  -7.505  1.00 9.41  ? 4   PHE A N   1 
ATOM   34   C CA  . PHE A 1 4   ? -2.002  -6.850  -7.460  1.00 9.72  ? 4   PHE A CA  1 
ATOM   35   C C   . PHE A 1 4   ? -2.605  -7.892  -6.527  1.00 9.74  ? 4   PHE A C   1 
ATOM   36   O O   . PHE A 1 4   ? -3.462  -7.572  -5.699  1.00 10.34 ? 4   PHE A O   1 
ATOM   37   C CB  . PHE A 1 4   ? -2.590  -6.943  -8.864  1.00 10.28 ? 4   PHE A CB  1 
ATOM   38   C CG  . PHE A 1 4   ? -2.160  -5.817  -9.760  1.00 10.41 ? 4   PHE A CG  1 
ATOM   39   C CD1 . PHE A 1 4   ? -2.804  -4.595  -9.727  1.00 14.21 ? 4   PHE A CD1 1 
ATOM   40   C CD2 . PHE A 1 4   ? -1.082  -5.970  -10.604 1.00 12.06 ? 4   PHE A CD2 1 
ATOM   41   C CE1 . PHE A 1 4   ? -2.387  -3.554  -10.547 1.00 15.52 ? 4   PHE A CE1 1 
ATOM   42   C CE2 . PHE A 1 4   ? -0.662  -4.939  -11.415 1.00 14.68 ? 4   PHE A CE2 1 
ATOM   43   C CZ  . PHE A 1 4   ? -1.317  -3.729  -11.386 1.00 15.10 ? 4   PHE A CZ  1 
ATOM   44   N N   . GLU A 1 5   ? -2.167  -9.149  -6.647  1.00 10.24 ? 5   GLU A N   1 
ATOM   45   C CA  . GLU A 1 5   ? -2.684  -10.190 -5.760  1.00 11.35 ? 5   GLU A CA  1 
ATOM   46   C C   . GLU A 1 5   ? -2.311  -9.909  -4.311  1.00 9.98  ? 5   GLU A C   1 
ATOM   47   O O   . GLU A 1 5   ? -3.118  -10.118 -3.397  1.00 10.55 ? 5   GLU A O   1 
ATOM   48   C CB  . GLU A 1 5   ? -2.161  -11.566 -6.183  1.00 11.81 ? 5   GLU A CB  1 
ATOM   49   C CG  . GLU A 1 5   ? -2.675  -12.068 -7.515  1.00 15.63 ? 5   GLU A CG  1 
ATOM   50   C CD  . GLU A 1 5   ? -2.157  -13.457 -7.858  1.00 22.40 ? 5   GLU A CD  1 
ATOM   51   O OE1 . GLU A 1 5   ? -1.539  -14.105 -6.983  1.00 26.35 ? 5   GLU A OE1 1 
ATOM   52   O OE2 . GLU A 1 5   ? -2.370  -13.903 -9.004  1.00 28.07 ? 5   GLU A OE2 1 
ATOM   53   N N   . MET A 1 6   ? -1.082  -9.443  -4.086  1.00 10.09 ? 6   MET A N   1 
ATOM   54   C CA  . MET A 1 6   ? -0.608  -9.157  -2.737  1.00 9.39  ? 6   MET A CA  1 
ATOM   55   C C   . MET A 1 6   ? -1.467  -8.086  -2.079  1.00 9.67  ? 6   MET A C   1 
ATOM   56   O O   . MET A 1 6   ? -1.969  -8.264  -0.962  1.00 9.73  ? 6   MET A O   1 
ATOM   57   C CB  . MET A 1 6   ? 0.845   -8.704  -2.829  1.00 9.93  ? 6   MET A CB  1 
ATOM   58   C CG  . MET A 1 6   ? 1.492   -8.439  -1.502  1.00 9.50  ? 6   MET A CG  1 
ATOM   59   S SD  . MET A 1 6   ? 2.967   -7.417  -1.740  1.00 9.64  ? 6   MET A SD  1 
ATOM   60   C CE  . MET A 1 6   ? 3.944   -7.826  -0.282  1.00 10.75 ? 6   MET A CE  1 
ATOM   61   N N   . LEU A 1 7   ? -1.670  -6.965  -2.777  1.00 9.55  ? 7   LEU A N   1 
ATOM   62   C CA  . LEU A 1 7   ? -2.458  -5.889  -2.195  1.00 9.68  ? 7   LEU A CA  1 
ATOM   63   C C   . LEU A 1 7   ? -3.938  -6.248  -2.125  1.00 10.23 ? 7   LEU A C   1 
ATOM   64   O O   . LEU A 1 7   ? -4.636  -5.793  -1.214  1.00 10.77 ? 7   LEU A O   1 
ATOM   65   C CB  . LEU A 1 7   ? -2.227  -4.586  -2.962  1.00 9.71  ? 7   LEU A CB  1 
ATOM   66   C CG  . LEU A 1 7   ? -0.985  -3.804  -2.519  1.00 9.95  ? 7   LEU A CG  1 
ATOM   67   C CD1 . LEU A 1 7   ? -0.643  -2.728  -3.535  1.00 10.33 ? 7   LEU A CD1 1 
ATOM   68   C CD2 . LEU A 1 7   ? -1.193  -3.190  -1.131  1.00 9.91  ? 7   LEU A CD2 1 
ATOM   69   N N   . ARG A 1 8   ? -4.441  -7.054  -3.063  1.00 10.50 ? 8   ARG A N   1 
ATOM   70   C CA  . ARG A 1 8   ? -5.825  -7.505  -2.955  1.00 11.65 ? 8   ARG A CA  1 
ATOM   71   C C   . ARG A 1 8   ? -6.032  -8.313  -1.678  1.00 11.37 ? 8   ARG A C   1 
ATOM   72   O O   . ARG A 1 8   ? -7.062  -8.181  -1.006  1.00 12.27 ? 8   ARG A O   1 
ATOM   73   C CB  . ARG A 1 8   ? -6.203  -8.318  -4.193  1.00 11.89 ? 8   ARG A CB  1 
ATOM   74   C CG  . ARG A 1 8   ? -7.549  -9.025  -4.122  1.00 14.29 ? 8   ARG A CG  1 
ATOM   75   C CD  . ARG A 1 8   ? -8.724  -8.066  -3.977  1.00 14.84 ? 8   ARG A CD  1 
ATOM   76   N NE  . ARG A 1 8   ? -9.985  -8.801  -3.895  1.00 18.50 ? 8   ARG A NE  1 
ATOM   77   C CZ  . ARG A 1 8   ? -10.431 -9.398  -2.795  1.00 19.27 ? 8   ARG A CZ  1 
ATOM   78   N NH1 . ARG A 1 8   ? -9.724  -9.349  -1.676  1.00 19.69 ? 8   ARG A NH1 1 
ATOM   79   N NH2 . ARG A 1 8   ? -11.588 -10.051 -2.812  1.00 23.42 ? 8   ARG A NH2 1 
ATOM   80   N N   . ILE A 1 9   ? -5.053  -9.144  -1.318  1.00 11.70 ? 9   ILE A N   1 
ATOM   81   C CA  . ILE A 1 9   ? -5.123  -9.880  -0.056  1.00 11.74 ? 9   ILE A CA  1 
ATOM   82   C C   . ILE A 1 9   ? -5.105  -8.918  1.121   1.00 11.14 ? 9   ILE A C   1 
ATOM   83   O O   . ILE A 1 9   ? -5.915  -9.025  2.048   1.00 12.56 ? 9   ILE A O   1 
ATOM   84   C CB  . ILE A 1 9   ? -3.979  -10.906 0.031   1.00 12.35 ? 9   ILE A CB  1 
ATOM   85   C CG1 . ILE A 1 9   ? -4.232  -12.069 -0.930  1.00 13.78 ? 9   ILE A CG1 1 
ATOM   86   C CG2 . ILE A 1 9   ? -3.789  -11.393 1.472   1.00 13.98 ? 9   ILE A CG2 1 
ATOM   87   C CD1 . ILE A 1 9   ? -3.003  -12.912 -1.208  1.00 15.01 ? 9   ILE A CD1 1 
ATOM   88   N N   . ASP A 1 10  ? -4.175  -7.965  1.102   1.00 9.96  ? 10  ASP A N   1 
ATOM   89   C CA  . ASP A 1 10  ? -4.008  -7.079  2.247   1.00 9.76  ? 10  ASP A CA  1 
ATOM   90   C C   . ASP A 1 10  ? -5.162  -6.095  2.394   1.00 9.92  ? 10  ASP A C   1 
ATOM   91   O O   . ASP A 1 10  ? -5.485  -5.699  3.518   1.00 11.92 ? 10  ASP A O   1 
ATOM   92   C CB  . ASP A 1 10  ? -2.683  -6.325  2.145   1.00 10.05 ? 10  ASP A CB  1 
ATOM   93   C CG  . ASP A 1 10  ? -1.486  -7.195  2.470   1.00 9.88  ? 10  ASP A CG  1 
ATOM   94   O OD1 . ASP A 1 10  ? -1.645  -8.174  3.237   1.00 10.10 ? 10  ASP A OD1 1 
ATOM   95   O OD2 . ASP A 1 10  ? -0.386  -6.895  1.955   1.00 10.66 ? 10  ASP A OD2 1 
ATOM   96   N N   . GLU A 1 11  ? -5.782  -5.682  1.291   1.00 9.65  ? 11  GLU A N   1 
ATOM   97   C CA  . GLU A 1 11  ? -6.798  -4.637  1.346   1.00 9.98  ? 11  GLU A CA  1 
ATOM   98   C C   . GLU A 1 11  ? -8.230  -5.154  1.281   1.00 10.52 ? 11  GLU A C   1 
ATOM   99   O O   . GLU A 1 11  ? -9.153  -4.435  1.691   1.00 12.24 ? 11  GLU A O   1 
ATOM   100  C CB  . GLU A 1 11  ? -6.593  -3.626  0.209   1.00 10.84 ? 11  GLU A CB  1 
ATOM   101  C CG  . GLU A 1 11  ? -5.241  -2.935  0.221   1.00 10.64 ? 11  GLU A CG  1 
ATOM   102  C CD  . GLU A 1 11  ? -5.087  -1.928  1.347   1.00 10.78 ? 11  GLU A CD  1 
ATOM   103  O OE1 . GLU A 1 11  ? -6.110  -1.512  1.953   1.00 12.63 ? 11  GLU A OE1 1 
ATOM   104  O OE2 . GLU A 1 11  ? -3.928  -1.554  1.632   1.00 12.99 ? 11  GLU A OE2 1 
ATOM   105  N N   . GLY A 1 12  ? -8.444  -6.359  0.779   1.00 10.66 ? 12  GLY A N   1 
ATOM   106  C CA  . GLY A 1 12  ? -9.792  -6.848  0.572   1.00 11.95 ? 12  GLY A CA  1 
ATOM   107  C C   . GLY A 1 12  ? -10.481 -6.126  -0.578  1.00 11.03 ? 12  GLY A C   1 
ATOM   108  O O   . GLY A 1 12  ? -9.877  -5.378  -1.344  1.00 11.97 ? 12  GLY A O   1 
ATOM   109  N N   . LEU A 1 13  ? -11.788 -6.360  -0.677  1.00 11.81 ? 13  LEU A N   1 
ATOM   110  C CA  . LEU A 1 13  ? -12.613 -5.723  -1.698  1.00 12.74 ? 13  LEU A CA  1 
ATOM   111  C C   . LEU A 1 13  ? -13.971 -5.415  -1.096  1.00 13.63 ? 13  LEU A C   1 
ATOM   112  O O   . LEU A 1 13  ? -14.675 -6.331  -0.656  1.00 14.41 ? 13  LEU A O   1 
ATOM   113  C CB  . LEU A 1 13  ? -12.778 -6.632  -2.919  1.00 15.17 ? 13  LEU A CB  1 
ATOM   114  C CG  . LEU A 1 13  ? -13.800 -6.184  -3.966  1.00 16.33 ? 13  LEU A CG  1 
ATOM   115  C CD1 . LEU A 1 13  ? -13.380 -4.864  -4.593  1.00 15.34 ? 13  LEU A CD1 1 
ATOM   116  C CD2 . LEU A 1 13  ? -13.995 -7.257  -5.031  1.00 18.83 ? 13  LEU A CD2 1 
ATOM   117  N N   . ARG A 1 14  ? -14.338 -4.135  -1.079  1.00 12.47 ? 14  ARG A N   1 
ATOM   118  C CA  . ARG A 1 14  ? -15.649 -3.692  -0.622  1.00 13.07 ? 14  ARG A CA  1 
ATOM   119  C C   . ARG A 1 14  ? -16.207 -2.696  -1.629  1.00 12.45 ? 14  ARG A C   1 
ATOM   120  O O   . ARG A 1 14  ? -15.502 -1.777  -2.055  1.00 13.37 ? 14  ARG A O   1 
ATOM   121  C CB  . ARG A 1 14  ? -15.560 -3.065  0.773   1.00 14.98 ? 14  ARG A CB  1 
ATOM   122  C CG  . ARG A 1 14  ? -15.148 -4.064  1.839   1.00 18.36 ? 14  ARG A CG  1 
ATOM   123  C CD  . ARG A 1 14  ? -14.947 -3.417  3.203   1.00 20.92 ? 14  ARG A CD  1 
ATOM   124  N NE  . ARG A 1 14  ? -16.201 -3.295  3.943   1.00 26.67 ? 14  ARG A NE  1 
ATOM   125  C CZ  . ARG A 1 14  ? -16.290 -2.889  5.207   1.00 27.99 ? 14  ARG A CZ  1 
ATOM   126  N NH1 . ARG A 1 14  ? -15.197 -2.569  5.886   1.00 24.82 ? 14  ARG A NH1 1 
ATOM   127  N NH2 . ARG A 1 14  ? -17.477 -2.809  5.797   1.00 31.77 ? 14  ARG A NH2 1 
ATOM   128  N N   . LEU A 1 15  ? -17.468 -2.878  -2.014  1.00 11.59 ? 15  LEU A N   1 
ATOM   129  C CA  . LEU A 1 15  ? -18.056 -2.080  -3.079  1.00 12.73 ? 15  LEU A CA  1 
ATOM   130  C C   . LEU A 1 15  ? -18.819 -0.861  -2.573  1.00 11.89 ? 15  LEU A C   1 
ATOM   131  O O   . LEU A 1 15  ? -19.288 -0.062  -3.391  1.00 13.59 ? 15  LEU A O   1 
ATOM   132  C CB  . LEU A 1 15  ? -18.961 -2.952  -3.949  1.00 13.84 ? 15  LEU A CB  1 
ATOM   133  C CG  . LEU A 1 15  ? -18.256 -4.134  -4.611  1.00 15.28 ? 15  LEU A CG  1 
ATOM   134  C CD1 . LEU A 1 15  ? -19.219 -4.843  -5.547  1.00 18.56 ? 15  LEU A CD1 1 
ATOM   135  C CD2 . LEU A 1 15  ? -17.010 -3.686  -5.361  1.00 16.10 ? 15  LEU A CD2 1 
ATOM   136  N N   . LYS A 1 16  ? -18.951 -0.696  -1.261  1.00 12.71 ? 16  LYS A N   1 
ATOM   137  C CA  . LYS A 1 16  ? -19.566 0.479   -0.664  1.00 12.89 ? 16  LYS A CA  1 
ATOM   138  C C   . LYS A 1 16  ? -18.538 1.181   0.208   1.00 10.76 ? 16  LYS A C   1 
ATOM   139  O O   . LYS A 1 16  ? -17.626 0.545   0.749   1.00 11.78 ? 16  LYS A O   1 
ATOM   140  C CB  . LYS A 1 16  ? -20.776 0.090   0.187   1.00 15.65 ? 16  LYS A CB  1 
ATOM   141  C CG  . LYS A 1 16  ? -21.696 -0.896  -0.498  1.00 21.79 ? 16  LYS A CG  1 
ATOM   142  C CD  . LYS A 1 16  ? -22.890 -1.255  0.368   1.00 25.65 ? 16  LYS A CD  1 
ATOM   143  C CE  . LYS A 1 16  ? -24.082 -1.645  -0.494  1.00 26.11 ? 16  LYS A CE  1 
ATOM   144  N NZ  . LYS A 1 16  ? -25.038 -0.520  -0.659  1.00 25.41 ? 16  LYS A NZ  1 
ATOM   145  N N   . ILE A 1 17  ? -18.700 2.495   0.369   1.00 11.74 ? 17  ILE A N   1 
ATOM   146  C CA  . ILE A 1 17  ? -17.781 3.268   1.199   1.00 10.88 ? 17  ILE A CA  1 
ATOM   147  C C   . ILE A 1 17  ? -17.666 2.627   2.568   1.00 10.46 ? 17  ILE A C   1 
ATOM   148  O O   . ILE A 1 17  ? -18.670 2.263   3.192   1.00 12.61 ? 17  ILE A O   1 
ATOM   149  C CB  . ILE A 1 17  ? -18.259 4.727   1.297   1.00 12.13 ? 17  ILE A CB  1 
ATOM   150  C CG1 . ILE A 1 17  ? -18.120 5.421   -0.057  1.00 12.09 ? 17  ILE A CG1 1 
ATOM   151  C CG2 . ILE A 1 17  ? -17.479 5.477   2.380   1.00 13.14 ? 17  ILE A CG2 1 
ATOM   152  C CD1 . ILE A 1 17  ? -18.595 6.860   -0.065  1.00 13.73 ? 17  ILE A CD1 1 
ATOM   153  N N   . TYR A 1 18  ? -16.432 2.472   3.027   1.00 10.18 ? 18  TYR A N   1 
ATOM   154  C CA  . TYR A 1 18  ? -16.122 1.920   4.330   1.00 12.10 ? 18  TYR A CA  1 
ATOM   155  C C   . TYR A 1 18  ? -15.067 2.804   4.973   1.00 11.41 ? 18  TYR A C   1 
ATOM   156  O O   . TYR A 1 18  ? -14.598 3.777   4.374   1.00 12.55 ? 18  TYR A O   1 
ATOM   157  C CB  . TYR A 1 18  ? -15.671 0.452   4.239   1.00 13.19 ? 18  TYR A CB  1 
ATOM   158  C CG  . TYR A 1 18  ? -14.380 0.177   3.480   1.00 11.50 ? 18  TYR A CG  1 
ATOM   159  C CD1 . TYR A 1 18  ? -14.368 0.062   2.097   1.00 13.06 ? 18  TYR A CD1 1 
ATOM   160  C CD2 . TYR A 1 18  ? -13.182 -0.019  4.152   1.00 12.39 ? 18  TYR A CD2 1 
ATOM   161  C CE1 . TYR A 1 18  ? -13.198 -0.220  1.401   1.00 11.60 ? 18  TYR A CE1 1 
ATOM   162  C CE2 . TYR A 1 18  ? -12.007 -0.291  3.457   1.00 12.25 ? 18  TYR A CE2 1 
ATOM   163  C CZ  . TYR A 1 18  ? -12.022 -0.401  2.087   1.00 12.21 ? 18  TYR A CZ  1 
ATOM   164  O OH  . TYR A 1 18  ? -10.863 -0.681  1.395   1.00 12.28 ? 18  TYR A OH  1 
ATOM   165  N N   . LYS A 1 19  ? -14.685 2.476   6.197   1.00 13.05 ? 19  LYS A N   1 
ATOM   166  C CA  . LYS A 1 19  ? -13.609 3.190   6.868   1.00 13.91 ? 19  LYS A CA  1 
ATOM   167  C C   . LYS A 1 19  ? -12.390 2.289   6.963   1.00 12.70 ? 19  LYS A C   1 
ATOM   168  O O   . LYS A 1 19  ? -12.512 1.093   7.256   1.00 14.03 ? 19  LYS A O   1 
ATOM   169  C CB  . LYS A 1 19  ? -14.027 3.654   8.262   1.00 14.72 ? 19  LYS A CB  1 
ATOM   170  C CG  . LYS A 1 19  ? -14.958 4.851   8.244   1.00 15.47 ? 19  LYS A CG  1 
ATOM   171  C CD  . LYS A 1 19  ? -15.303 5.285   9.653   1.00 16.06 ? 19  LYS A CD  1 
ATOM   172  C CE  . LYS A 1 19  ? -16.258 6.456   9.665   1.00 17.16 ? 19  LYS A CE  1 
ATOM   173  N NZ  . LYS A 1 19  ? -16.520 6.887   11.066  1.00 17.94 ? 19  LYS A NZ  1 
ATOM   174  N N   . ASP A 1 20  ? -11.224 2.854   6.678   1.00 12.58 ? 20  ASP A N   1 
ATOM   175  C CA  . ASP A 1 20  ? -9.985  2.095   6.769   1.00 13.02 ? 20  ASP A CA  1 
ATOM   176  C C   . ASP A 1 20  ? -9.589  1.918   8.231   1.00 10.98 ? 20  ASP A C   1 
ATOM   177  O O   . ASP A 1 20  ? -10.314 2.304   9.149   1.00 11.76 ? 20  ASP A O   1 
ATOM   178  C CB  . ASP A 1 20  ? -8.905  2.695   5.867   1.00 13.14 ? 20  ASP A CB  1 
ATOM   179  C CG  . ASP A 1 20  ? -8.322  4.002   6.399   1.00 11.77 ? 20  ASP A CG  1 
ATOM   180  O OD1 . ASP A 1 20  ? -8.679  4.445   7.510   1.00 11.78 ? 20  ASP A OD1 1 
ATOM   181  O OD2 . ASP A 1 20  ? -7.504  4.610   5.669   1.00 14.97 ? 20  ASP A OD2 1 
ATOM   182  N N   . THR A 1 21  ? -8.410  1.340   8.460   1.00 11.76 ? 21  THR A N   1 
ATOM   183  C CA  . THR A 1 21  ? -7.965  1.081   9.821   1.00 11.56 ? 21  THR A CA  1 
ATOM   184  C C   . THR A 1 21  ? -7.719  2.358   10.613  1.00 11.71 ? 21  THR A C   1 
ATOM   185  O O   . THR A 1 21  ? -7.657  2.300   11.848  1.00 13.61 ? 21  THR A O   1 
ATOM   186  C CB  . THR A 1 21  ? -6.709  0.197   9.811   1.00 14.63 ? 21  THR A CB  1 
ATOM   187  O OG1 . THR A 1 21  ? -5.627  0.896   9.185   1.00 17.91 ? 21  THR A OG1 1 
ATOM   188  C CG2 . THR A 1 21  ? -6.962  -1.103  9.057   1.00 17.65 ? 21  THR A CG2 1 
ATOM   189  N N   . GLU A 1 22  ? -7.549  3.494   9.940   1.00 11.99 ? 22  GLU A N   1 
ATOM   190  C CA  . GLU A 1 22  ? -7.355  4.784   10.584  1.00 12.95 ? 22  GLU A CA  1 
ATOM   191  C C   . GLU A 1 22  ? -8.657  5.554   10.745  1.00 12.81 ? 22  GLU A C   1 
ATOM   192  O O   . GLU A 1 22  ? -8.640  6.663   11.287  1.00 15.39 ? 22  GLU A O   1 
ATOM   193  C CB  . GLU A 1 22  ? -6.353  5.635   9.792   1.00 13.56 ? 22  GLU A CB  1 
ATOM   194  C CG  . GLU A 1 22  ? -4.981  4.987   9.581   1.00 16.50 ? 22  GLU A CG  1 
ATOM   195  C CD  . GLU A 1 22  ? -4.100  4.998   10.822  1.00 17.19 ? 22  GLU A CD  1 
ATOM   196  O OE1 . GLU A 1 22  ? -4.465  5.642   11.824  1.00 17.19 ? 22  GLU A OE1 1 
ATOM   197  O OE2 . GLU A 1 22  ? -3.031  4.352   10.789  1.00 20.88 ? 22  GLU A OE2 1 
ATOM   198  N N   . GLY A 1 23  ? -9.776  5.003   10.283  1.00 12.72 ? 23  GLY A N   1 
ATOM   199  C CA  . GLY A 1 23  ? -11.059 5.667   10.370  1.00 13.66 ? 23  GLY A CA  1 
ATOM   200  C C   . GLY A 1 23  ? -11.428 6.535   9.187   1.00 12.00 ? 23  GLY A C   1 
ATOM   201  O O   . GLY A 1 23  ? -12.399 7.295   9.283   1.00 14.20 ? 23  GLY A O   1 
ATOM   202  N N   . TYR A 1 24  ? -10.707 6.438   8.071   1.00 10.88 ? 24  TYR A N   1 
ATOM   203  C CA  . TYR A 1 24  ? -10.903 7.325   6.931   1.00 11.51 ? 24  TYR A CA  1 
ATOM   204  C C   . TYR A 1 24  ? -11.744 6.655   5.856   1.00 9.88  ? 24  TYR A C   1 
ATOM   205  O O   . TYR A 1 24  ? -11.583 5.466   5.571   1.00 10.58 ? 24  TYR A O   1 
ATOM   206  C CB  . TYR A 1 24  ? -9.560  7.709   6.316   1.00 12.05 ? 24  TYR A CB  1 
ATOM   207  C CG  . TYR A 1 24  ? -8.665  8.517   7.224   1.00 13.29 ? 24  TYR A CG  1 
ATOM   208  C CD1 . TYR A 1 24  ? -9.172  9.576   7.964   1.00 15.98 ? 24  TYR A CD1 1 
ATOM   209  C CD2 . TYR A 1 24  ? -7.310  8.228   7.332   1.00 16.64 ? 24  TYR A CD2 1 
ATOM   210  C CE1 . TYR A 1 24  ? -8.352  10.326  8.790   1.00 19.68 ? 24  TYR A CE1 1 
ATOM   211  C CE2 . TYR A 1 24  ? -6.481  8.972   8.158   1.00 17.29 ? 24  TYR A CE2 1 
ATOM   212  C CZ  . TYR A 1 24  ? -7.011  10.017  8.882   1.00 18.23 ? 24  TYR A CZ  1 
ATOM   213  O OH  . TYR A 1 24  ? -6.189  10.760  9.703   1.00 22.26 ? 24  TYR A OH  1 
ATOM   214  N N   . TYR A 1 25  ? -12.620 7.437   5.232   1.00 10.42 ? 25  TYR A N   1 
ATOM   215  C CA  . TYR A 1 25  ? -13.491 6.913   4.186   1.00 10.35 ? 25  TYR A CA  1 
ATOM   216  C C   . TYR A 1 25  ? -12.686 6.391   3.001   1.00 9.59  ? 25  TYR A C   1 
ATOM   217  O O   . TYR A 1 25  ? -11.811 7.081   2.465   1.00 10.71 ? 25  TYR A O   1 
ATOM   218  C CB  . TYR A 1 25  ? -14.461 7.999   3.732   1.00 10.72 ? 25  TYR A CB  1 
ATOM   219  C CG  . TYR A 1 25  ? -15.498 8.341   4.773   1.00 11.79 ? 25  TYR A CG  1 
ATOM   220  C CD1 . TYR A 1 25  ? -16.340 7.365   5.289   1.00 12.36 ? 25  TYR A CD1 1 
ATOM   221  C CD2 . TYR A 1 25  ? -15.642 9.641   5.237   1.00 12.52 ? 25  TYR A CD2 1 
ATOM   222  C CE1 . TYR A 1 25  ? -17.294 7.675   6.244   1.00 14.72 ? 25  TYR A CE1 1 
ATOM   223  C CE2 . TYR A 1 25  ? -16.598 9.958   6.190   1.00 15.31 ? 25  TYR A CE2 1 
ATOM   224  C CZ  . TYR A 1 25  ? -17.417 8.973   6.687   1.00 14.69 ? 25  TYR A CZ  1 
ATOM   225  O OH  . TYR A 1 25  ? -18.369 9.291   7.637   1.00 19.37 ? 25  TYR A OH  1 
ATOM   226  N N   . THR A 1 26  ? -13.032 5.183   2.575   1.00 9.95  ? 26  THR A N   1 
ATOM   227  C CA  . THR A 1 26  ? -12.287 4.380   1.621   1.00 9.56  ? 26  THR A CA  1 
ATOM   228  C C   . THR A 1 26  ? -13.316 3.583   0.826   1.00 9.50  ? 26  THR A C   1 
ATOM   229  O O   . THR A 1 26  ? -14.460 3.430   1.256   1.00 10.21 ? 26  THR A O   1 
ATOM   230  C CB  . THR A 1 26  ? -11.349 3.447   2.415   1.00 10.40 ? 26  THR A CB  1 
ATOM   231  O OG1 . THR A 1 26  ? -10.510 4.238   3.264   1.00 10.63 ? 26  THR A OG1 1 
ATOM   232  C CG2 . THR A 1 26  ? -10.454 2.593   1.530   1.00 11.10 ? 26  THR A CG2 1 
ATOM   233  N N   . ILE A 1 27  ? -12.914 3.058   -0.332  1.00 10.02 ? 27  ILE A N   1 
ATOM   234  C CA  . ILE A 1 27  ? -13.780 2.162   -1.094  1.00 10.17 ? 27  ILE A CA  1 
ATOM   235  C C   . ILE A 1 27  ? -12.921 1.212   -1.913  1.00 9.40  ? 27  ILE A C   1 
ATOM   236  O O   . ILE A 1 27  ? -11.725 1.438   -2.120  1.00 9.80  ? 27  ILE A O   1 
ATOM   237  C CB  . ILE A 1 27  ? -14.763 2.950   -1.992  1.00 10.46 ? 27  ILE A CB  1 
ATOM   238  C CG1 . ILE A 1 27  ? -15.976 2.091   -2.416  1.00 11.46 ? 27  ILE A CG1 1 
ATOM   239  C CG2 . ILE A 1 27  ? -14.019 3.530   -3.182  1.00 12.84 ? 27  ILE A CG2 1 
ATOM   240  C CD1 . ILE A 1 27  ? -17.114 2.888   -3.013  1.00 11.93 ? 27  ILE A CD1 1 
ATOM   241  N N   . GLY A 1 28  ? -13.541 0.131   -2.368  1.00 10.07 ? 28  GLY A N   1 
ATOM   242  C CA  . GLY A 1 28  ? -12.885 -0.749  -3.317  1.00 10.01 ? 28  GLY A CA  1 
ATOM   243  C C   . GLY A 1 28  ? -11.799 -1.586  -2.669  1.00 9.96  ? 28  GLY A C   1 
ATOM   244  O O   . GLY A 1 28  ? -12.001 -2.198  -1.612  1.00 10.69 ? 28  GLY A O   1 
ATOM   245  N N   . ILE A 1 29  ? -10.642 -1.633  -3.331  1.00 9.78  ? 29  ILE A N   1 
ATOM   246  C CA  . ILE A 1 29  ? -9.461  -2.328  -2.840  1.00 9.49  ? 29  ILE A CA  1 
ATOM   247  C C   . ILE A 1 29  ? -8.556  -1.295  -2.174  1.00 9.58  ? 29  ILE A C   1 
ATOM   248  O O   . ILE A 1 29  ? -7.500  -0.924  -2.697  1.00 9.89  ? 29  ILE A O   1 
ATOM   249  C CB  . ILE A 1 29  ? -8.772  -3.103  -3.982  1.00 9.89  ? 29  ILE A CB  1 
ATOM   250  C CG1 . ILE A 1 29  ? -9.788  -4.009  -4.692  1.00 10.96 ? 29  ILE A CG1 1 
ATOM   251  C CG2 . ILE A 1 29  ? -7.610  -3.924  -3.459  1.00 10.67 ? 29  ILE A CG2 1 
ATOM   252  C CD1 . ILE A 1 29  ? -9.299  -4.600  -5.997  1.00 12.45 ? 29  ILE A CD1 1 
ATOM   253  N N   . GLY A 1 30  ? -8.999  -0.792  -1.028  1.00 9.69  ? 30  GLY A N   1 
ATOM   254  C CA  . GLY A 1 30  ? -8.202  0.153   -0.271  1.00 10.56 ? 30  GLY A CA  1 
ATOM   255  C C   . GLY A 1 30  ? -8.001  1.510   -0.913  1.00 9.55  ? 30  GLY A C   1 
ATOM   256  O O   . GLY A 1 30  ? -6.961  2.137   -0.690  1.00 10.78 ? 30  GLY A O   1 
ATOM   257  N N   . HIS A 1 31  ? -8.966  1.999   -1.685  1.00 9.59  ? 31  HIS A N   1 
ATOM   258  C CA  . HIS A 1 31  ? -8.840  3.324   -2.286  1.00 10.27 ? 31  HIS A CA  1 
ATOM   259  C C   . HIS A 1 31  ? -9.276  4.393   -1.286  1.00 10.07 ? 31  HIS A C   1 
ATOM   260  O O   . HIS A 1 31  ? -10.472 4.565   -1.032  1.00 9.69  ? 31  HIS A O   1 
ATOM   261  C CB  . HIS A 1 31  ? -9.671  3.426   -3.558  1.00 10.49 ? 31  HIS A CB  1 
ATOM   262  C CG  . HIS A 1 31  ? -9.556  4.759   -4.205  1.00 10.61 ? 31  HIS A CG  1 
ATOM   263  N ND1 . HIS A 1 31  ? -8.527  5.070   -5.066  1.00 11.54 ? 31  HIS A ND1 1 
ATOM   264  C CD2 . HIS A 1 31  ? -10.293 5.887   -4.070  1.00 12.36 ? 31  HIS A CD2 1 
ATOM   265  C CE1 . HIS A 1 31  ? -8.647  6.325   -5.451  1.00 12.12 ? 31  HIS A CE1 1 
ATOM   266  N NE2 . HIS A 1 31  ? -9.715  6.844   -4.867  1.00 12.52 ? 31  HIS A NE2 1 
ATOM   267  N N   . LEU A 1 32  ? -8.320  5.151   -0.752  1.00 11.04 ? 32  LEU A N   1 
ATOM   268  C CA  . LEU A 1 32  ? -8.656  6.241   0.156   1.00 10.76 ? 32  LEU A CA  1 
ATOM   269  C C   . LEU A 1 32  ? -9.444  7.320   -0.582  1.00 10.86 ? 32  LEU A C   1 
ATOM   270  O O   . LEU A 1 32  ? -9.040  7.773   -1.658  1.00 12.15 ? 32  LEU A O   1 
ATOM   271  C CB  . LEU A 1 32  ? -7.382  6.838   0.758   1.00 12.68 ? 32  LEU A CB  1 
ATOM   272  C CG  . LEU A 1 32  ? -7.547  8.116   1.586   1.00 14.28 ? 32  LEU A CG  1 
ATOM   273  C CD1 . LEU A 1 32  ? -8.336  7.846   2.861   1.00 15.61 ? 32  LEU A CD1 1 
ATOM   274  C CD2 . LEU A 1 32  ? -6.193  8.731   1.909   1.00 18.81 ? 32  LEU A CD2 1 
ATOM   275  N N   . LEU A 1 33  ? -10.574 7.732   -0.008  1.00 10.43 ? 33  LEU A N   1 
ATOM   276  C CA  . LEU A 1 33  ? -11.360 8.815   -0.584  1.00 11.02 ? 33  LEU A CA  1 
ATOM   277  C C   . LEU A 1 33  ? -11.033 10.166  0.035   1.00 12.03 ? 33  LEU A C   1 
ATOM   278  O O   . LEU A 1 33  ? -10.810 11.142  -0.692  1.00 13.06 ? 33  LEU A O   1 
ATOM   279  C CB  . LEU A 1 33  ? -12.855 8.519   -0.444  1.00 11.07 ? 33  LEU A CB  1 
ATOM   280  C CG  . LEU A 1 33  ? -13.325 7.371   -1.335  1.00 11.34 ? 33  LEU A CG  1 
ATOM   281  C CD1 . LEU A 1 33  ? -14.713 6.903   -0.922  1.00 12.10 ? 33  LEU A CD1 1 
ATOM   282  C CD2 . LEU A 1 33  ? -13.317 7.783   -2.812  1.00 11.43 ? 33  LEU A CD2 1 
ATOM   283  N N   . THR A 1 34  ? -10.994 10.247  1.361   1.00 12.50 ? 34  THR A N   1 
ATOM   284  C CA  . THR A 1 34  ? -10.723 11.515  2.021   1.00 12.48 ? 34  THR A CA  1 
ATOM   285  C C   . THR A 1 34  ? -10.407 11.243  3.479   1.00 13.48 ? 34  THR A C   1 
ATOM   286  O O   . THR A 1 34  ? -10.856 10.243  4.045   1.00 13.42 ? 34  THR A O   1 
ATOM   287  C CB  . THR A 1 34  ? -11.920 12.476  1.924   1.00 13.13 ? 34  THR A CB  1 
ATOM   288  O OG1 . THR A 1 34  ? -11.580 13.717  2.553   1.00 14.49 ? 34  THR A OG1 1 
ATOM   289  C CG2 . THR A 1 34  ? -13.149 11.889  2.605   1.00 13.91 ? 34  THR A CG2 1 
ATOM   290  N N   . LYS A 1 35  ? -9.629  12.139  4.076   1.00 13.89 ? 35  LYS A N   1 
ATOM   291  C CA  . LYS A 1 35  ? -9.435  12.148  5.517   1.00 15.39 ? 35  LYS A CA  1 
ATOM   292  C C   . LYS A 1 35  ? -10.449 13.029  6.231   1.00 15.47 ? 35  LYS A C   1 
ATOM   293  O O   . LYS A 1 35  ? -10.470 13.061  7.467   1.00 16.71 ? 35  LYS A O   1 
ATOM   294  C CB  . LYS A 1 35  ? -7.998  12.554  5.864   1.00 17.20 ? 35  LYS A CB  1 
ATOM   295  C CG  . LYS A 1 35  ? -6.984  11.533  5.379   1.00 15.02 ? 35  LYS A CG  1 
ATOM   296  C CD  . LYS A 1 35  ? -5.560  11.888  5.759   1.00 19.88 ? 35  LYS A CD  1 
ATOM   297  C CE  . LYS A 1 35  ? -4.595  10.844  5.216   1.00 21.80 ? 35  LYS A CE  1 
ATOM   298  N NZ  . LYS A 1 35  ? -3.189  11.096  5.639   1.00 24.84 ? 35  LYS A NZ  1 
ATOM   299  N N   . SER A 1 36  ? -11.306 13.714  5.482   1.00 16.25 ? 36  SER A N   1 
ATOM   300  C CA  . SER A 1 36  ? -12.334 14.547  6.087   1.00 16.72 ? 36  SER A CA  1 
ATOM   301  C C   . SER A 1 36  ? -13.382 13.674  6.772   1.00 15.86 ? 36  SER A C   1 
ATOM   302  O O   . SER A 1 36  ? -13.708 12.591  6.284   1.00 14.87 ? 36  SER A O   1 
ATOM   303  C CB  . SER A 1 36  ? -13.017 15.385  5.008   1.00 17.71 ? 36  SER A CB  1 
ATOM   304  O OG  . SER A 1 36  ? -14.243 15.923  5.477   1.00 19.27 ? 36  SER A OG  1 
ATOM   305  N N   . PRO A 1 37  ? -13.940 14.128  7.901   1.00 16.90 ? 37  PRO A N   1 
ATOM   306  C CA  . PRO A 1 37  ? -15.036 13.379  8.535   1.00 17.21 ? 37  PRO A CA  1 
ATOM   307  C C   . PRO A 1 37  ? -16.356 13.466  7.786   1.00 16.16 ? 37  PRO A C   1 
ATOM   308  O O   . PRO A 1 37  ? -17.322 12.807  8.192   1.00 19.27 ? 37  PRO A O   1 
ATOM   309  C CB  . PRO A 1 37  ? -15.142 14.026  9.926   1.00 20.40 ? 37  PRO A CB  1 
ATOM   310  C CG  . PRO A 1 37  ? -14.602 15.398  9.744   1.00 20.73 ? 37  PRO A CG  1 
ATOM   311  C CD  . PRO A 1 37  ? -13.521 15.290  8.700   1.00 19.67 ? 37  PRO A CD  1 
ATOM   312  N N   . SER A 1 38  ? -16.428 14.225  6.697   1.00 15.80 ? 38  SER A N   1 
ATOM   313  C CA  . SER A 1 38  ? -17.675 14.427  5.973   1.00 15.94 ? 38  SER A CA  1 
ATOM   314  C C   . SER A 1 38  ? -17.886 13.298  4.971   1.00 13.81 ? 38  SER A C   1 
ATOM   315  O O   . SER A 1 38  ? -17.116 13.154  4.013   1.00 14.30 ? 38  SER A O   1 
ATOM   316  C CB  . SER A 1 38  ? -17.657 15.771  5.247   1.00 18.56 ? 38  SER A CB  1 
ATOM   317  O OG  . SER A 1 38  ? -18.690 15.833  4.278   1.00 16.93 ? 38  SER A OG  1 
ATOM   318  N N   . LEU A 1 39  ? -18.942 12.509  5.183   1.00 15.27 ? 39  LEU A N   1 
ATOM   319  C CA  . LEU A 1 39  ? -19.298 11.485  4.208   1.00 14.24 ? 39  LEU A CA  1 
ATOM   320  C C   . LEU A 1 39  ? -19.642 12.099  2.857   1.00 12.59 ? 39  LEU A C   1 
ATOM   321  O O   . LEU A 1 39  ? -19.355 11.504  1.812   1.00 13.51 ? 39  LEU A O   1 
ATOM   322  C CB  . LEU A 1 39  ? -20.462 10.643  4.732   1.00 14.92 ? 39  LEU A CB  1 
ATOM   323  C CG  . LEU A 1 39  ? -20.995 9.557   3.795   1.00 14.61 ? 39  LEU A CG  1 
ATOM   324  C CD1 . LEU A 1 39  ? -19.906 8.541   3.455   1.00 15.40 ? 39  LEU A CD1 1 
ATOM   325  C CD2 . LEU A 1 39  ? -22.209 8.871   4.408   1.00 17.55 ? 39  LEU A CD2 1 
ATOM   326  N N   . ASN A 1 40  ? -20.254 13.288  2.853   1.00 14.04 ? 40  ASN A N   1 
ATOM   327  C CA  . ASN A 1 40  ? -20.535 13.955  1.584   1.00 14.40 ? 40  ASN A CA  1 
ATOM   328  C C   . ASN A 1 40  ? -19.248 14.264  0.835   1.00 12.92 ? 40  ASN A C   1 
ATOM   329  O O   . ASN A 1 40  ? -19.182 14.101  -0.389  1.00 12.80 ? 40  ASN A O   1 
ATOM   330  C CB  . ASN A 1 40  ? -21.344 15.231  1.816   1.00 16.29 ? 40  ASN A CB  1 
ATOM   331  C CG  . ASN A 1 40  ? -22.807 14.954  2.095   1.00 17.22 ? 40  ASN A CG  1 
ATOM   332  O OD1 . ASN A 1 40  ? -23.336 13.908  1.725   1.00 21.55 ? 40  ASN A OD1 1 
ATOM   333  N ND2 . ASN A 1 40  ? -23.470 15.901  2.748   1.00 24.34 ? 40  ASN A ND2 1 
ATOM   334  N N   . ALA A 1 41  ? -18.216 14.720  1.545   1.00 13.85 ? 41  ALA A N   1 
ATOM   335  C CA  . ALA A 1 41  ? -16.933 14.955  0.892   1.00 13.52 ? 41  ALA A CA  1 
ATOM   336  C C   . ALA A 1 41  ? -16.382 13.670  0.289   1.00 11.61 ? 41  ALA A C   1 
ATOM   337  O O   . ALA A 1 41  ? -15.839 13.682  -0.822  1.00 11.91 ? 41  ALA A O   1 
ATOM   338  C CB  . ALA A 1 41  ? -15.935 15.559  1.879   1.00 15.69 ? 41  ALA A CB  1 
ATOM   339  N N   . ALA A 1 42  ? -16.510 12.552  1.010   1.00 11.57 ? 42  ALA A N   1 
ATOM   340  C CA  . ALA A 1 42  ? -16.062 11.267  0.481   1.00 11.33 ? 42  ALA A CA  1 
ATOM   341  C C   . ALA A 1 42  ? -16.840 10.888  -0.770  1.00 10.78 ? 42  ALA A C   1 
ATOM   342  O O   . ALA A 1 42  ? -16.260 10.399  -1.744  1.00 11.00 ? 42  ALA A O   1 
ATOM   343  C CB  . ALA A 1 42  ? -16.227 10.184  1.541   1.00 11.93 ? 42  ALA A CB  1 
ATOM   344  N N   . LYS A 1 43  ? -18.159 11.110  -0.753  1.00 10.84 ? 43  LYS A N   1 
ATOM   345  C CA  . LYS A 1 43  ? -18.985 10.777  -1.910  1.00 11.86 ? 43  LYS A CA  1 
ATOM   346  C C   . LYS A 1 43  ? -18.614 11.624  -3.119  1.00 10.83 ? 43  LYS A C   1 
ATOM   347  O O   . LYS A 1 43  ? -18.603 11.127  -4.252  1.00 11.54 ? 43  LYS A O   1 
ATOM   348  C CB  . LYS A 1 43  ? -20.466 10.929  -1.560  1.00 11.48 ? 43  LYS A CB  1 
ATOM   349  C CG  . LYS A 1 43  ? -20.985 9.821   -0.651  1.00 12.32 ? 43  LYS A CG  1 
ATOM   350  C CD  . LYS A 1 43  ? -22.405 10.101  -0.200  1.00 15.49 ? 43  LYS A CD  1 
ATOM   351  C CE  . LYS A 1 43  ? -23.000 8.904   0.518   1.00 16.55 ? 43  LYS A CE  1 
ATOM   352  N NZ  . LYS A 1 43  ? -24.427 9.135   0.881   1.00 18.70 ? 43  LYS A NZ  1 
ATOM   353  N N   . SER A 1 44  ? -18.295 12.901  -2.897  1.00 11.74 ? 44  SER A N   1 
ATOM   354  C CA  . SER A 1 44  ? -17.830 13.741  -3.997  1.00 12.26 ? 44  SER A CA  1 
ATOM   355  C C   . SER A 1 44  ? -16.530 13.205  -4.579  1.00 11.29 ? 44  SER A C   1 
ATOM   356  O O   . SER A 1 44  ? -16.378 13.104  -5.801  1.00 11.98 ? 44  SER A O   1 
ATOM   357  C CB  . SER A 1 44  ? -17.650 15.186  -3.532  1.00 14.21 ? 44  SER A CB  1 
ATOM   358  O OG  . SER A 1 44  ? -18.891 15.798  -3.229  1.00 15.38 ? 44  SER A OG  1 
ATOM   359  N N   . GLU A 1 45  ? -15.571 12.859  -3.716  1.00 11.16 ? 45  GLU A N   1 
ATOM   360  C CA  . GLU A 1 45  ? -14.330 12.284  -4.221  1.00 10.79 ? 45  GLU A CA  1 
ATOM   361  C C   . GLU A 1 45  ? -14.602 11.023  -5.025  1.00 10.62 ? 45  GLU A C   1 
ATOM   362  O O   . GLU A 1 45  ? -13.981 10.796  -6.069  1.00 11.37 ? 45  GLU A O   1 
ATOM   363  C CB  . GLU A 1 45  ? -13.369 11.978  -3.073  1.00 11.80 ? 45  GLU A CB  1 
ATOM   364  C CG  . GLU A 1 45  ? -12.819 13.217  -2.407  1.00 11.89 ? 45  GLU A CG  1 
ATOM   365  C CD  . GLU A 1 45  ? -12.060 14.099  -3.388  1.00 11.57 ? 45  GLU A CD  1 
ATOM   366  O OE1 . GLU A 1 45  ? -11.075 13.622  -3.997  1.00 12.97 ? 45  GLU A OE1 1 
ATOM   367  O OE2 . GLU A 1 45  ? -12.471 15.267  -3.582  1.00 13.99 ? 45  GLU A OE2 1 
ATOM   368  N N   . LEU A 1 46  ? -15.522 10.186  -4.549  1.00 10.56 ? 46  LEU A N   1 
ATOM   369  C CA  . LEU A 1 46  ? -15.834 8.958   -5.268  1.00 10.54 ? 46  LEU A CA  1 
ATOM   370  C C   . LEU A 1 46  ? -16.385 9.259   -6.658  1.00 10.29 ? 46  LEU A C   1 
ATOM   371  O O   . LEU A 1 46  ? -15.952 8.669   -7.654  1.00 10.69 ? 46  LEU A O   1 
ATOM   372  C CB  . LEU A 1 46  ? -16.833 8.129   -4.468  1.00 10.77 ? 46  LEU A CB  1 
ATOM   373  C CG  . LEU A 1 46  ? -17.245 6.825   -5.157  1.00 10.90 ? 46  LEU A CG  1 
ATOM   374  C CD1 . LEU A 1 46  ? -16.043 5.908   -5.394  1.00 11.03 ? 46  LEU A CD1 1 
ATOM   375  C CD2 . LEU A 1 46  ? -18.313 6.092   -4.371  1.00 11.93 ? 46  LEU A CD2 1 
ATOM   376  N N   . ASP A 1 47  ? -17.349 10.174  -6.743  1.00 10.35 ? 47  ASP A N   1 
ATOM   377  C CA  . ASP A 1 47  ? -17.944 10.487  -8.037  1.00 10.54 ? 47  ASP A CA  1 
ATOM   378  C C   . ASP A 1 47  ? -16.903 11.042  -9.000  1.00 11.11 ? 47  ASP A C   1 
ATOM   379  O O   . ASP A 1 47  ? -16.904 10.711  -10.193 1.00 11.35 ? 47  ASP A O   1 
ATOM   380  C CB  . ASP A 1 47  ? -19.078 11.488  -7.844  1.00 11.66 ? 47  ASP A CB  1 
ATOM   381  C CG  . ASP A 1 47  ? -20.258 10.900  -7.093  1.00 12.88 ? 47  ASP A CG  1 
ATOM   382  O OD1 . ASP A 1 47  ? -20.295 9.672   -6.871  1.00 13.06 ? 47  ASP A OD1 1 
ATOM   383  O OD2 . ASP A 1 47  ? -21.168 11.680  -6.733  1.00 14.75 ? 47  ASP A OD2 1 
ATOM   384  N N   . LYS A 1 48  ? -16.021 11.906  -8.499  1.00 10.53 ? 48  LYS A N   1 
ATOM   385  C CA  . LYS A 1 48  ? -14.923 12.439  -9.299  1.00 11.22 ? 48  LYS A CA  1 
ATOM   386  C C   . LYS A 1 48  ? -14.009 11.322  -9.799  1.00 10.03 ? 48  LYS A C   1 
ATOM   387  O O   . LYS A 1 48  ? -13.582 11.327  -10.961 1.00 10.67 ? 48  LYS A O   1 
ATOM   388  C CB  . LYS A 1 48  ? -14.146 13.447  -8.442  1.00 12.68 ? 48  LYS A CB  1 
ATOM   389  C CG  . LYS A 1 48  ? -12.908 14.043  -9.082  1.00 12.26 ? 48  LYS A CG  1 
ATOM   390  C CD  . LYS A 1 48  ? -12.447 15.310  -8.366  1.00 12.89 ? 48  LYS A CD  1 
ATOM   391  C CE  . LYS A 1 48  ? -12.159 15.101  -6.875  1.00 12.15 ? 48  LYS A CE  1 
ATOM   392  N NZ  . LYS A 1 48  ? -10.858 14.429  -6.611  1.00 12.33 ? 48  LYS A NZ  1 
ATOM   393  N N   . ALA A 1 49  ? -13.713 10.346  -8.937  1.00 10.24 ? 49  ALA A N   1 
ATOM   394  C CA  . ALA A 1 49  ? -12.796 9.271   -9.302  1.00 10.90 ? 49  ALA A CA  1 
ATOM   395  C C   . ALA A 1 49  ? -13.399 8.337   -10.346 1.00 10.13 ? 49  ALA A C   1 
ATOM   396  O O   . ALA A 1 49  ? -12.681 7.833   -11.218 1.00 10.90 ? 49  ALA A O   1 
ATOM   397  C CB  . ALA A 1 49  ? -12.415 8.473   -8.058  1.00 10.79 ? 49  ALA A CB  1 
ATOM   398  N N   . ILE A 1 50  ? -14.702 8.068   -10.248 1.00 10.62 ? 50  ILE A N   1 
ATOM   399  C CA  . ILE A 1 50  ? -15.360 7.103   -11.124 1.00 11.09 ? 50  ILE A CA  1 
ATOM   400  C C   . ILE A 1 50  ? -15.903 7.762   -12.389 1.00 11.86 ? 50  ILE A C   1 
ATOM   401  O O   . ILE A 1 50  ? -16.005 7.108   -13.433 1.00 12.36 ? 50  ILE A O   1 
ATOM   402  C CB  . ILE A 1 50  ? -16.477 6.360   -10.361 1.00 11.23 ? 50  ILE A CB  1 
ATOM   403  C CG1 . ILE A 1 50  ? -15.927 5.686   -9.105  1.00 12.39 ? 50  ILE A CG1 1 
ATOM   404  C CG2 . ILE A 1 50  ? -17.199 5.335   -11.255 1.00 13.25 ? 50  ILE A CG2 1 
ATOM   405  C CD1 . ILE A 1 50  ? -14.915 4.604   -9.390  1.00 16.67 ? 50  ILE A CD1 1 
ATOM   406  N N   . GLY A 1 51  ? -16.269 9.038   -12.314 1.00 11.10 ? 51  GLY A N   1 
ATOM   407  C CA  . GLY A 1 51  ? -16.852 9.726   -13.446 1.00 12.67 ? 51  GLY A CA  1 
ATOM   408  C C   . GLY A 1 51  ? -18.350 9.591   -13.574 1.00 11.99 ? 51  GLY A C   1 
ATOM   409  O O   . GLY A 1 51  ? -18.883 9.799   -14.669 1.00 15.12 ? 51  GLY A O   1 
ATOM   410  N N   . ARG A 1 52  ? -19.049 9.243   -12.499 1.00 12.41 ? 52  ARG A N   1 
ATOM   411  C CA  . ARG A 1 52  ? -20.505 9.204   -12.495 1.00 13.99 ? 52  ARG A CA  1 
ATOM   412  C C   . ARG A 1 52  ? -20.970 9.412   -11.062 1.00 12.15 ? 52  ARG A C   1 
ATOM   413  O O   . ARG A 1 52  ? -20.172 9.385   -10.125 1.00 12.63 ? 52  ARG A O   1 
ATOM   414  C CB  . ARG A 1 52  ? -21.035 7.880   -13.057 1.00 14.24 ? 52  ARG A CB  1 
ATOM   415  C CG  . ARG A 1 52  ? -20.716 6.691   -12.175 1.00 13.44 ? 52  ARG A CG  1 
ATOM   416  C CD  . ARG A 1 52  ? -21.201 5.360   -12.743 1.00 14.46 ? 52  ARG A CD  1 
ATOM   417  N NE  . ARG A 1 52  ? -20.833 4.275   -11.838 1.00 12.86 ? 52  ARG A NE  1 
ATOM   418  C CZ  . ARG A 1 52  ? -21.554 3.885   -10.793 1.00 12.67 ? 52  ARG A CZ  1 
ATOM   419  N NH1 . ARG A 1 52  ? -22.717 4.467   -10.524 1.00 14.37 ? 52  ARG A NH1 1 
ATOM   420  N NH2 . ARG A 1 52  ? -21.103 2.910   -10.010 1.00 14.39 ? 52  ARG A NH2 1 
ATOM   421  N N   . ASN A 1 53  ? -22.275 9.618   -10.905 1.00 13.13 ? 53  ASN A N   1 
ATOM   422  C CA  . ASN A 1 53  ? -22.888 9.804   -9.594  1.00 13.39 ? 53  ASN A CA  1 
ATOM   423  C C   . ASN A 1 53  ? -23.113 8.428   -8.979  1.00 13.15 ? 53  ASN A C   1 
ATOM   424  O O   . ASN A 1 53  ? -24.016 7.694   -9.393  1.00 13.93 ? 53  ASN A O   1 
ATOM   425  C CB  . ASN A 1 53  ? -24.207 10.549  -9.777  1.00 17.23 ? 53  ASN A CB  1 
ATOM   426  C CG  . ASN A 1 53  ? -24.771 11.086  -8.480  1.00 21.11 ? 53  ASN A CG  1 
ATOM   427  O OD1 . ASN A 1 53  ? -24.717 10.430  -7.444  1.00 22.65 ? 53  ASN A OD1 1 
ATOM   428  N ND2 . ASN A 1 53  ? -25.334 12.288  -8.536  1.00 27.31 ? 53  ASN A ND2 1 
ATOM   429  N N   . CYS A 1 54  ? -22.286 8.070   -7.994  1.00 12.29 ? 54  CYS A N   1 
ATOM   430  C CA  . CYS A 1 54  ? -22.230 6.706   -7.486  1.00 13.31 ? 54  CYS A CA  1 
ATOM   431  C C   . CYS A 1 54  ? -23.056 6.471   -6.233  1.00 12.91 ? 54  CYS A C   1 
ATOM   432  O O   . CYS A 1 54  ? -23.335 5.311   -5.910  1.00 14.06 ? 54  CYS A O   1 
ATOM   433  C CB  . CYS A 1 54  ? -20.786 6.337   -7.135  1.00 12.47 ? 54  CYS A CB  1 
ATOM   434  S SG  . CYS A 1 54  ? -19.703 6.228   -8.546  1.00 12.99 ? 54  CYS A SG  1 
ATOM   435  N N   . ASN A 1 55  ? -23.379 7.513   -5.476  1.00 14.49 ? 55  ASN A N   1 
ATOM   436  C CA  . ASN A 1 55  ? -24.136 7.332   -4.240  1.00 17.37 ? 55  ASN A CA  1 
ATOM   437  C C   . ASN A 1 55  ? -23.366 6.487   -3.216  1.00 15.23 ? 55  ASN A C   1 
ATOM   438  O O   . ASN A 1 55  ? -23.967 5.869   -2.339  1.00 18.36 ? 55  ASN A O   1 
ATOM   439  C CB  . ASN A 1 55  ? -25.521 6.736   -4.553  1.00 21.50 ? 55  ASN A CB  1 
ATOM   440  C CG  . ASN A 1 55  ? -26.495 6.797   -3.386  1.00 19.85 ? 55  ASN A CG  1 
ATOM   441  O OD1 . ASN A 1 55  ? -26.417 7.683   -2.535  1.00 25.52 ? 55  ASN A OD1 1 
ATOM   442  N ND2 . ASN A 1 55  ? -27.426 5.843   -3.349  1.00 20.31 ? 55  ASN A ND2 1 
ATOM   443  N N   . GLY A 1 56  ? -22.033 6.429   -3.312  1.00 13.49 ? 56  GLY A N   1 
ATOM   444  C CA  . GLY A 1 56  ? -21.241 5.651   -2.375  1.00 13.41 ? 56  GLY A CA  1 
ATOM   445  C C   . GLY A 1 56  ? -21.077 4.185   -2.706  1.00 11.58 ? 56  GLY A C   1 
ATOM   446  O O   . GLY A 1 56  ? -20.587 3.432   -1.853  1.00 12.02 ? 56  GLY A O   1 
ATOM   447  N N   . VAL A 1 57  ? -21.453 3.755   -3.911  1.00 11.96 ? 57  VAL A N   1 
ATOM   448  C CA  . VAL A 1 57  ? -21.405 2.354   -4.304  1.00 12.43 ? 57  VAL A CA  1 
ATOM   449  C C   . VAL A 1 57  ? -20.788 2.249   -5.691  1.00 11.11 ? 57  VAL A C   1 
ATOM   450  O O   . VAL A 1 57  ? -21.139 3.018   -6.594  1.00 12.10 ? 57  VAL A O   1 
ATOM   451  C CB  . VAL A 1 57  ? -22.817 1.728   -4.309  1.00 14.72 ? 57  VAL A CB  1 
ATOM   452  C CG1 . VAL A 1 57  ? -22.758 0.282   -4.758  1.00 17.02 ? 57  VAL A CG1 1 
ATOM   453  C CG2 . VAL A 1 57  ? -23.470 1.846   -2.940  1.00 16.61 ? 57  VAL A CG2 1 
ATOM   454  N N   . ILE A 1 58  ? -19.888 1.277   -5.871  1.00 12.31 ? 58  ILE A N   1 
ATOM   455  C CA  . ILE A 1 58  ? -19.251 1.030   -7.160  1.00 11.58 ? 58  ILE A CA  1 
ATOM   456  C C   . ILE A 1 58  ? -19.385 -0.446  -7.527  1.00 12.83 ? 58  ILE A C   1 
ATOM   457  O O   . ILE A 1 58  ? -19.781 -1.282  -6.715  1.00 13.36 ? 58  ILE A O   1 
ATOM   458  C CB  . ILE A 1 58  ? -17.775 1.480   -7.189  1.00 11.53 ? 58  ILE A CB  1 
ATOM   459  C CG1 . ILE A 1 58  ? -16.939 0.720   -6.155  1.00 11.02 ? 58  ILE A CG1 1 
ATOM   460  C CG2 . ILE A 1 58  ? -17.681 2.986   -6.987  1.00 12.90 ? 58  ILE A CG2 1 
ATOM   461  C CD1 . ILE A 1 58  ? -15.445 1.034   -6.235  1.00 11.85 ? 58  ILE A CD1 1 
ATOM   462  N N   . THR A 1 59  ? -19.047 -0.755  -8.776  1.00 13.60 ? 59  THR A N   1 
ATOM   463  C CA  . THR A 1 59  ? -18.992 -2.130  -9.241  1.00 13.93 ? 59  THR A CA  1 
ATOM   464  C C   . THR A 1 59  ? -17.595 -2.712  -9.040  1.00 13.17 ? 59  THR A C   1 
ATOM   465  O O   . THR A 1 59  ? -16.617 -1.999  -8.796  1.00 12.66 ? 59  THR A O   1 
ATOM   466  C CB  . THR A 1 59  ? -19.349 -2.215  -10.724 1.00 14.25 ? 59  THR A CB  1 
ATOM   467  O OG1 . THR A 1 59  ? -18.306 -1.600  -11.491 1.00 14.60 ? 59  THR A OG1 1 
ATOM   468  C CG2 . THR A 1 59  ? -20.677 -1.519  -11.003 1.00 16.30 ? 59  THR A CG2 1 
ATOM   469  N N   . LYS A 1 60  ? -17.505 -4.037  -9.174  1.00 14.47 ? 60  LYS A N   1 
ATOM   470  C CA  . LYS A 1 60  ? -16.209 -4.700  -9.071  1.00 14.49 ? 60  LYS A CA  1 
ATOM   471  C C   . LYS A 1 60  ? -15.253 -4.225  -10.160 1.00 13.45 ? 60  LYS A C   1 
ATOM   472  O O   . LYS A 1 60  ? -14.064 -4.002  -9.897  1.00 12.72 ? 60  LYS A O   1 
ATOM   473  C CB  . LYS A 1 60  ? -16.392 -6.217  -9.119  1.00 15.90 ? 60  LYS A CB  1 
ATOM   474  C CG  . LYS A 1 60  ? -15.117 -7.017  -8.896  1.00 17.91 ? 60  LYS A CG  1 
ATOM   475  C CD  . LYS A 1 60  ? -15.430 -8.498  -8.712  1.00 20.21 ? 60  LYS A CD  1 
ATOM   476  C CE  . LYS A 1 60  ? -14.163 -9.325  -8.540  1.00 24.06 ? 60  LYS A CE  1 
ATOM   477  N NZ  . LYS A 1 60  ? -13.485 -9.598  -9.840  1.00 23.24 ? 60  LYS A NZ  1 
ATOM   478  N N   . ASP A 1 61  ? -15.754 -4.063  -11.391 1.00 14.91 ? 61  ASP A N   1 
ATOM   479  C CA  . ASP A 1 61  ? -14.908 -3.551  -12.465 1.00 13.62 ? 61  ASP A CA  1 
ATOM   480  C C   . ASP A 1 61  ? -14.345 -2.184  -12.106 1.00 12.78 ? 61  ASP A C   1 
ATOM   481  O O   . ASP A 1 61  ? -13.160 -1.910  -12.342 1.00 12.40 ? 61  ASP A O   1 
ATOM   482  C CB  . ASP A 1 61  ? -15.723 -3.419  -13.749 1.00 14.60 ? 61  ASP A CB  1 
ATOM   483  C CG  . ASP A 1 61  ? -15.916 -4.735  -14.474 1.00 17.84 ? 61  ASP A CG  1 
ATOM   484  O OD1 . ASP A 1 61  ? -15.361 -5.766  -14.042 1.00 22.34 ? 61  ASP A OD1 1 
ATOM   485  O OD2 . ASP A 1 61  ? -16.651 -4.732  -15.486 1.00 20.22 ? 61  ASP A OD2 1 
ATOM   486  N N   . GLU A 1 62  ? -15.185 -1.304  -11.557 1.00 12.21 ? 62  GLU A N   1 
ATOM   487  C CA  . GLU A 1 62  ? -14.720 0.023   -11.173 1.00 11.57 ? 62  GLU A CA  1 
ATOM   488  C C   . GLU A 1 62  ? -13.691 -0.059  -10.055 1.00 10.69 ? 62  GLU A C   1 
ATOM   489  O O   . GLU A 1 62  ? -12.675 0.645   -10.086 1.00 10.85 ? 62  GLU A O   1 
ATOM   490  C CB  . GLU A 1 62  ? -15.904 0.906   -10.776 1.00 11.28 ? 62  GLU A CB  1 
ATOM   491  C CG  . GLU A 1 62  ? -16.788 1.253   -11.956 1.00 12.10 ? 62  GLU A CG  1 
ATOM   492  C CD  . GLU A 1 62  ? -18.130 1.854   -11.575 1.00 11.34 ? 62  GLU A CD  1 
ATOM   493  O OE1 . GLU A 1 62  ? -18.583 1.683   -10.425 1.00 13.20 ? 62  GLU A OE1 1 
ATOM   494  O OE2 . GLU A 1 62  ? -18.760 2.477   -12.457 1.00 13.49 ? 62  GLU A OE2 1 
ATOM   495  N N   . ALA A 1 63  ? -13.930 -0.922  -9.065  1.00 10.91 ? 63  ALA A N   1 
ATOM   496  C CA  . ALA A 1 63  ? -12.957 -1.089  -7.993  1.00 10.68 ? 63  ALA A CA  1 
ATOM   497  C C   . ALA A 1 63  ? -11.615 -1.563  -8.539  1.00 10.93 ? 63  ALA A C   1 
ATOM   498  O O   . ALA A 1 63  ? -10.553 -1.094  -8.108  1.00 10.44 ? 63  ALA A O   1 
ATOM   499  C CB  . ALA A 1 63  ? -13.495 -2.078  -6.958  1.00 11.54 ? 63  ALA A CB  1 
ATOM   500  N N   . GLU A 1 64  ? -11.638 -2.493  -9.486  1.00 10.80 ? 64  GLU A N   1 
ATOM   501  C CA  . GLU A 1 64  ? -10.392 -3.010  -10.041 1.00 10.89 ? 64  GLU A CA  1 
ATOM   502  C C   . GLU A 1 64  ? -9.675  -1.970  -10.890 1.00 10.53 ? 64  GLU A C   1 
ATOM   503  O O   . GLU A 1 64  ? -8.437  -1.936  -10.912 1.00 10.85 ? 64  GLU A O   1 
ATOM   504  C CB  . GLU A 1 64  ? -10.668 -4.301  -10.808 1.00 12.62 ? 64  GLU A CB  1 
ATOM   505  C CG  . GLU A 1 64  ? -11.061 -5.417  -9.843  1.00 14.62 ? 64  GLU A CG  1 
ATOM   506  C CD  . GLU A 1 64  ? -11.594 -6.674  -10.501 1.00 17.38 ? 64  GLU A CD  1 
ATOM   507  O OE1 . GLU A 1 64  ? -11.979 -6.629  -11.686 1.00 18.79 ? 64  GLU A OE1 1 
ATOM   508  O OE2 . GLU A 1 64  ? -11.638 -7.714  -9.809  1.00 21.00 ? 64  GLU A OE2 1 
ATOM   509  N N   . LYS A 1 65  ? -10.433 -1.118  -11.585 1.00 11.04 ? 65  LYS A N   1 
ATOM   510  C CA  . LYS A 1 65  ? -9.832  -0.043  -12.367 1.00 11.72 ? 65  LYS A CA  1 
ATOM   511  C C   . LYS A 1 65  ? -9.150  0.978   -11.464 1.00 10.54 ? 65  LYS A C   1 
ATOM   512  O O   . LYS A 1 65  ? -8.008  1.378   -11.715 1.00 10.80 ? 65  LYS A O   1 
ATOM   513  C CB  . LYS A 1 65  ? -10.912 0.623   -13.218 1.00 12.90 ? 65  LYS A CB  1 
ATOM   514  C CG  . LYS A 1 65  ? -10.425 1.724   -14.117 1.00 15.43 ? 65  LYS A CG  1 
ATOM   515  C CD  . LYS A 1 65  ? -11.597 2.283   -14.909 1.00 20.45 ? 65  LYS A CD  1 
ATOM   516  C CE  . LYS A 1 65  ? -11.229 3.560   -15.621 1.00 21.65 ? 65  LYS A CE  1 
ATOM   517  N NZ  . LYS A 1 65  ? -10.326 3.238   -16.753 1.00 21.02 ? 65  LYS A NZ  1 
ATOM   518  N N   . LEU A 1 66  ? -9.847  1.423   -10.414 1.00 10.44 ? 66  LEU A N   1 
ATOM   519  C CA  . LEU A 1 66  ? -9.227  2.332   -9.454  1.00 10.54 ? 66  LEU A CA  1 
ATOM   520  C C   . LEU A 1 66  ? -7.975  1.712   -8.866  1.00 10.03 ? 66  LEU A C   1 
ATOM   521  O O   . LEU A 1 66  ? -6.952  2.383   -8.704  1.00 10.74 ? 66  LEU A O   1 
ATOM   522  C CB  . LEU A 1 66  ? -10.196 2.651   -8.314  1.00 13.04 ? 66  LEU A CB  1 
ATOM   523  C CG  . LEU A 1 66  ? -11.384 3.562   -8.580  1.00 13.18 ? 66  LEU A CG  1 
ATOM   524  C CD1 . LEU A 1 66  ? -12.098 3.873   -7.276  1.00 18.67 ? 66  LEU A CD1 1 
ATOM   525  C CD2 . LEU A 1 66  ? -10.954 4.837   -9.287  1.00 19.87 ? 66  LEU A CD2 1 
ATOM   526  N N   . PHE A 1 67  ? -8.048  0.424   -8.535  1.00 9.49  ? 67  PHE A N   1 
ATOM   527  C CA  . PHE A 1 67  ? -6.913  -0.280  -7.950  1.00 9.70  ? 67  PHE A CA  1 
ATOM   528  C C   . PHE A 1 67  ? -5.711  -0.265  -8.884  1.00 9.87  ? 67  PHE A C   1 
ATOM   529  O O   . PHE A 1 67  ? -4.582  -0.009  -8.451  1.00 9.97  ? 67  PHE A O   1 
ATOM   530  C CB  . PHE A 1 67  ? -7.356  -1.704  -7.618  1.00 10.09 ? 67  PHE A CB  1 
ATOM   531  C CG  . PHE A 1 67  ? -6.308  -2.570  -6.981  1.00 9.39  ? 67  PHE A CG  1 
ATOM   532  C CD1 . PHE A 1 67  ? -5.557  -2.144  -5.893  1.00 9.79  ? 67  PHE A CD1 1 
ATOM   533  C CD2 . PHE A 1 67  ? -6.113  -3.850  -7.453  1.00 10.34 ? 67  PHE A CD2 1 
ATOM   534  C CE1 . PHE A 1 67  ? -4.619  -2.985  -5.311  1.00 9.64  ? 67  PHE A CE1 1 
ATOM   535  C CE2 . PHE A 1 67  ? -5.186  -4.687  -6.874  1.00 10.83 ? 67  PHE A CE2 1 
ATOM   536  C CZ  . PHE A 1 67  ? -4.435  -4.249  -5.801  1.00 10.17 ? 67  PHE A CZ  1 
ATOM   537  N N   . ASN A 1 68  ? -5.922  -0.534  -10.175 1.00 10.19 ? 68  ASN A N   1 
ATOM   538  C CA  . ASN A 1 68  ? -4.808  -0.479  -11.114 1.00 9.84  ? 68  ASN A CA  1 
ATOM   539  C C   . ASN A 1 68  ? -4.190  0.912   -11.144 1.00 9.86  ? 68  ASN A C   1 
ATOM   540  O O   . ASN A 1 68  ? -2.961  1.057   -11.153 1.00 10.37 ? 68  ASN A O   1 
ATOM   541  C CB  . ASN A 1 68  ? -5.293  -0.887  -12.505 1.00 11.64 ? 68  ASN A CB  1 
ATOM   542  C CG  . ASN A 1 68  ? -4.159  -1.227  -13.470 1.00 13.21 ? 68  ASN A CG  1 
ATOM   543  O OD1 . ASN A 1 68  ? -3.041  -0.708  -13.374 1.00 15.52 ? 68  ASN A OD1 1 
ATOM   544  N ND2 . ASN A 1 68  ? -4.463  -2.081  -14.432 1.00 13.56 ? 68  ASN A ND2 1 
ATOM   545  N N   . GLN A 1 69  ? -5.033  1.951   -11.167 1.00 9.89  ? 69  GLN A N   1 
ATOM   546  C CA  . GLN A 1 69  ? -4.530  3.318   -11.140 1.00 9.41  ? 69  GLN A CA  1 
ATOM   547  C C   . GLN A 1 69  ? -3.726  3.582   -9.875  1.00 9.69  ? 69  GLN A C   1 
ATOM   548  O O   . GLN A 1 69  ? -2.679  4.233   -9.922  1.00 10.45 ? 69  GLN A O   1 
ATOM   549  C CB  . GLN A 1 69  ? -5.700  4.295   -11.232 1.00 10.16 ? 69  GLN A CB  1 
ATOM   550  C CG  . GLN A 1 69  ? -6.385  4.239   -12.573 1.00 10.05 ? 69  GLN A CG  1 
ATOM   551  C CD  . GLN A 1 69  ? -7.594  5.133   -12.670 1.00 10.10 ? 69  GLN A CD  1 
ATOM   552  O OE1 . GLN A 1 69  ? -8.069  5.683   -11.671 1.00 12.47 ? 69  GLN A OE1 1 
ATOM   553  N NE2 . GLN A 1 69  ? -8.102  5.287   -13.877 1.00 10.22 ? 69  GLN A NE2 1 
ATOM   554  N N   . ASP A 1 70  ? -4.219  3.096   -8.734  1.00 9.46  ? 70  ASP A N   1 
ATOM   555  C CA  . ASP A 1 70  ? -3.556  3.358   -7.464  1.00 10.12 ? 70  ASP A CA  1 
ATOM   556  C C   . ASP A 1 70  ? -2.208  2.648   -7.377  1.00 9.50  ? 70  ASP A C   1 
ATOM   557  O O   . ASP A 1 70  ? -1.239  3.212   -6.854  1.00 11.34 ? 70  ASP A O   1 
ATOM   558  C CB  . ASP A 1 70  ? -4.462  2.917   -6.316  1.00 10.16 ? 70  ASP A CB  1 
ATOM   559  C CG  . ASP A 1 70  ? -5.717  3.770   -6.174  1.00 10.69 ? 70  ASP A CG  1 
ATOM   560  O OD1 . ASP A 1 70  ? -5.785  4.897   -6.725  1.00 11.09 ? 70  ASP A OD1 1 
ATOM   561  O OD2 . ASP A 1 70  ? -6.638  3.298   -5.475  1.00 11.11 ? 70  ASP A OD2 1 
ATOM   562  N N   . VAL A 1 71  ? -2.129  1.405   -7.851  1.00 9.63  ? 71  VAL A N   1 
ATOM   563  C CA  . VAL A 1 71  ? -0.849  0.698   -7.862  1.00 9.20  ? 71  VAL A CA  1 
ATOM   564  C C   . VAL A 1 71  ? 0.143   1.426   -8.756  1.00 9.46  ? 71  VAL A C   1 
ATOM   565  O O   . VAL A 1 71  ? 1.302   1.647   -8.383  1.00 10.55 ? 71  VAL A O   1 
ATOM   566  C CB  . VAL A 1 71  ? -1.037  -0.767  -8.295  1.00 9.73  ? 71  VAL A CB  1 
ATOM   567  C CG1 . VAL A 1 71  ? 0.317   -1.453  -8.494  1.00 11.63 ? 71  VAL A CG1 1 
ATOM   568  C CG2 . VAL A 1 71  ? -1.869  -1.518  -7.277  1.00 11.43 ? 71  VAL A CG2 1 
ATOM   569  N N   . ASP A 1 72  ? -0.305  1.814   -9.950  1.00 10.01 ? 72  ASP A N   1 
ATOM   570  C CA  . ASP A 1 72  ? 0.580   2.514   -10.874 1.00 10.82 ? 72  ASP A CA  1 
ATOM   571  C C   . ASP A 1 72  ? 1.076   3.817   -10.268 1.00 11.27 ? 72  ASP A C   1 
ATOM   572  O O   . ASP A 1 72  ? 2.248   4.177   -10.425 1.00 11.65 ? 72  ASP A O   1 
ATOM   573  C CB  . ASP A 1 72  ? -0.136  2.798   -12.192 1.00 11.43 ? 72  ASP A CB  1 
ATOM   574  C CG  . ASP A 1 72  ? -0.371  1.547   -13.027 1.00 12.03 ? 72  ASP A CG  1 
ATOM   575  O OD1 . ASP A 1 72  ? 0.290   0.506   -12.802 1.00 13.65 ? 72  ASP A OD1 1 
ATOM   576  O OD2 . ASP A 1 72  ? -1.224  1.622   -13.941 1.00 14.57 ? 72  ASP A OD2 1 
ATOM   577  N N   . ALA A 1 73  ? 0.195   4.536   -9.567  1.00 11.54 ? 73  ALA A N   1 
ATOM   578  C CA  . ALA A 1 73  ? 0.588   5.799   -8.952  1.00 12.18 ? 73  ALA A CA  1 
ATOM   579  C C   . ALA A 1 73  ? 1.657   5.580   -7.892  1.00 12.28 ? 73  ALA A C   1 
ATOM   580  O O   . ALA A 1 73  ? 2.577   6.396   -7.749  1.00 13.34 ? 73  ALA A O   1 
ATOM   581  C CB  . ALA A 1 73  ? -0.632  6.489   -8.344  1.00 15.00 ? 73  ALA A CB  1 
ATOM   582  N N   . ALA A 1 74  ? 1.558   4.482   -7.140  1.00 11.46 ? 74  ALA A N   1 
ATOM   583  C CA  . ALA A 1 74  ? 2.582   4.174   -6.148  1.00 12.07 ? 74  ALA A CA  1 
ATOM   584  C C   . ALA A 1 74  ? 3.924   3.908   -6.818  1.00 10.91 ? 74  ALA A C   1 
ATOM   585  O O   . ALA A 1 74  ? 4.964   4.421   -6.381  1.00 12.25 ? 74  ALA A O   1 
ATOM   586  C CB  . ALA A 1 74  ? 2.142   2.973   -5.307  1.00 12.65 ? 74  ALA A CB  1 
ATOM   587  N N   . VAL A 1 75  ? 3.920   3.100   -7.882  1.00 10.72 ? 75  VAL A N   1 
ATOM   588  C CA  . VAL A 1 75  ? 5.147   2.798   -8.615  1.00 11.06 ? 75  VAL A CA  1 
ATOM   589  C C   . VAL A 1 75  ? 5.761   4.071   -9.177  1.00 11.33 ? 75  VAL A C   1 
ATOM   590  O O   . VAL A 1 75  ? 6.958   4.332   -9.013  1.00 12.00 ? 75  VAL A O   1 
ATOM   591  C CB  . VAL A 1 75  ? 4.870   1.776   -9.733  1.00 10.87 ? 75  VAL A CB  1 
ATOM   592  C CG1 . VAL A 1 75  ? 6.092   1.611   -10.629 1.00 14.08 ? 75  VAL A CG1 1 
ATOM   593  C CG2 . VAL A 1 75  ? 4.443   0.455   -9.138  1.00 11.90 ? 75  VAL A CG2 1 
ATOM   594  N N   . ARG A 1 76  ? 4.960   4.868   -9.886  1.00 12.75 ? 76  ARG A N   1 
ATOM   595  C CA  . ARG A 1 76  ? 5.530   6.055   -10.509 1.00 14.70 ? 76  ARG A CA  1 
ATOM   596  C C   . ARG A 1 76  ? 6.029   7.049   -9.466  1.00 15.89 ? 76  ARG A C   1 
ATOM   597  O O   . ARG A 1 76  ? 7.021   7.746   -9.703  1.00 16.16 ? 76  ARG A O   1 
ATOM   598  C CB  . ARG A 1 76  ? 4.537   6.686   -11.484 1.00 17.42 ? 76  ARG A CB  1 
ATOM   599  C CG  . ARG A 1 76  ? 4.147   5.787   -12.663 1.00 18.60 ? 76  ARG A CG  1 
ATOM   600  C CD  . ARG A 1 76  ? 5.354   5.311   -13.477 1.00 20.57 ? 76  ARG A CD  1 
ATOM   601  N NE  . ARG A 1 76  ? 5.955   6.382   -14.272 1.00 19.67 ? 76  ARG A NE  1 
ATOM   602  C CZ  . ARG A 1 76  ? 5.521   6.778   -15.466 1.00 24.71 ? 76  ARG A CZ  1 
ATOM   603  N NH1 . ARG A 1 76  ? 4.466   6.198   -16.025 1.00 21.38 ? 76  ARG A NH1 1 
ATOM   604  N NH2 . ARG A 1 76  ? 6.143   7.764   -16.102 1.00 22.88 ? 76  ARG A NH2 1 
ATOM   605  N N   . GLY A 1 77  ? 5.378   7.106   -8.302  1.00 14.60 ? 77  GLY A N   1 
ATOM   606  C CA  . GLY A 1 77  ? 5.867   7.960   -7.233  1.00 16.05 ? 77  GLY A CA  1 
ATOM   607  C C   . GLY A 1 77  ? 7.225   7.521   -6.713  1.00 14.67 ? 77  GLY A C   1 
ATOM   608  O O   . GLY A 1 77  ? 8.102   8.353   -6.469  1.00 16.31 ? 77  GLY A O   1 
ATOM   609  N N   . ILE A 1 78  ? 7.408   6.209   -6.536  1.00 12.32 ? 78  ILE A N   1 
ATOM   610  C CA  . ILE A 1 78  ? 8.726   5.682   -6.184  1.00 12.54 ? 78  ILE A CA  1 
ATOM   611  C C   . ILE A 1 78  ? 9.755   6.097   -7.226  1.00 12.25 ? 78  ILE A C   1 
ATOM   612  O O   . ILE A 1 78  ? 10.841  6.594   -6.897  1.00 13.28 ? 78  ILE A O   1 
ATOM   613  C CB  . ILE A 1 78  ? 8.664   4.151   -6.037  1.00 11.64 ? 78  ILE A CB  1 
ATOM   614  C CG1 . ILE A 1 78  ? 7.894   3.752   -4.775  1.00 12.12 ? 78  ILE A CG1 1 
ATOM   615  C CG2 . ILE A 1 78  ? 10.062  3.568   -6.030  1.00 12.23 ? 78  ILE A CG2 1 
ATOM   616  C CD1 . ILE A 1 78  ? 7.501   2.292   -4.737  1.00 13.03 ? 78  ILE A CD1 1 
ATOM   617  N N   . LEU A 1 79  ? 9.424   5.907   -8.503  1.00 12.20 ? 79  LEU A N   1 
ATOM   618  C CA  . LEU A 1 79  ? 10.384  6.160   -9.572  1.00 12.95 ? 79  LEU A CA  1 
ATOM   619  C C   . LEU A 1 79  ? 10.718  7.638   -9.734  1.00 14.56 ? 79  LEU A C   1 
ATOM   620  O O   . LEU A 1 79  ? 11.786  7.962   -10.268 1.00 16.10 ? 79  LEU A O   1 
ATOM   621  C CB  . LEU A 1 79  ? 9.887   5.573   -10.893 1.00 14.04 ? 79  LEU A CB  1 
ATOM   622  C CG  . LEU A 1 79  ? 9.749   4.049   -10.927 1.00 14.66 ? 79  LEU A CG  1 
ATOM   623  C CD1 . LEU A 1 79  ? 9.224   3.588   -12.278 1.00 17.79 ? 79  LEU A CD1 1 
ATOM   624  C CD2 . LEU A 1 79  ? 11.073  3.369   -10.616 1.00 16.76 ? 79  LEU A CD2 1 
ATOM   625  N N   . ARG A 1 80  ? 9.839   8.535   -9.292  1.00 13.71 ? 80  ARG A N   1 
ATOM   626  C CA  . ARG A 1 80  ? 10.104  9.966   -9.375  1.00 15.43 ? 80  ARG A CA  1 
ATOM   627  C C   . ARG A 1 80  ? 10.822  10.505  -8.149  1.00 16.36 ? 80  ARG A C   1 
ATOM   628  O O   . ARG A 1 80  ? 11.262  11.662  -8.165  1.00 18.94 ? 80  ARG A O   1 
ATOM   629  C CB  . ARG A 1 80  ? 8.794   10.742  -9.572  1.00 18.42 ? 80  ARG A CB  1 
ATOM   630  C CG  . ARG A 1 80  ? 8.107   10.492  -10.907 1.00 21.89 ? 80  ARG A CG  1 
ATOM   631  C CD  . ARG A 1 80  ? 6.964   11.472  -11.135 1.00 27.36 ? 80  ARG A CD  1 
ATOM   632  N NE  . ARG A 1 80  ? 6.075   11.553  -9.979  1.00 32.04 ? 80  ARG A NE  1 
ATOM   633  C CZ  . ARG A 1 80  ? 4.913   10.915  -9.881  1.00 30.27 ? 80  ARG A CZ  1 
ATOM   634  N NH1 . ARG A 1 80  ? 4.490   10.148  -10.876 1.00 30.91 ? 80  ARG A NH1 1 
ATOM   635  N NH2 . ARG A 1 80  ? 4.171   11.046  -8.789  1.00 29.38 ? 80  ARG A NH2 1 
ATOM   636  N N   . ASN A 1 81  ? 10.965  9.700   -7.102  1.00 15.06 ? 81  ASN A N   1 
ATOM   637  C CA  . ASN A 1 81  ? 11.514  10.141  -5.828  1.00 15.68 ? 81  ASN A CA  1 
ATOM   638  C C   . ASN A 1 81  ? 12.992  9.771   -5.765  1.00 14.91 ? 81  ASN A C   1 
ATOM   639  O O   . ASN A 1 81  ? 13.341  8.587   -5.796  1.00 15.89 ? 81  ASN A O   1 
ATOM   640  C CB  . ASN A 1 81  ? 10.740  9.474   -4.692  1.00 16.93 ? 81  ASN A CB  1 
ATOM   641  C CG  . ASN A 1 81  ? 11.094  10.031  -3.337  1.00 18.10 ? 81  ASN A CG  1 
ATOM   642  O OD1 . ASN A 1 81  ? 12.258  10.031  -2.939  1.00 21.63 ? 81  ASN A OD1 1 
ATOM   643  N ND2 . ASN A 1 81  ? 10.087  10.506  -2.611  1.00 19.17 ? 81  ASN A ND2 1 
ATOM   644  N N   . ALA A 1 82  ? 13.855  10.788  -5.666  1.00 17.06 ? 82  ALA A N   1 
ATOM   645  C CA  . ALA A 1 82  ? 15.295  10.554  -5.709  1.00 17.79 ? 82  ALA A CA  1 
ATOM   646  C C   . ALA A 1 82  ? 15.797  9.741   -4.522  1.00 18.27 ? 82  ALA A C   1 
ATOM   647  O O   . ALA A 1 82  ? 16.874  9.143   -4.611  1.00 20.02 ? 82  ALA A O   1 
ATOM   648  C CB  . ALA A 1 82  ? 16.048  11.883  -5.800  1.00 21.15 ? 82  ALA A CB  1 
ATOM   649  N N   . LYS A 1 83  ? 15.054  9.706   -3.420  1.00 18.26 ? 83  LYS A N   1 
ATOM   650  C CA  . LYS A 1 83  ? 15.463  8.880   -2.291  1.00 18.48 ? 83  LYS A CA  1 
ATOM   651  C C   . LYS A 1 83  ? 15.006  7.437   -2.461  1.00 17.22 ? 83  LYS A C   1 
ATOM   652  O O   . LYS A 1 83  ? 15.745  6.504   -2.123  1.00 19.61 ? 83  LYS A O   1 
ATOM   653  C CB  . LYS A 1 83  ? 14.915  9.466   -0.989  1.00 22.24 ? 83  LYS A CB  1 
ATOM   654  C CG  . LYS A 1 83  ? 14.865  10.985  -0.963  1.00 27.80 ? 83  LYS A CG  1 
ATOM   655  C CD  . LYS A 1 83  ? 15.931  11.558  -0.048  1.00 31.84 ? 83  LYS A CD  1 
ATOM   656  C CE  . LYS A 1 83  ? 15.578  12.971  0.386   1.00 36.14 ? 83  LYS A CE  1 
ATOM   657  N NZ  . LYS A 1 83  ? 16.364  13.396  1.576   1.00 39.47 ? 83  LYS A NZ  1 
ATOM   658  N N   . LEU A 1 84  ? 13.805  7.236   -3.006  1.00 14.27 ? 84  LEU A N   1 
ATOM   659  C CA  . LEU A 1 84  ? 13.219  5.901   -3.067  1.00 13.05 ? 84  LEU A CA  1 
ATOM   660  C C   . LEU A 1 84  ? 13.697  5.108   -4.277  1.00 12.84 ? 84  LEU A C   1 
ATOM   661  O O   . LEU A 1 84  ? 13.921  3.896   -4.173  1.00 12.73 ? 84  LEU A O   1 
ATOM   662  C CB  . LEU A 1 84  ? 11.693  5.995   -3.067  1.00 14.36 ? 84  LEU A CB  1 
ATOM   663  C CG  . LEU A 1 84  ? 11.058  6.741   -1.894  1.00 15.01 ? 84  LEU A CG  1 
ATOM   664  C CD1 . LEU A 1 84  ? 9.545   6.767   -2.056  1.00 17.07 ? 84  LEU A CD1 1 
ATOM   665  C CD2 . LEU A 1 84  ? 11.452  6.111   -0.569  1.00 16.96 ? 84  LEU A CD2 1 
ATOM   666  N N   . LYS A 1 85  ? 13.854  5.764   -5.425  1.00 12.42 ? 85  LYS A N   1 
ATOM   667  C CA  . LYS A 1 85  ? 14.198  5.043   -6.650  1.00 13.16 ? 85  LYS A CA  1 
ATOM   668  C C   . LYS A 1 85  ? 15.476  4.221   -6.544  1.00 11.76 ? 85  LYS A C   1 
ATOM   669  O O   . LYS A 1 85  ? 15.461  3.052   -6.964  1.00 12.07 ? 85  LYS A O   1 
ATOM   670  C CB  . LYS A 1 85  ? 14.248  5.997   -7.846  1.00 13.03 ? 85  LYS A CB  1 
ATOM   671  C CG  . LYS A 1 85  ? 14.588  5.287   -9.143  1.00 14.18 ? 85  LYS A CG  1 
ATOM   672  C CD  . LYS A 1 85  ? 14.609  6.245   -10.318 1.00 16.58 ? 85  LYS A CD  1 
ATOM   673  C CE  . LYS A 1 85  ? 14.814  5.507   -11.628 1.00 19.32 ? 85  LYS A CE  1 
ATOM   674  N NZ  . LYS A 1 85  ? 16.159  4.884   -11.710 1.00 25.19 ? 85  LYS A NZ  1 
ATOM   675  N N   . PRO A 1 86  ? 16.599  4.750   -6.041  1.00 12.52 ? 86  PRO A N   1 
ATOM   676  C CA  . PRO A 1 86  ? 17.808  3.912   -5.973  1.00 13.82 ? 86  PRO A CA  1 
ATOM   677  C C   . PRO A 1 86  ? 17.617  2.664   -5.137  1.00 12.32 ? 86  PRO A C   1 
ATOM   678  O O   . PRO A 1 86  ? 18.123  1.591   -5.493  1.00 13.22 ? 86  PRO A O   1 
ATOM   679  C CB  . PRO A 1 86  ? 18.861  4.853   -5.367  1.00 15.72 ? 86  PRO A CB  1 
ATOM   680  C CG  . PRO A 1 86  ? 18.352  6.223   -5.643  1.00 18.87 ? 86  PRO A CG  1 
ATOM   681  C CD  . PRO A 1 86  ? 16.865  6.118   -5.563  1.00 14.59 ? 86  PRO A CD  1 
ATOM   682  N N   . VAL A 1 87  ? 16.893  2.768   -4.024  1.00 11.89 ? 87  VAL A N   1 
ATOM   683  C CA  . VAL A 1 87  ? 16.648  1.585   -3.207  1.00 12.23 ? 87  VAL A CA  1 
ATOM   684  C C   . VAL A 1 87  ? 15.753  0.606   -3.953  1.00 11.57 ? 87  VAL A C   1 
ATOM   685  O O   . VAL A 1 87  ? 16.028  -0.594  -4.013  1.00 11.14 ? 87  VAL A O   1 
ATOM   686  C CB  . VAL A 1 87  ? 16.060  1.974   -1.839  1.00 13.83 ? 87  VAL A CB  1 
ATOM   687  C CG1 . VAL A 1 87  ? 15.874  0.730   -0.986  1.00 14.27 ? 87  VAL A CG1 1 
ATOM   688  C CG2 . VAL A 1 87  ? 16.959  2.987   -1.147  1.00 16.92 ? 87  VAL A CG2 1 
ATOM   689  N N   . TYR A 1 88  ? 14.670  1.110   -4.539  1.00 11.35 ? 88  TYR A N   1 
ATOM   690  C CA  . TYR A 1 88  ? 13.764  0.266   -5.313  1.00 11.36 ? 88  TYR A CA  1 
ATOM   691  C C   . TYR A 1 88  ? 14.507  -0.499  -6.401  1.00 10.86 ? 88  TYR A C   1 
ATOM   692  O O   . TYR A 1 88  ? 14.313  -1.708  -6.582  1.00 11.29 ? 88  TYR A O   1 
ATOM   693  C CB  . TYR A 1 88  ? 12.687  1.158   -5.924  1.00 12.34 ? 88  TYR A CB  1 
ATOM   694  C CG  . TYR A 1 88  ? 11.592  0.434   -6.655  1.00 11.01 ? 88  TYR A CG  1 
ATOM   695  C CD1 . TYR A 1 88  ? 10.558  -0.187  -5.961  1.00 11.37 ? 88  TYR A CD1 1 
ATOM   696  C CD2 . TYR A 1 88  ? 11.573  0.394   -8.038  1.00 13.31 ? 88  TYR A CD2 1 
ATOM   697  C CE1 . TYR A 1 88  ? 9.537   -0.839  -6.635  1.00 13.62 ? 88  TYR A CE1 1 
ATOM   698  C CE2 . TYR A 1 88  ? 10.560  -0.250  -8.720  1.00 12.75 ? 88  TYR A CE2 1 
ATOM   699  C CZ  . TYR A 1 88  ? 9.547   -0.868  -8.013  1.00 12.22 ? 88  TYR A CZ  1 
ATOM   700  O OH  . TYR A 1 88  ? 8.536   -1.515  -8.689  1.00 15.24 ? 88  TYR A OH  1 
ATOM   701  N N   . ASP A 1 89  ? 15.359  0.200   -7.150  1.00 11.12 ? 89  ASP A N   1 
ATOM   702  C CA  . ASP A 1 89  ? 16.055  -0.438  -8.259  1.00 12.14 ? 89  ASP A CA  1 
ATOM   703  C C   . ASP A 1 89  ? 17.103  -1.436  -7.792  1.00 12.13 ? 89  ASP A C   1 
ATOM   704  O O   . ASP A 1 89  ? 17.540  -2.272  -8.588  1.00 13.94 ? 89  ASP A O   1 
ATOM   705  C CB  . ASP A 1 89  ? 16.650  0.612   -9.189  1.00 13.72 ? 89  ASP A CB  1 
ATOM   706  C CG  . ASP A 1 89  ? 15.601  1.242   -10.091 1.00 18.86 ? 89  ASP A CG  1 
ATOM   707  O OD1 . ASP A 1 89  ? 14.468  0.719   -10.137 1.00 20.30 ? 89  ASP A OD1 1 
ATOM   708  O OD2 . ASP A 1 89  ? 15.914  2.246   -10.758 1.00 24.16 ? 89  ASP A OD2 1 
ATOM   709  N N   . SER A 1 90  ? 17.503  -1.381  -6.526  1.00 10.91 ? 90  SER A N   1 
ATOM   710  C CA  . SER A 1 90  ? 18.430  -2.374  -6.004  1.00 11.52 ? 90  SER A CA  1 
ATOM   711  C C   . SER A 1 90  ? 17.752  -3.690  -5.648  1.00 10.59 ? 90  SER A C   1 
ATOM   712  O O   . SER A 1 90  ? 18.452  -4.689  -5.434  1.00 11.13 ? 90  SER A O   1 
ATOM   713  C CB  . SER A 1 90  ? 19.164  -1.826  -4.776  1.00 11.73 ? 90  SER A CB  1 
ATOM   714  O OG  . SER A 1 90  ? 18.350  -1.856  -3.618  1.00 11.38 ? 90  SER A OG  1 
ATOM   715  N N   . LEU A 1 91  ? 16.421  -3.715  -5.576  1.00 10.30 ? 91  LEU A N   1 
ATOM   716  C CA  . LEU A 1 91  ? 15.681  -4.870  -5.094  1.00 11.09 ? 91  LEU A CA  1 
ATOM   717  C C   . LEU A 1 91  ? 15.293  -5.810  -6.227  1.00 10.70 ? 91  LEU A C   1 
ATOM   718  O O   . LEU A 1 91  ? 15.107  -5.397  -7.374  1.00 12.09 ? 91  LEU A O   1 
ATOM   719  C CB  . LEU A 1 91  ? 14.401  -4.413  -4.398  1.00 10.07 ? 91  LEU A CB  1 
ATOM   720  C CG  . LEU A 1 91  ? 14.550  -3.555  -3.142  1.00 12.18 ? 91  LEU A CG  1 
ATOM   721  C CD1 . LEU A 1 91  ? 13.202  -2.983  -2.734  1.00 13.89 ? 91  LEU A CD1 1 
ATOM   722  C CD2 . LEU A 1 91  ? 15.147  -4.368  -2.014  1.00 13.66 ? 91  LEU A CD2 1 
ATOM   723  N N   . ASP A 1 92  ? 15.137  -7.084  -5.878  1.00 10.85 ? 92  ASP A N   1 
ATOM   724  C CA  . ASP A 1 92  ? 14.513  -8.076  -6.738  1.00 11.11 ? 92  ASP A CA  1 
ATOM   725  C C   . ASP A 1 92  ? 13.001  -7.823  -6.821  1.00 10.61 ? 92  ASP A C   1 
ATOM   726  O O   . ASP A 1 92  ? 12.430  -7.026  -6.067  1.00 10.92 ? 92  ASP A O   1 
ATOM   727  C CB  . ASP A 1 92  ? 14.746  -9.464  -6.154  1.00 12.02 ? 92  ASP A CB  1 
ATOM   728  C CG  . ASP A 1 92  ? 14.199  -9.567  -4.758  1.00 11.86 ? 92  ASP A CG  1 
ATOM   729  O OD1 . ASP A 1 92  ? 14.926  -9.187  -3.813  1.00 11.90 ? 92  ASP A OD1 1 
ATOM   730  O OD2 . ASP A 1 92  ? 13.019  -9.976  -4.613  1.00 12.55 ? 92  ASP A OD2 1 
ATOM   731  N N   . ALA A 1 93  ? 12.342  -8.550  -7.730  1.00 12.52 ? 93  ALA A N   1 
ATOM   732  C CA  . ALA A 1 93  ? 10.945  -8.264  -8.052  1.00 12.21 ? 93  ALA A CA  1 
ATOM   733  C C   . ALA A 1 93  ? 10.017  -8.496  -6.864  1.00 11.89 ? 93  ALA A C   1 
ATOM   734  O O   . ALA A 1 93  ? 9.056   -7.742  -6.664  1.00 12.40 ? 93  ALA A O   1 
ATOM   735  C CB  . ALA A 1 93  ? 10.496  -9.100  -9.251  1.00 15.47 ? 93  ALA A CB  1 
ATOM   736  N N   . VAL A 1 94  ? 10.269  -9.545  -6.078  1.00 11.04 ? 94  VAL A N   1 
ATOM   737  C CA  . VAL A 1 94  ? 9.392   -9.835  -4.947  1.00 11.25 ? 94  VAL A CA  1 
ATOM   738  C C   . VAL A 1 94  ? 9.510   -8.743  -3.893  1.00 9.96  ? 94  VAL A C   1 
ATOM   739  O O   . VAL A 1 94  ? 8.504   -8.241  -3.367  1.00 10.30 ? 94  VAL A O   1 
ATOM   740  C CB  . VAL A 1 94  ? 9.694   -11.235 -4.380  1.00 11.89 ? 94  VAL A CB  1 
ATOM   741  C CG1 . VAL A 1 94  ? 8.836   -11.505 -3.160  1.00 13.58 ? 94  VAL A CG1 1 
ATOM   742  C CG2 . VAL A 1 94  ? 9.456   -12.296 -5.451  1.00 13.99 ? 94  VAL A CG2 1 
ATOM   743  N N   . ARG A 1 95  ? 10.741  -8.339  -3.581  1.00 9.32  ? 95  ARG A N   1 
ATOM   744  C CA  . ARG A 1 95  ? 10.917  -7.273  -2.610  1.00 9.52  ? 95  ARG A CA  1 
ATOM   745  C C   . ARG A 1 95  ? 10.412  -5.934  -3.136  1.00 9.00  ? 95  ARG A C   1 
ATOM   746  O O   . ARG A 1 95  ? 9.937   -5.108  -2.352  1.00 9.26  ? 95  ARG A O   1 
ATOM   747  C CB  . ARG A 1 95  ? 12.371  -7.212  -2.158  1.00 9.41  ? 95  ARG A CB  1 
ATOM   748  C CG  . ARG A 1 95  ? 12.794  -8.455  -1.369  1.00 9.45  ? 95  ARG A CG  1 
ATOM   749  C CD  . ARG A 1 95  ? 14.177  -8.285  -0.795  1.00 10.23 ? 95  ARG A CD  1 
ATOM   750  N NE  . ARG A 1 95  ? 14.582  -9.348  0.130   1.00 10.47 ? 95  ARG A NE  1 
ATOM   751  C CZ  . ARG A 1 95  ? 15.232  -10.458 -0.216  1.00 10.39 ? 95  ARG A CZ  1 
ATOM   752  N NH1 . ARG A 1 95  ? 15.546  -10.700 -1.482  1.00 11.59 ? 95  ARG A NH1 1 
ATOM   753  N NH2 . ARG A 1 95  ? 15.578  -11.336 0.721   1.00 11.07 ? 95  ARG A NH2 1 
ATOM   754  N N   . ARG A 1 96  ? 10.484  -5.700  -4.451  1.00 9.27  ? 96  ARG A N   1 
ATOM   755  C CA  . ARG A 1 96  ? 9.877   -4.491  -5.001  1.00 9.28  ? 96  ARG A CA  1 
ATOM   756  C C   . ARG A 1 96  ? 8.383   -4.451  -4.711  1.00 9.15  ? 96  ARG A C   1 
ATOM   757  O O   . ARG A 1 96  ? 7.823   -3.377  -4.463  1.00 9.48  ? 96  ARG A O   1 
ATOM   758  C CB  . ARG A 1 96  ? 10.139  -4.382  -6.505  1.00 10.53 ? 96  ARG A CB  1 
ATOM   759  C CG  . ARG A 1 96  ? 11.562  -3.959  -6.836  1.00 10.23 ? 96  ARG A CG  1 
ATOM   760  C CD  . ARG A 1 96  ? 11.760  -3.823  -8.336  1.00 11.79 ? 96  ARG A CD  1 
ATOM   761  N NE  . ARG A 1 96  ? 13.136  -3.489  -8.685  1.00 18.21 ? 96  ARG A NE  1 
ATOM   762  C CZ  . ARG A 1 96  ? 13.687  -3.723  -9.872  1.00 19.44 ? 96  ARG A CZ  1 
ATOM   763  N NH1 . ARG A 1 96  ? 12.981  -4.299  -10.837 1.00 21.85 ? 96  ARG A NH1 1 
ATOM   764  N NH2 . ARG A 1 96  ? 14.951  -3.387  -10.094 1.00 19.21 ? 96  ARG A NH2 1 
ATOM   765  N N   . CYS A 1 97  ? 7.724   -5.610  -4.729  1.00 9.18  ? 97  CYS A N   1 
ATOM   766  C CA  . CYS A 1 97  ? 6.307   -5.647  -4.375  1.00 9.31  ? 97  CYS A CA  1 
ATOM   767  C C   . CYS A 1 97  ? 6.085   -5.197  -2.937  1.00 8.94  ? 97  CYS A C   1 
ATOM   768  O O   . CYS A 1 97  ? 5.117   -4.477  -2.647  1.00 9.32  ? 97  CYS A O   1 
ATOM   769  C CB  . CYS A 1 97  ? 5.730   -7.042  -4.587  1.00 9.41  ? 97  CYS A CB  1 
ATOM   770  S SG  . CYS A 1 97  ? 5.580   -7.539  -6.298  1.00 10.07 ? 97  CYS A SG  1 
ATOM   771  N N   . ALA A 1 98  ? 6.951   -5.623  -2.015  1.00 8.84  ? 98  ALA A N   1 
ATOM   772  C CA  . ALA A 1 98  ? 6.833   -5.171  -0.632  1.00 9.23  ? 98  ALA A CA  1 
ATOM   773  C C   . ALA A 1 98  ? 6.982   -3.656  -0.526  1.00 8.12  ? 98  ALA A C   1 
ATOM   774  O O   . ALA A 1 98  ? 6.263   -3.005  0.238   1.00 9.15  ? 98  ALA A O   1 
ATOM   775  C CB  . ALA A 1 98  ? 7.853   -5.901  0.242   1.00 9.42  ? 98  ALA A CB  1 
ATOM   776  N N   . ALA A 1 99  ? 7.892   -3.077  -1.312  1.00 8.88  ? 99  ALA A N   1 
ATOM   777  C CA  . ALA A 1 99  ? 8.062   -1.628  -1.307  1.00 9.64  ? 99  ALA A CA  1 
ATOM   778  C C   . ALA A 1 99  ? 6.815   -0.928  -1.827  1.00 8.91  ? 99  ALA A C   1 
ATOM   779  O O   . ALA A 1 99  ? 6.353   0.057   -1.239  1.00 9.65  ? 99  ALA A O   1 
ATOM   780  C CB  . ALA A 1 99  ? 9.273   -1.248  -2.153  1.00 10.36 ? 99  ALA A CB  1 
ATOM   781  N N   . ILE A 1 100 ? 6.263   -1.411  -2.940  1.00 8.80  ? 100 ILE A N   1 
ATOM   782  C CA  . ILE A 1 100 ? 5.040   -0.807  -3.465  1.00 8.86  ? 100 ILE A CA  1 
ATOM   783  C C   . ILE A 1 100 ? 3.919   -0.907  -2.443  1.00 8.75  ? 100 ILE A C   1 
ATOM   784  O O   . ILE A 1 100 ? 3.120   0.028   -2.277  1.00 9.40  ? 100 ILE A O   1 
ATOM   785  C CB  . ILE A 1 100 ? 4.622   -1.458  -4.796  1.00 9.28  ? 100 ILE A CB  1 
ATOM   786  C CG1 . ILE A 1 100 ? 5.682   -1.260  -5.878  1.00 10.03 ? 100 ILE A CG1 1 
ATOM   787  C CG2 . ILE A 1 100 ? 3.278   -0.904  -5.253  1.00 9.58  ? 100 ILE A CG2 1 
ATOM   788  C CD1 . ILE A 1 100 ? 5.530   -2.223  -7.033  1.00 11.15 ? 100 ILE A CD1 1 
ATOM   789  N N   . ASN A 1 101 ? 3.818   -2.056  -1.776  1.00 9.25  ? 101 ASN A N   1 
ATOM   790  C CA  . ASN A 1 101 ? 2.779   -2.265  -0.776  1.00 9.03  ? 101 ASN A CA  1 
ATOM   791  C C   . ASN A 1 101 ? 2.830   -1.175  0.291   1.00 8.74  ? 101 ASN A C   1 
ATOM   792  O O   . ASN A 1 101 ? 1.802   -0.575  0.642   1.00 9.12  ? 101 ASN A O   1 
ATOM   793  C CB  . ASN A 1 101 ? 2.980   -3.662  -0.183  1.00 9.48  ? 101 ASN A CB  1 
ATOM   794  C CG  . ASN A 1 101 ? 1.810   -4.137  0.646   1.00 8.86  ? 101 ASN A CG  1 
ATOM   795  O OD1 . ASN A 1 101 ? 1.389   -3.465  1.589   1.00 9.34  ? 101 ASN A OD1 1 
ATOM   796  N ND2 . ASN A 1 101 ? 1.287   -5.310  0.316   1.00 9.39  ? 101 ASN A ND2 1 
ATOM   797  N N   . MET A 1 102 ? 4.032   -0.902  0.814   1.00 8.63  ? 102 MET A N   1 
ATOM   798  C CA  . MET A 1 102 ? 4.176   0.132   1.836   1.00 9.00  ? 102 MET A CA  1 
ATOM   799  C C   . MET A 1 102 ? 3.816   1.517   1.309   1.00 9.37  ? 102 MET A C   1 
ATOM   800  O O   . MET A 1 102 ? 3.161   2.300   2.006   1.00 10.21 ? 102 MET A O   1 
ATOM   801  C CB  . MET A 1 102 ? 5.592   0.119   2.412   1.00 9.46  ? 102 MET A CB  1 
ATOM   802  C CG  . MET A 1 102 ? 5.891   -1.139  3.207   1.00 9.95  ? 102 MET A CG  1 
ATOM   803  S SD  . MET A 1 102 ? 7.439   -1.074  4.108   1.00 10.82 ? 102 MET A SD  1 
ATOM   804  C CE  . MET A 1 102 ? 7.075   0.127   5.389   1.00 11.56 ? 102 MET A CE  1 
ATOM   805  N N   . VAL A 1 103 ? 4.241   1.849   0.089   1.00 9.54  ? 103 VAL A N   1 
ATOM   806  C CA  . VAL A 1 103 ? 3.898   3.157   -0.472  1.00 9.80  ? 103 VAL A CA  1 
ATOM   807  C C   . VAL A 1 103 ? 2.399   3.267   -0.718  1.00 10.21 ? 103 VAL A C   1 
ATOM   808  O O   . VAL A 1 103 ? 1.794   4.327   -0.506  1.00 11.00 ? 103 VAL A O   1 
ATOM   809  C CB  . VAL A 1 103 ? 4.735   3.449   -1.730  1.00 10.24 ? 103 VAL A CB  1 
ATOM   810  C CG1 . VAL A 1 103 ? 4.284   4.729   -2.408  1.00 12.24 ? 103 VAL A CG1 1 
ATOM   811  C CG2 . VAL A 1 103 ? 6.206   3.545   -1.361  1.00 12.02 ? 103 VAL A CG2 1 
ATOM   812  N N   . PHE A 1 104 ? 1.773   2.177   -1.163  1.00 9.57  ? 104 PHE A N   1 
ATOM   813  C CA  . PHE A 1 104 ? 0.323   2.160   -1.320  1.00 9.72  ? 104 PHE A CA  1 
ATOM   814  C C   . PHE A 1 104 ? -0.370  2.449   0.006   1.00 10.30 ? 104 PHE A C   1 
ATOM   815  O O   . PHE A 1 104 ? -1.313  3.247   0.067   1.00 11.24 ? 104 PHE A O   1 
ATOM   816  C CB  . PHE A 1 104 ? -0.072  0.792   -1.880  1.00 10.14 ? 104 PHE A CB  1 
ATOM   817  C CG  . PHE A 1 104 ? -1.527  0.646   -2.266  1.00 8.94  ? 104 PHE A CG  1 
ATOM   818  C CD1 . PHE A 1 104 ? -2.491  0.381   -1.312  1.00 10.32 ? 104 PHE A CD1 1 
ATOM   819  C CD2 . PHE A 1 104 ? -1.910  0.688   -3.599  1.00 9.85  ? 104 PHE A CD2 1 
ATOM   820  C CE1 . PHE A 1 104 ? -3.811  0.195   -1.673  1.00 11.42 ? 104 PHE A CE1 1 
ATOM   821  C CE2 . PHE A 1 104 ? -3.232  0.499   -3.965  1.00 10.88 ? 104 PHE A CE2 1 
ATOM   822  C CZ  . PHE A 1 104 ? -4.181  0.261   -3.001  1.00 12.17 ? 104 PHE A CZ  1 
ATOM   823  N N   . GLN A 1 105 ? 0.113   1.845   1.086   1.00 9.93  ? 105 GLN A N   1 
ATOM   824  C CA  . GLN A 1 105 ? -0.553  2.004   2.368   1.00 10.43 ? 105 GLN A CA  1 
ATOM   825  C C   . GLN A 1 105 ? -0.308  3.373   2.992   1.00 11.22 ? 105 GLN A C   1 
ATOM   826  O O   . GLN A 1 105 ? -1.236  3.974   3.545   1.00 12.67 ? 105 GLN A O   1 
ATOM   827  C CB  . GLN A 1 105 ? -0.115  0.897   3.325   1.00 10.39 ? 105 GLN A CB  1 
ATOM   828  C CG  . GLN A 1 105 ? -0.846  0.946   4.659   1.00 11.62 ? 105 GLN A CG  1 
ATOM   829  C CD  . GLN A 1 105 ? -0.440  -0.156  5.628   1.00 10.50 ? 105 GLN A CD  1 
ATOM   830  O OE1 . GLN A 1 105 ? 0.404   -0.993  5.326   1.00 10.84 ? 105 GLN A OE1 1 
ATOM   831  N NE2 . GLN A 1 105 ? -1.051  -0.156  6.808   1.00 12.54 ? 105 GLN A NE2 1 
ATOM   832  N N   . MET A 1 106 ? 0.917   3.891   2.932   1.00 11.49 ? 106 MET A N   1 
ATOM   833  C CA  A MET A 1 106 ? 1.206   5.101   3.685   0.37 13.25 ? 106 MET A CA  1 
ATOM   834  C CA  B MET A 1 106 ? 1.306   5.071   3.694   0.63 13.19 ? 106 MET A CA  1 
ATOM   835  C C   . MET A 1 106 ? 1.696   6.275   2.851   1.00 13.46 ? 106 MET A C   1 
ATOM   836  O O   . MET A 1 106 ? 1.883   7.363   3.410   1.00 14.73 ? 106 MET A O   1 
ATOM   837  C CB  A MET A 1 106 ? 2.159   4.816   4.854   0.37 15.90 ? 106 MET A CB  1 
ATOM   838  C CB  B MET A 1 106 ? 2.473   4.737   4.632   0.63 15.16 ? 106 MET A CB  1 
ATOM   839  C CG  A MET A 1 106 ? 3.564   4.504   4.433   0.37 15.07 ? 106 MET A CG  1 
ATOM   840  C CG  B MET A 1 106 ? 2.086   3.776   5.731   0.63 16.06 ? 106 MET A CG  1 
ATOM   841  S SD  A MET A 1 106 ? 4.515   3.672   5.717   0.37 17.07 ? 106 MET A SD  1 
ATOM   842  S SD  B MET A 1 106 ? 3.488   3.312   6.741   0.63 16.46 ? 106 MET A SD  1 
ATOM   843  C CE  A MET A 1 106 ? 3.790   2.033   5.634   0.37 15.87 ? 106 MET A CE  1 
ATOM   844  C CE  B MET A 1 106 ? 4.149   1.962   5.780   0.63 16.83 ? 106 MET A CE  1 
ATOM   845  N N   . GLY A 1 107 ? 1.866   6.110   1.546   1.00 13.12 ? 107 GLY A N   1 
ATOM   846  C CA  . GLY A 1 107 ? 2.303   7.193   0.693   1.00 14.69 ? 107 GLY A CA  1 
ATOM   847  C C   . GLY A 1 107 ? 3.776   7.510   0.865   1.00 15.55 ? 107 GLY A C   1 
ATOM   848  O O   . GLY A 1 107 ? 4.461   6.998   1.749   1.00 15.71 ? 107 GLY A O   1 
ATOM   849  N N   . GLU A 1 108 ? 4.270   8.388   -0.010  1.00 16.59 ? 108 GLU A N   1 
ATOM   850  C CA  . GLU A 1 108 ? 5.665   8.800   0.090   1.00 17.68 ? 108 GLU A CA  1 
ATOM   851  C C   . GLU A 1 108 ? 5.945   9.503   1.413   1.00 17.70 ? 108 GLU A C   1 
ATOM   852  O O   . GLU A 1 108 ? 7.009   9.311   2.008   1.00 18.72 ? 108 GLU A O   1 
ATOM   853  C CB  . GLU A 1 108 ? 6.045   9.692   -1.090  1.00 18.84 ? 108 GLU A CB  1 
ATOM   854  C CG  . GLU A 1 108 ? 5.992   8.981   -2.428  1.00 22.04 ? 108 GLU A CG  1 
ATOM   855  C CD  . GLU A 1 108 ? 6.301   9.901   -3.594  1.00 23.13 ? 108 GLU A CD  1 
ATOM   856  O OE1 . GLU A 1 108 ? 7.299   10.649  -3.522  1.00 21.98 ? 108 GLU A OE1 1 
ATOM   857  O OE2 . GLU A 1 108 ? 5.538   9.881   -4.582  1.00 27.07 ? 108 GLU A OE2 1 
ATOM   858  N N   A THR A 1 109 ? 5.003   10.319  1.891   0.84 17.13 ? 109 THR A N   1 
ATOM   859  C CA  A THR A 1 109 ? 5.218   11.006  3.161   0.84 19.43 ? 109 THR A CA  1 
ATOM   860  C C   A THR A 1 109 ? 5.233   10.027  4.330   0.84 17.87 ? 109 THR A C   1 
ATOM   861  O O   A THR A 1 109 ? 6.015   10.195  5.272   0.84 17.28 ? 109 THR A O   1 
ATOM   862  C CB  A THR A 1 109 ? 4.163   12.091  3.366   0.84 23.45 ? 109 THR A CB  1 
ATOM   863  O OG1 A THR A 1 109 ? 2.910   11.486  3.708   0.84 28.82 ? 109 THR A OG1 1 
ATOM   864  C CG2 A THR A 1 109 ? 4.000   12.915  2.101   0.84 23.79 ? 109 THR A CG2 1 
ATOM   865  N N   A GLY A 1 110 ? 4.388   8.993   4.281   0.84 15.19 ? 110 GLY A N   1 
ATOM   866  C CA  A GLY A 1 110 ? 4.337   8.036   5.372   0.84 18.06 ? 110 GLY A CA  1 
ATOM   867  C C   A GLY A 1 110 ? 5.572   7.167   5.476   0.84 14.38 ? 110 GLY A C   1 
ATOM   868  O O   A GLY A 1 110 ? 5.879   6.657   6.558   0.84 17.67 ? 110 GLY A O   1 
ATOM   869  N N   A VAL A 1 111 ? 6.298   6.980   4.365   0.84 15.60 ? 111 VAL A N   1 
ATOM   870  C CA  A VAL A 1 111 ? 7.539   6.209   4.391   0.84 15.35 ? 111 VAL A CA  1 
ATOM   871  C C   A VAL A 1 111 ? 8.772   7.074   4.617   0.84 15.29 ? 111 VAL A C   1 
ATOM   872  O O   A VAL A 1 111 ? 9.890   6.543   4.629   0.84 14.09 ? 111 VAL A O   1 
ATOM   873  C CB  A VAL A 1 111 ? 7.757   5.332   3.136   0.84 15.34 ? 111 VAL A CB  1 
ATOM   874  C CG1 A VAL A 1 111 ? 6.599   4.374   2.926   0.84 17.88 ? 111 VAL A CG1 1 
ATOM   875  C CG2 A VAL A 1 111 ? 7.971   6.192   1.901   0.84 16.72 ? 111 VAL A CG2 1 
ATOM   876  N N   A ALA A 1 112 ? 8.607   8.388   4.802   0.84 15.78 ? 112 ALA A N   1 
ATOM   877  C CA  A ALA A 1 112 ? 9.766   9.273   4.899   0.84 16.09 ? 112 ALA A CA  1 
ATOM   878  C C   A ALA A 1 112 ? 10.651  8.937   6.094   0.84 15.55 ? 112 ALA A C   1 
ATOM   879  O O   A ALA A 1 112 ? 11.874  9.096   6.017   0.84 16.05 ? 112 ALA A O   1 
ATOM   880  C CB  A ALA A 1 112 ? 9.318   10.735  4.947   0.84 18.62 ? 112 ALA A CB  1 
ATOM   881  N N   A GLY A 1 113 ? 10.065  8.465   7.196   0.84 15.53 ? 113 GLY A N   1 
ATOM   882  C CA  A GLY A 1 113 ? 10.842  8.100   8.365   0.84 15.55 ? 113 GLY A CA  1 
ATOM   883  C C   A GLY A 1 113 ? 11.565  6.777   8.280   0.84 14.11 ? 113 GLY A C   1 
ATOM   884  O O   A GLY A 1 113 ? 12.289  6.414   9.212   0.84 15.21 ? 113 GLY A O   1 
ATOM   885  N N   . PHE A 1 114 ? 11.398  6.053   7.171   1.00 15.18 ? 114 PHE A N   1 
ATOM   886  C CA  . PHE A 1 114 ? 11.997  4.740   6.988   1.00 13.02 ? 114 PHE A CA  1 
ATOM   887  C C   . PHE A 1 114 ? 13.403  4.799   6.389   1.00 13.57 ? 114 PHE A C   1 
ATOM   888  O O   . PHE A 1 114 ? 13.901  3.779   5.904   1.00 13.94 ? 114 PHE A O   1 
ATOM   889  C CB  . PHE A 1 114 ? 11.059  3.830   6.186   1.00 13.22 ? 114 PHE A CB  1 
ATOM   890  C CG  . PHE A 1 114 ? 9.869   3.351   6.978   1.00 13.91 ? 114 PHE A CG  1 
ATOM   891  C CD1 . PHE A 1 114 ? 8.749   4.153   7.129   1.00 16.59 ? 114 PHE A CD1 1 
ATOM   892  C CD2 . PHE A 1 114 ? 9.882   2.112   7.595   1.00 12.62 ? 114 PHE A CD2 1 
ATOM   893  C CE1 . PHE A 1 114 ? 7.657   3.716   7.869   1.00 17.46 ? 114 PHE A CE1 1 
ATOM   894  C CE2 . PHE A 1 114 ? 8.793   1.670   8.332   1.00 13.05 ? 114 PHE A CE2 1 
ATOM   895  C CZ  . PHE A 1 114 ? 7.683   2.473   8.471   1.00 14.19 ? 114 PHE A CZ  1 
ATOM   896  N N   . THR A 1 115 ? 14.067  5.957   6.476   1.00 13.95 ? 115 THR A N   1 
ATOM   897  C CA  . THR A 1 115 ? 15.403  6.140   5.906   1.00 14.80 ? 115 THR A CA  1 
ATOM   898  C C   . THR A 1 115 ? 16.379  5.037   6.314   1.00 14.24 ? 115 THR A C   1 
ATOM   899  O O   . THR A 1 115 ? 17.106  4.498   5.470   1.00 14.05 ? 115 THR A O   1 
ATOM   900  C CB  . THR A 1 115 ? 15.952  7.505   6.323   1.00 16.22 ? 115 THR A CB  1 
ATOM   901  O OG1 . THR A 1 115 ? 15.014  8.522   5.960   1.00 18.03 ? 115 THR A OG1 1 
ATOM   902  C CG2 . THR A 1 115 ? 17.288  7.784   5.644   1.00 19.86 ? 115 THR A CG2 1 
ATOM   903  N N   . ASN A 1 116 ? 16.442  4.711   7.611   1.00 14.14 ? 116 ASN A N   1 
ATOM   904  C CA  . ASN A 1 116 ? 17.386  3.686   8.049   1.00 13.27 ? 116 ASN A CA  1 
ATOM   905  C C   . ASN A 1 116 ? 16.995  2.313   7.521   1.00 12.37 ? 116 ASN A C   1 
ATOM   906  O O   . ASN A 1 116 ? 17.864  1.522   7.150   1.00 12.89 ? 116 ASN A O   1 
ATOM   907  C CB  . ASN A 1 116 ? 17.524  3.684   9.572   1.00 13.64 ? 116 ASN A CB  1 
ATOM   908  C CG  . ASN A 1 116 ? 18.026  5.007   10.110  1.00 14.07 ? 116 ASN A CG  1 
ATOM   909  N N   . SER A 1 117 ? 15.692  2.012   7.476   1.00 12.05 ? 117 SER A N   1 
ATOM   910  C CA  . SER A 1 117 ? 15.236  0.756   6.882   1.00 12.05 ? 117 SER A CA  1 
ATOM   911  C C   . SER A 1 117 ? 15.663  0.667   5.423   1.00 12.00 ? 117 SER A C   1 
ATOM   912  O O   . SER A 1 117 ? 16.135  -0.377  4.962   1.00 12.06 ? 117 SER A O   1 
ATOM   913  C CB  . SER A 1 117 ? 13.710  0.640   6.962   1.00 13.14 ? 117 SER A CB  1 
ATOM   914  O OG  . SER A 1 117 ? 13.185  1.017   8.223   1.00 16.41 ? 117 SER A OG  1 
ATOM   915  N N   . LEU A 1 118 ? 15.470  1.758   4.677   1.00 11.70 ? 118 LEU A N   1 
ATOM   916  C CA  . LEU A 1 118 ? 15.840  1.783   3.267   1.00 12.25 ? 118 LEU A CA  1 
ATOM   917  C C   . LEU A 1 118 ? 17.323  1.516   3.085   1.00 12.62 ? 118 LEU A C   1 
ATOM   918  O O   . LEU A 1 118 ? 17.723  0.794   2.164   1.00 12.62 ? 118 LEU A O   1 
ATOM   919  C CB  . LEU A 1 118 ? 15.504  3.148   2.666   1.00 15.08 ? 118 LEU A CB  1 
ATOM   920  C CG  . LEU A 1 118 ? 14.048  3.589   2.586   1.00 18.08 ? 118 LEU A CG  1 
ATOM   921  C CD1 . LEU A 1 118 ? 13.937  5.094   2.382   1.00 19.86 ? 118 LEU A CD1 1 
ATOM   922  C CD2 . LEU A 1 118 ? 13.406  2.861   1.456   1.00 17.77 ? 118 LEU A CD2 1 
ATOM   923  N N   . ARG A 1 119 ? 18.160  2.109   3.943   1.00 13.10 ? 119 ARG A N   1 
ATOM   924  C CA  . ARG A 1 119 ? 19.595  1.875   3.839   1.00 14.23 ? 119 ARG A CA  1 
ATOM   925  C C   . ARG A 1 119 ? 19.922  0.407   4.066   1.00 12.81 ? 119 ARG A C   1 
ATOM   926  O O   . ARG A 1 119 ? 20.693  -0.187  3.306   1.00 13.22 ? 119 ARG A O   1 
ATOM   927  C CB  . ARG A 1 119 ? 20.361  2.765   4.820   1.00 15.33 ? 119 ARG A CB  1 
ATOM   928  C CG  . ARG A 1 119 ? 21.872  2.548   4.782   1.00 17.03 ? 119 ARG A CG  1 
ATOM   929  C CD  . ARG A 1 119 ? 22.584  3.353   5.868   1.00 21.44 ? 119 ARG A CD  1 
ATOM   930  N NE  . ARG A 1 119 ? 22.268  4.778   5.793   1.00 24.80 ? 119 ARG A NE  1 
ATOM   931  C CZ  . ARG A 1 119 ? 21.491  5.426   6.658   1.00 25.69 ? 119 ARG A CZ  1 
ATOM   932  N NH1 . ARG A 1 119 ? 20.936  4.777   7.674   1.00 22.16 ? 119 ARG A NH1 1 
ATOM   933  N NH2 . ARG A 1 119 ? 21.264  6.724   6.504   1.00 29.53 ? 119 ARG A NH2 1 
ATOM   934  N N   . MET A 1 120 ? 19.321  -0.203  5.092   1.00 12.03 ? 120 MET A N   1 
ATOM   935  C CA  . MET A 1 120 ? 19.570  -1.616  5.351   1.00 12.19 ? 120 MET A CA  1 
ATOM   936  C C   . MET A 1 120 ? 19.097  -2.481  4.189   1.00 11.09 ? 120 MET A C   1 
ATOM   937  O O   . MET A 1 120 ? 19.759  -3.457  3.829   1.00 12.16 ? 120 MET A O   1 
ATOM   938  C CB  . MET A 1 120 ? 18.900  -2.040  6.657   1.00 11.46 ? 120 MET A CB  1 
ATOM   939  C CG  . MET A 1 120 ? 19.438  -1.320  7.873   1.00 12.31 ? 120 MET A CG  1 
ATOM   940  S SD  . MET A 1 120 ? 18.560  -1.837  9.339   1.00 13.76 ? 120 MET A SD  1 
ATOM   941  C CE  . MET A 1 120 ? 19.107  -0.589  10.502  1.00 15.09 ? 120 MET A CE  1 
ATOM   942  N N   . LEU A 1 121 ? 17.952  -2.138  3.589   1.00 11.24 ? 121 LEU A N   1 
ATOM   943  C CA  . LEU A 1 121 ? 17.462  -2.892  2.438   1.00 11.01 ? 121 LEU A CA  1 
ATOM   944  C C   . LEU A 1 121 ? 18.398  -2.749  1.246   1.00 11.50 ? 121 LEU A C   1 
ATOM   945  O O   . LEU A 1 121 ? 18.691  -3.737  0.566   1.00 11.47 ? 121 LEU A O   1 
ATOM   946  C CB  . LEU A 1 121 ? 16.051  -2.440  2.065   1.00 11.37 ? 121 LEU A CB  1 
ATOM   947  C CG  . LEU A 1 121 ? 14.958  -2.818  3.062   1.00 10.68 ? 121 LEU A CG  1 
ATOM   948  C CD1 . LEU A 1 121 ? 13.668  -2.060  2.759   1.00 11.62 ? 121 LEU A CD1 1 
ATOM   949  C CD2 . LEU A 1 121 ? 14.715  -4.313  3.050   1.00 11.51 ? 121 LEU A CD2 1 
ATOM   950  N N   . GLN A 1 122 ? 18.877  -1.534  0.975   1.00 11.72 ? 122 GLN A N   1 
ATOM   951  C CA  . GLN A 1 122 ? 19.821  -1.366  -0.125  1.00 13.29 ? 122 GLN A CA  1 
ATOM   952  C C   . GLN A 1 122 ? 21.106  -2.145  0.121   1.00 13.67 ? 122 GLN A C   1 
ATOM   953  O O   . GLN A 1 122 ? 21.711  -2.666  -0.825  1.00 15.08 ? 122 GLN A O   1 
ATOM   954  C CB  . GLN A 1 122 ? 20.125  0.113   -0.364  1.00 15.57 ? 122 GLN A CB  1 
ATOM   955  C CG  . GLN A 1 122 ? 21.061  0.341   -1.546  1.00 19.29 ? 122 GLN A CG  1 
ATOM   956  C CD  . GLN A 1 122 ? 20.966  1.733   -2.131  1.00 22.55 ? 122 GLN A CD  1 
ATOM   957  O OE1 . GLN A 1 122 ? 20.381  2.631   -1.533  1.00 25.82 ? 122 GLN A OE1 1 
ATOM   958  N NE2 . GLN A 1 122 ? 21.562  1.922   -3.305  1.00 25.68 ? 122 GLN A NE2 1 
ATOM   959  N N   . GLN A 1 123 ? 21.529  -2.247  1.384   1.00 13.64 ? 123 GLN A N   1 
ATOM   960  C CA  . GLN A 1 123 ? 22.692  -3.041  1.758   1.00 14.19 ? 123 GLN A CA  1 
ATOM   961  C C   . GLN A 1 123 ? 22.401  -4.533  1.780   1.00 13.50 ? 123 GLN A C   1 
ATOM   962  O O   . GLN A 1 123 ? 23.324  -5.322  2.025   1.00 14.82 ? 123 GLN A O   1 
ATOM   963  C CB  . GLN A 1 123 ? 23.197  -2.620  3.141   1.00 15.08 ? 123 GLN A CB  1 
ATOM   964  C CG  . GLN A 1 123 ? 23.775  -1.221  3.202   1.00 17.62 ? 123 GLN A CG  1 
ATOM   965  C CD  . GLN A 1 123 ? 24.009  -0.754  4.630   1.00 20.98 ? 123 GLN A CD  1 
ATOM   966  O OE1 . GLN A 1 123 ? 23.213  -1.043  5.528   1.00 20.47 ? 123 GLN A OE1 1 
ATOM   967  N NE2 . GLN A 1 123 ? 25.096  -0.025  4.844   1.00 28.15 ? 123 GLN A NE2 1 
ATOM   968  N N   . LYS A 1 124 ? 21.145  -4.926  1.558   1.00 12.45 ? 124 LYS A N   1 
ATOM   969  C CA  . LYS A 1 124 ? 20.725  -6.324  1.568   1.00 11.88 ? 124 LYS A CA  1 
ATOM   970  C C   . LYS A 1 124 ? 20.976  -6.993  2.915   1.00 12.35 ? 124 LYS A C   1 
ATOM   971  O O   . LYS A 1 124 ? 21.232  -8.193  2.994   1.00 13.32 ? 124 LYS A O   1 
ATOM   972  C CB  . LYS A 1 124 ? 21.301  -7.110  0.390   1.00 12.29 ? 124 LYS A CB  1 
ATOM   973  C CG  . LYS A 1 124 ? 20.919  -6.466  -0.941  1.00 12.52 ? 124 LYS A CG  1 
ATOM   974  C CD  . LYS A 1 124 ? 21.217  -7.367  -2.123  1.00 13.54 ? 124 LYS A CD  1 
ATOM   975  C CE  . LYS A 1 124 ? 20.757  -6.749  -3.434  1.00 14.64 ? 124 LYS A CE  1 
ATOM   976  N NZ  . LYS A 1 124 ? 19.304  -6.505  -3.461  1.00 14.57 ? 124 LYS A NZ  1 
ATOM   977  N N   . ARG A 1 125 ? 20.865  -6.214  3.987   1.00 11.60 ? 125 ARG A N   1 
ATOM   978  C CA  . ARG A 1 125 ? 20.941  -6.745  5.343   1.00 12.63 ? 125 ARG A CA  1 
ATOM   979  C C   . ARG A 1 125 ? 19.515  -7.049  5.778   1.00 11.39 ? 125 ARG A C   1 
ATOM   980  O O   . ARG A 1 125 ? 18.876  -6.291  6.503   1.00 11.90 ? 125 ARG A O   1 
ATOM   981  C CB  . ARG A 1 125 ? 21.625  -5.746  6.261   1.00 14.65 ? 125 ARG A CB  1 
ATOM   982  C CG  . ARG A 1 125 ? 23.024  -5.368  5.802   1.00 15.60 ? 125 ARG A CG  1 
ATOM   983  C CD  . ARG A 1 125 ? 23.688  -4.425  6.783   1.00 23.85 ? 125 ARG A CD  1 
ATOM   984  N NE  . ARG A 1 125 ? 25.072  -4.136  6.421   1.00 29.90 ? 125 ARG A NE  1 
ATOM   985  C CZ  . ARG A 1 125 ? 26.027  -3.850  7.299   1.00 33.55 ? 125 ARG A CZ  1 
ATOM   986  N NH1 . ARG A 1 125 ? 25.748  -3.819  8.596   1.00 36.85 ? 125 ARG A NH1 1 
ATOM   987  N NH2 . ARG A 1 125 ? 27.260  -3.598  6.883   1.00 34.38 ? 125 ARG A NH2 1 
ATOM   988  N N   . TRP A 1 126 ? 19.020  -8.196  5.316   1.00 10.75 ? 126 TRP A N   1 
ATOM   989  C CA  . TRP A 1 126 ? 17.582  -8.449  5.362   1.00 11.24 ? 126 TRP A CA  1 
ATOM   990  C C   . TRP A 1 126 ? 17.066  -8.615  6.786   1.00 10.43 ? 126 TRP A C   1 
ATOM   991  O O   . TRP A 1 126 ? 16.001  -8.084  7.128   1.00 11.08 ? 126 TRP A O   1 
ATOM   992  C CB  . TRP A 1 126 ? 17.238  -9.681  4.537   1.00 11.63 ? 126 TRP A CB  1 
ATOM   993  C CG  . TRP A 1 126 ? 17.725  -9.654  3.118   1.00 11.25 ? 126 TRP A CG  1 
ATOM   994  C CD1 . TRP A 1 126 ? 18.486  -10.607 2.506   1.00 11.06 ? 126 TRP A CD1 1 
ATOM   995  C CD2 . TRP A 1 126 ? 17.467  -8.649  2.121   1.00 10.83 ? 126 TRP A CD2 1 
ATOM   996  N NE1 . TRP A 1 126 ? 18.723  -10.261 1.197   1.00 11.87 ? 126 TRP A NE1 1 
ATOM   997  C CE2 . TRP A 1 126 ? 18.107  -9.066  0.936   1.00 11.28 ? 126 TRP A CE2 1 
ATOM   998  C CE3 . TRP A 1 126 ? 16.755  -7.439  2.114   1.00 11.65 ? 126 TRP A CE3 1 
ATOM   999  C CZ2 . TRP A 1 126 ? 18.058  -8.321  -0.245  1.00 12.43 ? 126 TRP A CZ2 1 
ATOM   1000 C CZ3 . TRP A 1 126 ? 16.718  -6.695  0.935   1.00 11.40 ? 126 TRP A CZ3 1 
ATOM   1001 C CH2 . TRP A 1 126 ? 17.362  -7.141  -0.224  1.00 11.68 ? 126 TRP A CH2 1 
ATOM   1002 N N   . ASP A 1 127 ? 17.778  -9.370  7.625   1.00 11.42 ? 127 ASP A N   1 
ATOM   1003 C CA  . ASP A 1 127 ? 17.290  -9.566  8.989   1.00 11.56 ? 127 ASP A CA  1 
ATOM   1004 C C   . ASP A 1 127 ? 17.316  -8.256  9.762   1.00 10.53 ? 127 ASP A C   1 
ATOM   1005 O O   . ASP A 1 127 ? 16.389  -7.953  10.525  1.00 11.37 ? 127 ASP A O   1 
ATOM   1006 C CB  . ASP A 1 127 ? 18.135  -10.608 9.715   1.00 12.37 ? 127 ASP A CB  1 
ATOM   1007 C CG  . ASP A 1 127 ? 17.817  -12.026 9.298   1.00 12.19 ? 127 ASP A CG  1 
ATOM   1008 O OD1 . ASP A 1 127 ? 17.103  -12.235 8.297   1.00 15.95 ? 127 ASP A OD1 1 
ATOM   1009 O OD2 . ASP A 1 127 ? 18.316  -12.944 9.987   1.00 15.87 ? 127 ASP A OD2 1 
ATOM   1010 N N   . GLU A 1 128 ? 18.374  -7.471  9.580   1.00 11.43 ? 128 GLU A N   1 
ATOM   1011 C CA  . GLU A 1 128 ? 18.465  -6.188  10.260  1.00 12.65 ? 128 GLU A CA  1 
ATOM   1012 C C   . GLU A 1 128 ? 17.381  -5.240  9.776   1.00 10.59 ? 128 GLU A C   1 
ATOM   1013 O O   . GLU A 1 128 ? 16.770  -4.534  10.576  1.00 11.22 ? 128 GLU A O   1 
ATOM   1014 C CB  . GLU A 1 128 ? 19.843  -5.572  10.037  1.00 14.01 ? 128 GLU A CB  1 
ATOM   1015 C CG  . GLU A 1 128 ? 20.966  -6.313  10.720  1.00 16.15 ? 128 GLU A CG  1 
ATOM   1016 C CD  . GLU A 1 128 ? 22.324  -5.830  10.262  1.00 24.08 ? 128 GLU A CD  1 
ATOM   1017 O OE1 . GLU A 1 128 ? 22.745  -4.736  10.698  1.00 32.21 ? 128 GLU A OE1 1 
ATOM   1018 O OE2 . GLU A 1 128 ? 22.967  -6.536  9.459   1.00 31.34 ? 128 GLU A OE2 1 
ATOM   1019 N N   . ALA A 1 129 ? 17.133  -5.218  8.468   1.00 10.46 ? 129 ALA A N   1 
ATOM   1020 C CA  . ALA A 1 129 ? 16.058  -4.388  7.939   1.00 10.40 ? 129 ALA A CA  1 
ATOM   1021 C C   . ALA A 1 129 ? 14.712  -4.804  8.514   1.00 10.81 ? 129 ALA A C   1 
ATOM   1022 O O   . ALA A 1 129 ? 13.895  -3.949  8.876   1.00 10.63 ? 129 ALA A O   1 
ATOM   1023 C CB  . ALA A 1 129 ? 16.041  -4.473  6.415   1.00 11.41 ? 129 ALA A CB  1 
ATOM   1024 N N   . ALA A 1 130 ? 14.469  -6.112  8.626   1.00 10.68 ? 130 ALA A N   1 
ATOM   1025 C CA  . ALA A 1 130 ? 13.203  -6.594  9.166   1.00 11.28 ? 130 ALA A CA  1 
ATOM   1026 C C   . ALA A 1 130 ? 13.008  -6.130  10.603  1.00 10.86 ? 130 ALA A C   1 
ATOM   1027 O O   . ALA A 1 130 ? 11.906  -5.718  10.986  1.00 11.53 ? 130 ALA A O   1 
ATOM   1028 C CB  . ALA A 1 130 ? 13.143  -8.117  9.078   1.00 12.72 ? 130 ALA A CB  1 
ATOM   1029 N N   . VAL A 1 131 ? 14.061  -6.213  11.419  1.00 11.03 ? 131 VAL A N   1 
ATOM   1030 C CA  . VAL A 1 131 ? 13.982  -5.719  12.792  1.00 11.87 ? 131 VAL A CA  1 
ATOM   1031 C C   . VAL A 1 131 ? 13.671  -4.227  12.801  1.00 12.02 ? 131 VAL A C   1 
ATOM   1032 O O   . VAL A 1 131 ? 12.831  -3.751  13.572  1.00 12.80 ? 131 VAL A O   1 
ATOM   1033 C CB  . VAL A 1 131 ? 15.283  -6.037  13.549  1.00 12.41 ? 131 VAL A CB  1 
ATOM   1034 C CG1 . VAL A 1 131 ? 15.360  -5.251  14.859  1.00 14.70 ? 131 VAL A CG1 1 
ATOM   1035 C CG2 . VAL A 1 131 ? 15.391  -7.535  13.817  1.00 14.05 ? 131 VAL A CG2 1 
ATOM   1036 N N   . ASN A 1 132 ? 14.350  -3.470  11.942  1.00 11.14 ? 132 ASN A N   1 
ATOM   1037 C CA  . ASN A 1 132 ? 14.173  -2.020  11.921  1.00 11.29 ? 132 ASN A CA  1 
ATOM   1038 C C   . ASN A 1 132 ? 12.779  -1.631  11.442  1.00 10.79 ? 132 ASN A C   1 
ATOM   1039 O O   . ASN A 1 132 ? 12.173  -0.696  11.978  1.00 11.25 ? 132 ASN A O   1 
ATOM   1040 C CB  . ASN A 1 132 ? 15.249  -1.388  11.044  1.00 11.87 ? 132 ASN A CB  1 
ATOM   1041 C CG  . ASN A 1 132 ? 15.228  0.121   11.098  1.00 11.85 ? 132 ASN A CG  1 
ATOM   1042 O OD1 . ASN A 1 132 ? 14.663  0.779   10.227  1.00 13.88 ? 132 ASN A OD1 1 
ATOM   1043 N ND2 . ASN A 1 132 ? 15.847  0.681   12.129  1.00 13.71 ? 132 ASN A ND2 1 
ATOM   1044 N N   . LEU A 1 133 ? 12.256  -2.340  10.434  1.00 10.64 ? 133 LEU A N   1 
ATOM   1045 C CA  . LEU A 1 133 ? 10.939  -2.026  9.893   1.00 9.75  ? 133 LEU A CA  1 
ATOM   1046 C C   . LEU A 1 133 ? 9.849   -2.188  10.938  1.00 10.46 ? 133 LEU A C   1 
ATOM   1047 O O   . LEU A 1 133 ? 8.832   -1.481  10.886  1.00 11.14 ? 133 LEU A O   1 
ATOM   1048 C CB  . LEU A 1 133 ? 10.642  -2.942  8.704   1.00 10.34 ? 133 LEU A CB  1 
ATOM   1049 C CG  . LEU A 1 133 ? 11.351  -2.587  7.394   1.00 10.97 ? 133 LEU A CG  1 
ATOM   1050 C CD1 . LEU A 1 133 ? 11.398  -3.792  6.468   1.00 12.45 ? 133 LEU A CD1 1 
ATOM   1051 C CD2 . LEU A 1 133 ? 10.655  -1.425  6.705   1.00 11.98 ? 133 LEU A CD2 1 
ATOM   1052 N N   . ALA A 1 134 ? 10.029  -3.123  11.875  1.00 10.89 ? 134 ALA A N   1 
ATOM   1053 C CA  . ALA A 1 134 ? 9.031   -3.389  12.897  1.00 11.34 ? 134 ALA A CA  1 
ATOM   1054 C C   . ALA A 1 134 ? 9.027   -2.347  14.004  1.00 11.07 ? 134 ALA A C   1 
ATOM   1055 O O   . ALA A 1 134 ? 8.069   -2.294  14.776  1.00 12.00 ? 134 ALA A O   1 
ATOM   1056 C CB  . ALA A 1 134 ? 9.233   -4.790  13.486  1.00 12.89 ? 134 ALA A CB  1 
ATOM   1057 N N   . LYS A 1 135 ? 10.063  -1.516  14.093  1.00 11.13 ? 135 LYS A N   1 
ATOM   1058 C CA  . LYS A 1 135 ? 10.114  -0.450  15.090  1.00 11.15 ? 135 LYS A CA  1 
ATOM   1059 C C   . LYS A 1 135 ? 9.415   0.782   14.520  1.00 10.76 ? 135 LYS A C   1 
ATOM   1060 O O   . LYS A 1 135 ? 10.027  1.791   14.181  1.00 11.03 ? 135 LYS A O   1 
ATOM   1061 C CB  . LYS A 1 135 ? 11.560  -0.170  15.483  1.00 11.86 ? 135 LYS A CB  1 
ATOM   1062 C CG  . LYS A 1 135 ? 12.234  -1.352  16.158  1.00 12.59 ? 135 LYS A CG  1 
ATOM   1063 C CD  . LYS A 1 135 ? 13.728  -1.126  16.372  1.00 13.75 ? 135 LYS A CD  1 
ATOM   1064 C CE  . LYS A 1 135 ? 14.386  -2.348  16.991  1.00 15.03 ? 135 LYS A CE  1 
ATOM   1065 N NZ  . LYS A 1 135 ? 15.861  -2.173  17.117  1.00 16.87 ? 135 LYS A NZ  1 
ATOM   1066 N N   . SER A 1 136 ? 8.094   0.675   14.400  1.00 10.39 ? 136 SER A N   1 
ATOM   1067 C CA  . SER A 1 136 ? 7.347   1.677   13.654  1.00 10.03 ? 136 SER A CA  1 
ATOM   1068 C C   . SER A 1 136 ? 5.899   1.712   14.120  1.00 10.57 ? 136 SER A C   1 
ATOM   1069 O O   . SER A 1 136 ? 5.339   0.692   14.528  1.00 10.61 ? 136 SER A O   1 
ATOM   1070 C CB  . SER A 1 136 ? 7.393   1.367   12.152  1.00 9.75  ? 136 SER A CB  1 
ATOM   1071 O OG  . SER A 1 136 ? 6.785   0.122   11.857  1.00 10.43 ? 136 SER A OG  1 
ATOM   1072 N N   . ARG A 1 137 ? 5.285   2.893   14.011  1.00 10.22 ? 137 ARG A N   1 
ATOM   1073 C CA  . ARG A 1 137 ? 3.844   2.973   14.220  1.00 10.33 ? 137 ARG A CA  1 
ATOM   1074 C C   . ARG A 1 137 ? 3.120   2.030   13.276  1.00 10.83 ? 137 ARG A C   1 
ATOM   1075 O O   . ARG A 1 137 ? 2.154   1.362   13.669  1.00 11.75 ? 137 ARG A O   1 
ATOM   1076 C CB  . ARG A 1 137 ? 3.345   4.404   14.021  1.00 11.19 ? 137 ARG A CB  1 
ATOM   1077 C CG  . ARG A 1 137 ? 1.833   4.511   14.186  1.00 12.44 ? 137 ARG A CG  1 
ATOM   1078 C CD  . ARG A 1 137 ? 1.295   5.920   14.042  1.00 13.26 ? 137 ARG A CD  1 
ATOM   1079 N NE  . ARG A 1 137 ? -0.124  5.971   14.384  1.00 14.55 ? 137 ARG A NE  1 
ATOM   1080 C CZ  . ARG A 1 137 ? -1.102  5.656   13.542  1.00 14.80 ? 137 ARG A CZ  1 
ATOM   1081 N NH1 . ARG A 1 137 ? -0.814  5.263   12.309  1.00 15.13 ? 137 ARG A NH1 1 
ATOM   1082 N NH2 . ARG A 1 137 ? -2.369  5.729   13.936  1.00 15.55 ? 137 ARG A NH2 1 
ATOM   1083 N N   . TRP A 1 138 ? 3.597   1.946   12.029  1.00 10.26 ? 138 TRP A N   1 
ATOM   1084 C CA  . TRP A 1 138 ? 3.010   1.062   11.023  1.00 10.64 ? 138 TRP A CA  1 
ATOM   1085 C C   . TRP A 1 138 ? 2.863   -0.360  11.552  1.00 11.22 ? 138 TRP A C   1 
ATOM   1086 O O   . TRP A 1 138 ? 1.772   -0.944  11.523  1.00 11.51 ? 138 TRP A O   1 
ATOM   1087 C CB  . TRP A 1 138 ? 3.917   1.078   9.797   1.00 10.95 ? 138 TRP A CB  1 
ATOM   1088 C CG  . TRP A 1 138 ? 3.630   0.044   8.747   1.00 10.36 ? 138 TRP A CG  1 
ATOM   1089 C CD1 . TRP A 1 138 ? 2.480   -0.096  8.022   1.00 11.14 ? 138 TRP A CD1 1 
ATOM   1090 C CD2 . TRP A 1 138 ? 4.538   -0.945  8.249   1.00 10.41 ? 138 TRP A CD2 1 
ATOM   1091 N NE1 . TRP A 1 138 ? 2.605   -1.129  7.126   1.00 11.10 ? 138 TRP A NE1 1 
ATOM   1092 C CE2 . TRP A 1 138 ? 3.865   -1.660  7.236   1.00 9.89  ? 138 TRP A CE2 1 
ATOM   1093 C CE3 . TRP A 1 138 ? 5.856   -1.298  8.566   1.00 10.44 ? 138 TRP A CE3 1 
ATOM   1094 C CZ2 . TRP A 1 138 ? 4.467   -2.702  6.538   1.00 10.11 ? 138 TRP A CZ2 1 
ATOM   1095 C CZ3 . TRP A 1 138 ? 6.447   -2.328  7.883   1.00 11.09 ? 138 TRP A CZ3 1 
ATOM   1096 C CH2 . TRP A 1 138 ? 5.755   -3.027  6.884   1.00 11.03 ? 138 TRP A CH2 1 
ATOM   1097 N N   . TYR A 1 139 ? 3.957   -0.928  12.049  1.00 10.59 ? 139 TYR A N   1 
ATOM   1098 C CA  . TYR A 1 139 ? 3.913   -2.292  12.562  1.00 11.15 ? 139 TYR A CA  1 
ATOM   1099 C C   . TYR A 1 139 ? 2.976   -2.399  13.756  1.00 11.36 ? 139 TYR A C   1 
ATOM   1100 O O   . TYR A 1 139 ? 2.172   -3.333  13.848  1.00 13.35 ? 139 TYR A O   1 
ATOM   1101 C CB  . TYR A 1 139 ? 5.331   -2.718  12.934  1.00 12.26 ? 139 TYR A CB  1 
ATOM   1102 C CG  . TYR A 1 139 ? 5.467   -4.074  13.591  1.00 13.49 ? 139 TYR A CG  1 
ATOM   1103 C CD1 . TYR A 1 139 ? 5.438   -4.199  14.977  1.00 16.52 ? 139 TYR A CD1 1 
ATOM   1104 C CD2 . TYR A 1 139 ? 5.679   -5.220  12.833  1.00 14.62 ? 139 TYR A CD2 1 
ATOM   1105 C CE1 . TYR A 1 139 ? 5.584   -5.429  15.592  1.00 20.22 ? 139 TYR A CE1 1 
ATOM   1106 C CE2 . TYR A 1 139 ? 5.830   -6.458  13.442  1.00 17.75 ? 139 TYR A CE2 1 
ATOM   1107 C CZ  . TYR A 1 139 ? 5.783   -6.553  14.820  1.00 19.25 ? 139 TYR A CZ  1 
ATOM   1108 O OH  . TYR A 1 139 ? 5.926   -7.777  15.434  1.00 23.54 ? 139 TYR A OH  1 
ATOM   1109 N N   . ASN A 1 140 ? 3.041   -1.441  14.674  1.00 10.13 ? 140 ASN A N   1 
ATOM   1110 C CA  . ASN A 1 140 ? 2.220   -1.548  15.873  1.00 11.13 ? 140 ASN A CA  1 
ATOM   1111 C C   . ASN A 1 140 ? 0.733   -1.437  15.559  1.00 11.23 ? 140 ASN A C   1 
ATOM   1112 O O   . ASN A 1 140 ? -0.094  -2.105  16.195  1.00 12.73 ? 140 ASN A O   1 
ATOM   1113 C CB  . ASN A 1 140 ? 2.652   -0.500  16.886  1.00 13.53 ? 140 ASN A CB  1 
ATOM   1114 C CG  . ASN A 1 140 ? 3.928   -0.884  17.581  1.00 12.05 ? 140 ASN A CG  1 
ATOM   1115 O OD1 . ASN A 1 140 ? 5.011   -0.402  17.240  1.00 14.41 ? 140 ASN A OD1 1 
ATOM   1116 N ND2 . ASN A 1 140 ? 3.822   -1.784  18.543  1.00 13.66 ? 140 ASN A ND2 1 
ATOM   1117 N N   . GLN A 1 141 ? 0.368   -0.613  14.582  1.00 10.25 ? 141 GLN A N   1 
ATOM   1118 C CA  . GLN A 1 141 ? -1.046  -0.402  14.299  1.00 10.78 ? 141 GLN A CA  1 
ATOM   1119 C C   . GLN A 1 141 ? -1.637  -1.439  13.353  1.00 10.75 ? 141 GLN A C   1 
ATOM   1120 O O   . GLN A 1 141 ? -2.824  -1.776  13.479  1.00 11.83 ? 141 GLN A O   1 
ATOM   1121 C CB  . GLN A 1 141 ? -1.283  1.008   13.756  1.00 12.81 ? 141 GLN A CB  1 
ATOM   1122 C CG  . GLN A 1 141 ? -0.820  2.141   14.674  1.00 12.47 ? 141 GLN A CG  1 
ATOM   1123 C CD  . GLN A 1 141 ? -1.466  2.135   16.050  1.00 11.99 ? 141 GLN A CD  1 
ATOM   1124 O OE1 . GLN A 1 141 ? -0.779  2.278   17.067  1.00 14.68 ? 141 GLN A OE1 1 
ATOM   1125 N NE2 . GLN A 1 141 ? -2.786  1.980   16.092  1.00 14.12 ? 141 GLN A NE2 1 
ATOM   1126 N N   . THR A 1 142 ? -0.860  -1.953  12.403  1.00 10.37 ? 142 THR A N   1 
ATOM   1127 C CA  . THR A 1 142 ? -1.312  -3.029  11.519  1.00 10.07 ? 142 THR A CA  1 
ATOM   1128 C C   . THR A 1 142 ? -0.275  -4.149  11.540  1.00 9.64  ? 142 THR A C   1 
ATOM   1129 O O   . THR A 1 142 ? 0.452   -4.362  10.565  1.00 9.75  ? 142 THR A O   1 
ATOM   1130 C CB  . THR A 1 142 ? -1.599  -2.544  10.092  1.00 10.08 ? 142 THR A CB  1 
ATOM   1131 O OG1 . THR A 1 142 ? -0.473  -1.839  9.554   1.00 11.03 ? 142 THR A OG1 1 
ATOM   1132 C CG2 . THR A 1 142 ? -2.818  -1.626  10.051  1.00 11.69 ? 142 THR A CG2 1 
ATOM   1133 N N   . PRO A 1 143 ? -0.188  -4.882  12.655  1.00 9.59  ? 143 PRO A N   1 
ATOM   1134 C CA  . PRO A 1 143 ? 0.924   -5.840  12.799  1.00 9.85  ? 143 PRO A CA  1 
ATOM   1135 C C   . PRO A 1 143 ? 0.840   -7.044  11.888  1.00 9.67  ? 143 PRO A C   1 
ATOM   1136 O O   . PRO A 1 143 ? 1.879   -7.535  11.441  1.00 10.66 ? 143 PRO A O   1 
ATOM   1137 C CB  . PRO A 1 143 ? 0.854   -6.238  14.280  1.00 10.63 ? 143 PRO A CB  1 
ATOM   1138 C CG  . PRO A 1 143 ? -0.579  -6.001  14.657  1.00 10.84 ? 143 PRO A CG  1 
ATOM   1139 C CD  . PRO A 1 143 ? -0.976  -4.767  13.892  1.00 10.92 ? 143 PRO A CD  1 
ATOM   1140 N N   . ASN A 1 144 ? -0.354  -7.565  11.610  1.00 10.53 ? 144 ASN A N   1 
ATOM   1141 C CA  . ASN A 1 144 ? -0.405  -8.751  10.762  1.00 10.86 ? 144 ASN A CA  1 
ATOM   1142 C C   . ASN A 1 144 ? -0.015  -8.419  9.330   1.00 10.01 ? 144 ASN A C   1 
ATOM   1143 O O   . ASN A 1 144 ? 0.741   -9.160  8.692   1.00 11.09 ? 144 ASN A O   1 
ATOM   1144 C CB  . ASN A 1 144 ? -1.776  -9.411  10.839  1.00 14.41 ? 144 ASN A CB  1 
ATOM   1145 C CG  . ASN A 1 144 ? -1.930  -10.252 12.090  1.00 17.76 ? 144 ASN A CG  1 
ATOM   1146 O OD1 . ASN A 1 144 ? -0.940  -10.699 12.674  1.00 20.31 ? 144 ASN A OD1 1 
ATOM   1147 N ND2 . ASN A 1 144 ? -3.169  -10.467 12.514  1.00 23.48 ? 144 ASN A ND2 1 
ATOM   1148 N N   . ARG A 1 145 ? -0.516  -7.305  8.812   1.00 10.11 ? 145 ARG A N   1 
ATOM   1149 C CA  . ARG A 1 145 ? -0.119  -6.888  7.476   1.00 10.53 ? 145 ARG A CA  1 
ATOM   1150 C C   . ARG A 1 145 ? 1.358   -6.515  7.434   1.00 10.30 ? 145 ARG A C   1 
ATOM   1151 O O   . ARG A 1 145 ? 2.071   -6.905  6.501   1.00 10.39 ? 145 ARG A O   1 
ATOM   1152 C CB  . ARG A 1 145 ? -1.010  -5.742  7.025   1.00 12.90 ? 145 ARG A CB  1 
ATOM   1153 C CG  . ARG A 1 145 ? -0.984  -5.517  5.528   1.00 15.89 ? 145 ARG A CG  1 
ATOM   1154 C CD  . ARG A 1 145 ? -0.378  -4.176  5.274   1.00 16.61 ? 145 ARG A CD  1 
ATOM   1155 N NE  . ARG A 1 145 ? -0.415  -3.703  3.894   1.00 12.27 ? 145 ARG A NE  1 
ATOM   1156 C CZ  . ARG A 1 145 ? -1.416  -3.021  3.352   1.00 11.87 ? 145 ARG A CZ  1 
ATOM   1157 N NH1 . ARG A 1 145 ? -2.517  -2.775  4.044   1.00 15.17 ? 145 ARG A NH1 1 
ATOM   1158 N NH2 . ARG A 1 145 ? -1.307  -2.573  2.111   1.00 10.66 ? 145 ARG A NH2 1 
ATOM   1159 N N   . ALA A 1 146 ? 1.841   -5.776  8.439   1.00 10.28 ? 146 ALA A N   1 
ATOM   1160 C CA  . ALA A 1 146 ? 3.258   -5.425  8.472   1.00 10.79 ? 146 ALA A CA  1 
ATOM   1161 C C   . ALA A 1 146 ? 4.133   -6.669  8.556   1.00 10.47 ? 146 ALA A C   1 
ATOM   1162 O O   . ALA A 1 146 ? 5.178   -6.745  7.897   1.00 10.85 ? 146 ALA A O   1 
ATOM   1163 C CB  . ALA A 1 146 ? 3.553   -4.469  9.629   1.00 11.96 ? 146 ALA A CB  1 
ATOM   1164 N N   . LYS A 1 147 ? 3.718   -7.662  9.350   1.00 10.75 ? 147 LYS A N   1 
ATOM   1165 C CA  . LYS A 1 147 ? 4.489   -8.899  9.418   1.00 10.78 ? 147 LYS A CA  1 
ATOM   1166 C C   . LYS A 1 147 ? 4.580   -9.574  8.055   1.00 10.01 ? 147 LYS A C   1 
ATOM   1167 O O   . LYS A 1 147 ? 5.634   -10.108 7.693   1.00 10.47 ? 147 LYS A O   1 
ATOM   1168 C CB  . LYS A 1 147 ? 3.898   -9.848  10.459  1.00 11.36 ? 147 LYS A CB  1 
ATOM   1169 C CG  . LYS A 1 147 ? 4.248   -9.505  11.896  1.00 13.22 ? 147 LYS A CG  1 
ATOM   1170 C CD  . LYS A 1 147 ? 3.392   -10.298 12.866  1.00 15.83 ? 147 LYS A CD  1 
ATOM   1171 C CE  . LYS A 1 147 ? 3.654   -9.881  14.302  1.00 17.83 ? 147 LYS A CE  1 
ATOM   1172 N NZ  . LYS A 1 147 ? 2.955   -10.768 15.275  1.00 21.95 ? 147 LYS A NZ  1 
ATOM   1173 N N   . ARG A 1 148 ? 3.496   -9.557  7.276   1.00 9.97  ? 148 ARG A N   1 
ATOM   1174 C CA  . ARG A 1 148 ? 3.552   -10.170 5.949   1.00 9.54  ? 148 ARG A CA  1 
ATOM   1175 C C   . ARG A 1 148 ? 4.517   -9.417  5.047   1.00 9.17  ? 148 ARG A C   1 
ATOM   1176 O O   . ARG A 1 148 ? 5.323   -10.021 4.326   1.00 9.71  ? 148 ARG A O   1 
ATOM   1177 C CB  . ARG A 1 148 ? 2.161   -10.214 5.309   1.00 9.96  ? 148 ARG A CB  1 
ATOM   1178 C CG  . ARG A 1 148 ? 1.207   -11.206 5.928   1.00 10.14 ? 148 ARG A CG  1 
ATOM   1179 C CD  . ARG A 1 148 ? -0.028  -11.442 5.071   1.00 10.30 ? 148 ARG A CD  1 
ATOM   1180 N NE  . ARG A 1 148 ? -0.917  -10.282 5.021   1.00 10.75 ? 148 ARG A NE  1 
ATOM   1181 C CZ  . ARG A 1 148 ? -1.816  -9.978  5.952   1.00 10.96 ? 148 ARG A CZ  1 
ATOM   1182 N NH1 . ARG A 1 148 ? -1.966  -10.742 7.031   1.00 12.16 ? 148 ARG A NH1 1 
ATOM   1183 N NH2 . ARG A 1 148 ? -2.576  -8.903  5.795   1.00 12.55 ? 148 ARG A NH2 1 
ATOM   1184 N N   . VAL A 1 149 ? 4.419   -8.086  5.050   1.00 9.03  ? 149 VAL A N   1 
ATOM   1185 C CA  . VAL A 1 149 ? 5.297   -7.272  4.220   1.00 9.78  ? 149 VAL A CA  1 
ATOM   1186 C C   . VAL A 1 149 ? 6.745   -7.444  4.654   1.00 9.21  ? 149 VAL A C   1 
ATOM   1187 O O   . VAL A 1 149 ? 7.649   -7.606  3.821   1.00 9.64  ? 149 VAL A O   1 
ATOM   1188 C CB  . VAL A 1 149 ? 4.837   -5.804  4.262   1.00 9.48  ? 149 VAL A CB  1 
ATOM   1189 C CG1 . VAL A 1 149 ? 5.829   -4.909  3.541   1.00 11.33 ? 149 VAL A CG1 1 
ATOM   1190 C CG2 . VAL A 1 149 ? 3.441   -5.683  3.655   1.00 10.03 ? 149 VAL A CG2 1 
ATOM   1191 N N   . ILE A 1 150 ? 6.987   -7.442  5.968   1.00 9.67  ? 150 ILE A N   1 
ATOM   1192 C CA  . ILE A 1 150 ? 8.345   -7.600  6.487   1.00 9.76  ? 150 ILE A CA  1 
ATOM   1193 C C   . ILE A 1 150 ? 8.914   -8.968  6.127   1.00 9.43  ? 150 ILE A C   1 
ATOM   1194 O O   . ILE A 1 150 ? 10.080  -9.078  5.728   1.00 10.28 ? 150 ILE A O   1 
ATOM   1195 C CB  . ILE A 1 150 ? 8.388   -7.320  8.001   1.00 10.62 ? 150 ILE A CB  1 
ATOM   1196 C CG1 . ILE A 1 150 ? 8.131   -5.836  8.260   1.00 11.38 ? 150 ILE A CG1 1 
ATOM   1197 C CG2 . ILE A 1 150 ? 9.722   -7.744  8.576   1.00 12.18 ? 150 ILE A CG2 1 
ATOM   1198 C CD1 . ILE A 1 150 ? 7.990   -5.492  9.724   1.00 12.32 ? 150 ILE A CD1 1 
ATOM   1199 N N   . THR A 1 151 ? 8.111   -10.028 6.243   1.00 10.12 ? 151 THR A N   1 
ATOM   1200 C CA  . THR A 1 151 ? 8.588   -11.350 5.845   1.00 11.00 ? 151 THR A CA  1 
ATOM   1201 C C   . THR A 1 151 ? 8.964   -11.372 4.371   1.00 10.66 ? 151 THR A C   1 
ATOM   1202 O O   . THR A 1 151 ? 9.938   -12.029 3.969   1.00 11.08 ? 151 THR A O   1 
ATOM   1203 C CB  . THR A 1 151 ? 7.519   -12.400 6.147   1.00 11.73 ? 151 THR A CB  1 
ATOM   1204 O OG1 . THR A 1 151 ? 7.410   -12.570 7.565   1.00 14.97 ? 151 THR A OG1 1 
ATOM   1205 C CG2 . THR A 1 151 ? 7.852   -13.744 5.499   1.00 13.64 ? 151 THR A CG2 1 
ATOM   1206 N N   . THR A 1 152 ? 8.204   -10.646 3.549   1.00 9.95  ? 152 THR A N   1 
ATOM   1207 C CA  . THR A 1 152 ? 8.524   -10.546 2.129   1.00 10.17 ? 152 THR A CA  1 
ATOM   1208 C C   . THR A 1 152 ? 9.877   -9.862  1.918   1.00 9.72  ? 152 THR A C   1 
ATOM   1209 O O   . THR A 1 152 ? 10.701  -10.333 1.124   1.00 10.90 ? 152 THR A O   1 
ATOM   1210 C CB  . THR A 1 152 ? 7.379   -9.840  1.393   1.00 10.28 ? 152 THR A CB  1 
ATOM   1211 O OG1 . THR A 1 152 ? 6.134   -10.480 1.716   1.00 10.25 ? 152 THR A OG1 1 
ATOM   1212 C CG2 . THR A 1 152 ? 7.570   -9.919  -0.112  1.00 11.18 ? 152 THR A CG2 1 
ATOM   1213 N N   . PHE A 1 153 ? 10.130  -8.761  2.634   1.00 10.14 ? 153 PHE A N   1 
ATOM   1214 C CA  . PHE A 1 153 ? 11.449  -8.130  2.580   1.00 10.92 ? 153 PHE A CA  1 
ATOM   1215 C C   . PHE A 1 153 ? 12.537  -9.038  3.153   1.00 11.47 ? 153 PHE A C   1 
ATOM   1216 O O   . PHE A 1 153 ? 13.678  -9.028  2.671   1.00 12.68 ? 153 PHE A O   1 
ATOM   1217 C CB  . PHE A 1 153 ? 11.440  -6.829  3.378   1.00 11.07 ? 153 PHE A CB  1 
ATOM   1218 C CG  . PHE A 1 153 ? 10.957  -5.623  2.623   1.00 10.65 ? 153 PHE A CG  1 
ATOM   1219 C CD1 . PHE A 1 153 ? 11.515  -5.256  1.406   1.00 11.24 ? 153 PHE A CD1 1 
ATOM   1220 C CD2 . PHE A 1 153 ? 9.973   -4.824  3.179   1.00 10.98 ? 153 PHE A CD2 1 
ATOM   1221 C CE1 . PHE A 1 153 ? 11.075  -4.122  0.751   1.00 12.80 ? 153 PHE A CE1 1 
ATOM   1222 C CE2 . PHE A 1 153 ? 9.537   -3.696  2.540   1.00 12.82 ? 153 PHE A CE2 1 
ATOM   1223 C CZ  . PHE A 1 153 ? 10.087  -3.342  1.326   1.00 12.16 ? 153 PHE A CZ  1 
ATOM   1224 N N   . ARG A 1 154 ? 12.229  -9.783  4.217   1.00 10.90 ? 154 ARG A N   1 
ATOM   1225 C CA  . ARG A 1 154 ? 13.271  -10.581 4.856   1.00 12.32 ? 154 ARG A CA  1 
ATOM   1226 C C   . ARG A 1 154 ? 13.702  -11.740 3.969   1.00 11.14 ? 154 ARG A C   1 
ATOM   1227 O O   . ARG A 1 154 ? 14.899  -12.051 3.875   1.00 12.66 ? 154 ARG A O   1 
ATOM   1228 C CB  . ARG A 1 154 ? 12.796  -11.099 6.215   1.00 12.23 ? 154 ARG A CB  1 
ATOM   1229 C CG  . ARG A 1 154 ? 13.875  -11.850 6.976   1.00 14.37 ? 154 ARG A CG  1 
ATOM   1230 C CD  . ARG A 1 154 ? 13.424  -12.300 8.361   1.00 15.70 ? 154 ARG A CD  1 
ATOM   1231 N NE  . ARG A 1 154 ? 12.182  -13.071 8.335   1.00 20.67 ? 154 ARG A NE  1 
ATOM   1232 C CZ  . ARG A 1 154 ? 12.114  -14.385 8.146   1.00 21.23 ? 154 ARG A CZ  1 
ATOM   1233 N NH1 . ARG A 1 154 ? 13.218  -15.095 7.952   1.00 22.84 ? 154 ARG A NH1 1 
ATOM   1234 N NH2 . ARG A 1 154 ? 10.934  -14.992 8.139   1.00 25.16 ? 154 ARG A NH2 1 
ATOM   1235 N N   . THR A 1 155 ? 12.740  -12.386 3.303   1.00 12.99 ? 155 THR A N   1 
ATOM   1236 C CA  . THR A 1 155 ? 12.997  -13.632 2.599   1.00 14.18 ? 155 THR A CA  1 
ATOM   1237 C C   . THR A 1 155 ? 13.044  -13.504 1.084   1.00 13.55 ? 155 THR A C   1 
ATOM   1238 O O   . THR A 1 155 ? 13.621  -14.380 0.430   1.00 14.60 ? 155 THR A O   1 
ATOM   1239 C CB  . THR A 1 155 ? 11.927  -14.679 2.941   1.00 12.45 ? 155 THR A CB  1 
ATOM   1240 O OG1 . THR A 1 155 ? 10.668  -14.263 2.392   1.00 11.68 ? 155 THR A OG1 1 
ATOM   1241 C CG2 . THR A 1 155 ? 11.804  -14.873 4.449   1.00 14.62 ? 155 THR A CG2 1 
ATOM   1242 N N   . GLY A 1 156 ? 12.438  -12.470 0.505   1.00 13.04 ? 156 GLY A N   1 
ATOM   1243 C CA  . GLY A 1 156 ? 12.333  -12.429 -0.938  1.00 13.79 ? 156 GLY A CA  1 
ATOM   1244 C C   . GLY A 1 156 ? 11.439  -13.499 -1.517  1.00 12.18 ? 156 GLY A C   1 
ATOM   1245 O O   . GLY A 1 156 ? 11.553  -13.819 -2.705  1.00 12.47 ? 156 GLY A O   1 
ATOM   1246 N N   . THR A 1 157 ? 10.559  -14.075 -0.703  1.00 11.75 ? 157 THR A N   1 
ATOM   1247 C CA  . THR A 1 157 ? 9.597   -15.078 -1.133  1.00 11.46 ? 157 THR A CA  1 
ATOM   1248 C C   . THR A 1 157 ? 8.188   -14.583 -0.850  1.00 10.58 ? 157 THR A C   1 
ATOM   1249 O O   . THR A 1 157 ? 7.972   -13.620 -0.110  1.00 11.22 ? 157 THR A O   1 
ATOM   1250 C CB  . THR A 1 157 ? 9.778   -16.406 -0.379  1.00 12.04 ? 157 THR A CB  1 
ATOM   1251 O OG1 . THR A 1 157 ? 9.235   -16.287 0.945   1.00 12.60 ? 157 THR A OG1 1 
ATOM   1252 C CG2 . THR A 1 157 ? 11.238  -16.820 -0.320  1.00 14.33 ? 157 THR A CG2 1 
ATOM   1253 N N   . TRP A 1 158 ? 7.222   -15.304 -1.414  1.00 10.61 ? 158 TRP A N   1 
ATOM   1254 C CA  . TRP A 1 158 ? 5.810   -15.080 -1.156  1.00 11.66 ? 158 TRP A CA  1 
ATOM   1255 C C   . TRP A 1 158 ? 5.284   -15.899 0.022   1.00 12.07 ? 158 TRP A C   1 
ATOM   1256 O O   . TRP A 1 158 ? 4.063   -16.050 0.154   1.00 12.20 ? 158 TRP A O   1 
ATOM   1257 C CB  . TRP A 1 158 ? 5.009   -15.398 -2.416  1.00 12.53 ? 158 TRP A CB  1 
ATOM   1258 C CG  . TRP A 1 158 ? 5.230   -14.416 -3.511  1.00 11.59 ? 158 TRP A CG  1 
ATOM   1259 C CD1 . TRP A 1 158 ? 5.822   -14.646 -4.720  1.00 12.48 ? 158 TRP A CD1 1 
ATOM   1260 C CD2 . TRP A 1 158 ? 4.858   -13.039 -3.500  1.00 10.92 ? 158 TRP A CD2 1 
ATOM   1261 N NE1 . TRP A 1 158 ? 5.832   -13.495 -5.466  1.00 12.25 ? 158 TRP A NE1 1 
ATOM   1262 C CE2 . TRP A 1 158 ? 5.244   -12.493 -4.739  1.00 11.75 ? 158 TRP A CE2 1 
ATOM   1263 C CE3 . TRP A 1 158 ? 4.221   -12.215 -2.567  1.00 11.17 ? 158 TRP A CE3 1 
ATOM   1264 C CZ2 . TRP A 1 158 ? 5.015   -11.160 -5.069  1.00 12.07 ? 158 TRP A CZ2 1 
ATOM   1265 C CZ3 . TRP A 1 158 ? 3.994   -10.894 -2.899  1.00 11.65 ? 158 TRP A CZ3 1 
ATOM   1266 C CH2 . TRP A 1 158 ? 4.389   -10.380 -4.140  1.00 11.96 ? 158 TRP A CH2 1 
ATOM   1267 N N   . ASP A 1 159 ? 6.169   -16.411 0.884   1.00 11.73 ? 159 ASP A N   1 
ATOM   1268 C CA  . ASP A 1 159 ? 5.747   -17.368 1.907   1.00 12.75 ? 159 ASP A CA  1 
ATOM   1269 C C   . ASP A 1 159 ? 4.650   -16.811 2.811   1.00 12.98 ? 159 ASP A C   1 
ATOM   1270 O O   . ASP A 1 159 ? 3.759   -17.555 3.240   1.00 13.54 ? 159 ASP A O   1 
ATOM   1271 C CB  . ASP A 1 159 ? 6.945   -17.803 2.749   1.00 15.34 ? 159 ASP A CB  1 
ATOM   1272 C CG  . ASP A 1 159 ? 7.828   -18.811 2.040   1.00 15.96 ? 159 ASP A CG  1 
ATOM   1273 O OD1 . ASP A 1 159 ? 7.492   -19.224 0.913   1.00 19.79 ? 159 ASP A OD1 1 
ATOM   1274 O OD2 . ASP A 1 159 ? 8.862   -19.201 2.627   1.00 20.16 ? 159 ASP A OD2 1 
ATOM   1275 N N   . ALA A 1 160 ? 4.697   -15.515 3.127   1.00 11.98 ? 160 ALA A N   1 
ATOM   1276 C CA  . ALA A 1 160 ? 3.710   -14.958 4.047   1.00 12.74 ? 160 ALA A CA  1 
ATOM   1277 C C   . ALA A 1 160 ? 2.324   -14.856 3.427   1.00 13.90 ? 160 ALA A C   1 
ATOM   1278 O O   . ALA A 1 160 ? 1.333   -14.772 4.161   1.00 16.93 ? 160 ALA A O   1 
ATOM   1279 C CB  . ALA A 1 160 ? 4.149   -13.582 4.548   1.00 13.83 ? 160 ALA A CB  1 
ATOM   1280 N N   . TYR A 1 161 ? 2.233   -14.843 2.102   1.00 12.06 ? 161 TYR A N   1 
ATOM   1281 C CA  . TYR A 1 161 ? 0.961   -14.735 1.402   1.00 13.12 ? 161 TYR A CA  1 
ATOM   1282 C C   . TYR A 1 161 ? 0.444   -16.076 0.913   1.00 16.09 ? 161 TYR A C   1 
ATOM   1283 O O   . TYR A 1 161 ? -0.744  -16.185 0.587   1.00 23.96 ? 161 TYR A O   1 
ATOM   1284 C CB  . TYR A 1 161 ? 1.088   -13.756 0.228   1.00 12.37 ? 161 TYR A CB  1 
ATOM   1285 C CG  . TYR A 1 161 ? 1.236   -12.340 0.717   1.00 11.28 ? 161 TYR A CG  1 
ATOM   1286 C CD1 . TYR A 1 161 ? 2.483   -11.843 1.066   1.00 11.01 ? 161 TYR A CD1 1 
ATOM   1287 C CD2 . TYR A 1 161 ? 0.123   -11.514 0.885   1.00 10.44 ? 161 TYR A CD2 1 
ATOM   1288 C CE1 . TYR A 1 161 ? 2.628   -10.576 1.554   1.00 10.07 ? 161 TYR A CE1 1 
ATOM   1289 C CE2 . TYR A 1 161 ? 0.260   -10.229 1.368   1.00 10.12 ? 161 TYR A CE2 1 
ATOM   1290 C CZ  . TYR A 1 161 ? 1.524   -9.769  1.709   1.00 9.61  ? 161 TYR A CZ  1 
ATOM   1291 O OH  . TYR A 1 161 ? 1.708   -8.501  2.193   1.00 10.27 ? 161 TYR A OH  1 
ATOM   1292 N N   . LYS A 1 162 ? 1.309   -17.087 0.841   1.00 17.60 ? 162 LYS A N   1 
ATOM   1293 C CA  . LYS A 1 162 ? 0.846   -18.453 0.640   1.00 19.74 ? 162 LYS A CA  1 
ATOM   1294 C C   . LYS A 1 162 ? 0.355   -19.057 1.948   1.00 22.29 ? 162 LYS A C   1 
ATOM   1295 O O   . LYS A 1 162 ? -0.638  -19.792 1.961   1.00 26.29 ? 162 LYS A O   1 
ATOM   1296 C CB  . LYS A 1 162 ? 1.973   -19.310 0.061   1.00 22.45 ? 162 LYS A CB  1 
ATOM   1297 C CG  . LYS A 1 162 ? 2.369   -18.955 -1.364  1.00 22.00 ? 162 LYS A CG  1 
ATOM   1298 C CD  . LYS A 1 162 ? 3.666   -19.649 -1.767  1.00 24.92 ? 162 LYS A CD  1 
ATOM   1299 C CE  . LYS A 1 162 ? 3.527   -20.361 -3.106  1.00 28.13 ? 162 LYS A CE  1 
ATOM   1300 N NZ  . LYS A 1 162 ? 3.891   -21.805 -3.010  1.00 30.97 ? 162 LYS A NZ  1 
ATOM   1301 N N   . ASN A 1 163 ? 1.033   -18.753 3.050   1.00 23.20 ? 163 ASN A N   1 
ATOM   1302 C CA  . ASN A 1 163 ? 0.641   -19.261 4.357   1.00 25.28 ? 163 ASN A CA  1 
ATOM   1303 C C   . ASN A 1 163 ? -0.679  -18.642 4.802   1.00 28.00 ? 163 ASN A C   1 
ATOM   1304 O O   . ASN A 1 163 ? -1.512  -19.312 5.416   1.00 33.28 ? 163 ASN A O   1 
ATOM   1305 C CB  . ASN A 1 163 ? 1.732   -18.973 5.391   1.00 25.27 ? 163 ASN A CB  1 
ATOM   1306 C CG  . ASN A 1 163 ? 2.942   -19.874 5.227   1.00 28.30 ? 163 ASN A CG  1 
ATOM   1307 O OD1 . ASN A 1 163 ? 2.880   -20.898 4.547   1.00 33.01 ? 163 ASN A OD1 1 
ATOM   1308 N ND2 . ASN A 1 163 ? 4.051   -19.493 5.849   1.00 28.74 ? 163 ASN A ND2 1 
HETATM 1309 C C10 A Y84 B 2 .   ? 10.982  0.235   1.506   0.58 12.96 ? 201 Y84 A C10 1 
HETATM 1310 C C10 B Y84 B 2 .   ? 9.278   2.165   0.832   0.42 13.24 ? 201 Y84 A C10 1 
HETATM 1311 C C02 A Y84 B 2 .   ? 12.029  0.521   -0.701  0.58 13.03 ? 201 Y84 A C02 1 
HETATM 1312 C C02 B Y84 B 2 .   ? 10.414  2.371   -1.355  0.42 12.93 ? 201 Y84 A C02 1 
HETATM 1313 C C03 A Y84 B 2 .   ? 12.093  1.151   -1.937  0.58 12.79 ? 201 Y84 A C03 1 
HETATM 1314 C C03 B Y84 B 2 .   ? 11.397  1.958   -2.246  0.42 13.23 ? 201 Y84 A C03 1 
HETATM 1315 C C04 A Y84 B 2 .   ? 11.167  2.147   -2.255  0.58 13.73 ? 201 Y84 A C04 1 
HETATM 1316 C C04 B Y84 B 2 .   ? 12.261  0.921   -1.896  0.42 13.05 ? 201 Y84 A C04 1 
HETATM 1317 C C05 A Y84 B 2 .   ? 10.190  2.508   -1.334  0.58 13.39 ? 201 Y84 A C05 1 
HETATM 1318 C C05 B Y84 B 2 .   ? 12.139  0.300   -0.658  0.42 13.12 ? 201 Y84 A C05 1 
HETATM 1319 C C06 A Y84 B 2 .   ? 10.127  1.861   -0.065  0.58 11.42 ? 201 Y84 A C06 1 
HETATM 1320 C C06 B Y84 B 2 .   ? 11.131  0.725   0.255   0.42 12.42 ? 201 Y84 A C06 1 
HETATM 1321 C C07 A Y84 B 2 .   ? 9.133   2.226   0.889   0.58 13.29 ? 201 Y84 A C07 1 
HETATM 1322 C C07 B Y84 B 2 .   ? 11.008  0.090   1.524   0.42 12.98 ? 201 Y84 A C07 1 
HETATM 1323 C C08 A Y84 B 2 .   ? 9.085   1.587   2.123   0.58 13.72 ? 201 Y84 A C08 1 
HETATM 1324 C C08 B Y84 B 2 .   ? 10.027  0.506   2.416   0.42 14.19 ? 201 Y84 A C08 1 
HETATM 1325 C C09 A Y84 B 2 .   ? 10.013  0.593   2.434   0.58 14.19 ? 201 Y84 A C09 1 
HETATM 1326 C C09 B Y84 B 2 .   ? 9.160   1.544   2.070   0.42 13.70 ? 201 Y84 A C09 1 
HETATM 1327 C C11 A Y84 B 2 .   ? 11.031  0.889   0.242   0.58 12.48 ? 201 Y84 A C11 1 
HETATM 1328 C C11 B Y84 B 2 .   ? 10.284  1.738   -0.084  0.42 11.79 ? 201 Y84 A C11 1 
HETATM 1329 F F01 A Y84 B 2 .   ? 12.922  -0.455  -0.368  0.58 12.62 ? 201 Y84 A F01 1 
HETATM 1330 F F01 B Y84 B 2 .   ? 9.568   3.386   -1.693  0.42 13.87 ? 201 Y84 A F01 1 
HETATM 1331 C C1  . BME C 3 .   ? -5.419  5.236   -1.729  1.00 16.82 ? 202 BME A C1  1 
HETATM 1332 C C2  . BME C 3 .   ? -4.801  4.314   -2.769  1.00 18.53 ? 202 BME A C2  1 
HETATM 1333 O O1  . BME C 3 .   ? -5.088  4.735   -0.467  1.00 26.92 ? 202 BME A O1  1 
HETATM 1334 S S2  . BME C 3 .   ? -3.033  4.158   -2.401  1.00 31.23 ? 202 BME A S2  1 
HETATM 1335 C C   . TRS D 4 .   ? -5.189  2.577   2.542   1.00 13.29 ? 203 TRS A C   1 
HETATM 1336 C C1  . TRS D 4 .   ? -4.386  3.464   3.490   1.00 16.23 ? 203 TRS A C1  1 
HETATM 1337 C C2  . TRS D 4 .   ? -4.258  1.698   1.718   1.00 14.79 ? 203 TRS A C2  1 
HETATM 1338 C C3  . TRS D 4 .   ? -6.127  1.729   3.393   1.00 15.98 ? 203 TRS A C3  1 
HETATM 1339 N N   . TRS D 4 .   ? -5.954  3.378   1.606   1.00 14.59 ? 203 TRS A N   1 
HETATM 1340 O O1  . TRS D 4 .   ? -3.669  4.383   2.719   1.00 18.56 ? 203 TRS A O1  1 
HETATM 1341 O O2  . TRS D 4 .   ? -3.603  0.848   2.607   1.00 13.31 ? 203 TRS A O2  1 
HETATM 1342 O O3  . TRS D 4 .   ? -7.000  1.012   2.572   1.00 16.20 ? 203 TRS A O3  1 
HETATM 1343 O O   . HOH E 5 .   ? -23.348 10.700  -5.504  1.00 22.55 ? 301 HOH A O   1 
HETATM 1344 O O   . HOH E 5 .   ? -0.049  -15.943 -9.561  1.00 23.32 ? 302 HOH A O   1 
HETATM 1345 O O   . HOH E 5 .   ? -7.282  4.889   -16.208 1.00 18.26 ? 303 HOH A O   1 
HETATM 1346 O O   . HOH E 5 .   ? 11.581  -6.406  -10.910 1.00 19.13 ? 304 HOH A O   1 
HETATM 1347 O O   . HOH E 5 .   ? 5.407   -13.883 8.430   1.00 25.68 ? 305 HOH A O   1 
HETATM 1348 O O   . HOH E 5 .   ? -17.787 3.119   -14.775 1.00 20.09 ? 306 HOH A O   1 
HETATM 1349 O O   . HOH E 5 .   ? 7.350   -9.566  14.204  1.00 24.22 ? 307 HOH A O   1 
HETATM 1350 O O   . HOH E 5 .   ? -6.807  7.815   -2.985  1.00 24.56 ? 308 HOH A O   1 
HETATM 1351 O O   . HOH E 5 .   ? -20.089 16.220  -5.518  1.00 20.08 ? 309 HOH A O   1 
HETATM 1352 O O   . HOH E 5 .   ? -4.297  7.053   -6.897  1.00 25.26 ? 310 HOH A O   1 
HETATM 1353 O O   . HOH E 5 .   ? -9.569  11.538  -2.978  1.00 15.69 ? 311 HOH A O   1 
HETATM 1354 O O   . HOH E 5 .   ? 20.230  1.408   -7.069  1.00 22.53 ? 312 HOH A O   1 
HETATM 1355 O O   . HOH E 5 .   ? -20.333 7.617   8.291   1.00 27.80 ? 313 HOH A O   1 
HETATM 1356 O O   . HOH E 5 .   ? 1.076   -14.966 6.822   1.00 18.34 ? 314 HOH A O   1 
HETATM 1357 O O   . HOH E 5 .   ? -4.905  -1.555  15.159  1.00 16.07 ? 315 HOH A O   1 
HETATM 1358 O O   . HOH E 5 .   ? -8.820  -1.920  2.622   1.00 13.42 ? 316 HOH A O   1 
HETATM 1359 O O   . HOH E 5 .   ? 7.687   10.995  -6.214  1.00 22.63 ? 317 HOH A O   1 
HETATM 1360 O O   . HOH E 5 .   ? 16.904  -4.399  18.217  1.00 24.83 ? 318 HOH A O   1 
HETATM 1361 O O   . HOH E 5 .   ? -23.978 11.462  2.650   1.00 24.11 ? 319 HOH A O   1 
HETATM 1362 O O   . HOH E 5 .   ? -19.197 -1.422  -14.025 1.00 22.93 ? 320 HOH A O   1 
HETATM 1363 O O   . HOH E 5 .   ? -10.234 6.591   -14.904 1.00 13.18 ? 321 HOH A O   1 
HETATM 1364 O O   . HOH E 5 .   ? -12.143 -5.595  -14.182 1.00 23.33 ? 322 HOH A O   1 
HETATM 1365 O O   . HOH E 5 .   ? -22.047 -2.733  -6.406  1.00 20.36 ? 323 HOH A O   1 
HETATM 1366 O O   . HOH E 5 .   ? -4.511  -6.652  5.860   1.00 17.60 ? 324 HOH A O   1 
HETATM 1367 O O   . HOH E 5 .   ? -10.212 9.504   -4.731  1.00 19.73 ? 325 HOH A O   1 
HETATM 1368 O O   . HOH E 5 .   ? 14.434  4.799   9.610   1.00 15.91 ? 326 HOH A O   1 
HETATM 1369 O O   . HOH E 5 .   ? -20.655 8.876   -4.299  1.00 14.48 ? 327 HOH A O   1 
HETATM 1370 O O   . HOH E 5 .   ? 14.750  -16.689 1.313   1.00 20.80 ? 328 HOH A O   1 
HETATM 1371 O O   . HOH E 5 .   ? 13.328  -12.675 -4.593  1.00 15.87 ? 329 HOH A O   1 
HETATM 1372 O O   . HOH E 5 .   ? -12.413 10.126  6.279   1.00 15.50 ? 330 HOH A O   1 
HETATM 1373 O O   . HOH E 5 .   ? -13.756 7.702   11.615  1.00 20.52 ? 331 HOH A O   1 
HETATM 1374 O O   . HOH E 5 .   ? -7.641  0.798   -4.989  1.00 10.71 ? 332 HOH A O   1 
HETATM 1375 O O   . HOH E 5 .   ? 15.951  -14.646 7.699   1.00 23.15 ? 333 HOH A O   1 
HETATM 1376 O O   . HOH E 5 .   ? 18.602  -4.215  -2.129  1.00 13.33 ? 334 HOH A O   1 
HETATM 1377 O O   . HOH E 5 .   ? 0.318   -9.725  14.906  1.00 20.55 ? 335 HOH A O   1 
HETATM 1378 O O   . HOH E 5 .   ? 9.033   -1.712  -11.383 1.00 24.67 ? 336 HOH A O   1 
HETATM 1379 O O   . HOH E 5 .   ? -18.779 8.448   10.974  1.00 29.75 ? 337 HOH A O   1 
HETATM 1380 O O   . HOH E 5 .   ? -6.133  7.732   12.481  1.00 25.24 ? 338 HOH A O   1 
HETATM 1381 O O   . HOH E 5 .   ? 22.975  0.168   7.989   1.00 28.85 ? 339 HOH A O   1 
HETATM 1382 O O   . HOH E 5 .   ? 17.079  -13.728 3.737   1.00 16.25 ? 340 HOH A O   1 
HETATM 1383 O O   . HOH E 5 .   ? 1.475   -2.420  19.837  1.00 18.32 ? 341 HOH A O   1 
HETATM 1384 O O   . HOH E 5 .   ? 6.100   -13.329 1.890   1.00 14.15 ? 342 HOH A O   1 
HETATM 1385 O O   . HOH E 5 .   ? 10.292  -11.302 9.278   1.00 21.89 ? 343 HOH A O   1 
HETATM 1386 O O   . HOH E 5 .   ? 12.597  7.632   -12.886 1.00 24.95 ? 344 HOH A O   1 
HETATM 1387 O O   . HOH E 5 .   ? -5.114  1.969   14.600  1.00 17.50 ? 345 HOH A O   1 
HETATM 1388 O O   . HOH E 5 .   ? 11.351  -15.590 -4.821  1.00 20.98 ? 346 HOH A O   1 
HETATM 1389 O O   . HOH E 5 .   ? 0.492   -4.343  17.718  1.00 17.00 ? 347 HOH A O   1 
HETATM 1390 O O   . HOH E 5 .   ? -15.205 4.593   -14.292 1.00 21.32 ? 348 HOH A O   1 
HETATM 1391 O O   . HOH E 5 .   ? 18.238  -3.861  12.837  1.00 15.73 ? 349 HOH A O   1 
HETATM 1392 O O   . HOH E 5 .   ? 2.479   -2.039  3.803   1.00 10.44 ? 350 HOH A O   1 
HETATM 1393 O O   . HOH E 5 .   ? -8.493  -9.987  1.628   1.00 22.28 ? 351 HOH A O   1 
HETATM 1394 O O   . HOH E 5 .   ? -3.446  -3.109  6.647   1.00 22.91 ? 352 HOH A O   1 
HETATM 1395 O O   . HOH E 5 .   ? 2.239   9.030   -8.605  1.00 25.86 ? 353 HOH A O   1 
HETATM 1396 O O   . HOH E 5 .   ? -2.185  -3.686  -14.610 1.00 11.87 ? 354 HOH A O   1 
HETATM 1397 O O   . HOH E 5 .   ? 22.209  -3.015  -3.553  1.00 18.50 ? 355 HOH A O   1 
HETATM 1398 O O   . HOH E 5 .   ? -11.564 -2.864  -14.436 1.00 15.76 ? 356 HOH A O   1 
HETATM 1399 O O   . HOH E 5 .   ? 2.431   9.232   -1.953  1.00 25.16 ? 357 HOH A O   1 
HETATM 1400 O O   . HOH E 5 .   ? -5.011  5.772   6.234   1.00 22.48 ? 358 HOH A O   1 
HETATM 1401 O O   . HOH E 5 .   ? -24.402 6.467   -11.889 1.00 19.66 ? 359 HOH A O   1 
HETATM 1402 O O   . HOH E 5 .   ? 3.761   -13.083 -11.198 1.00 14.26 ? 360 HOH A O   1 
HETATM 1403 O O   . HOH E 5 .   ? -10.277 0.077   -5.555  1.00 10.30 ? 361 HOH A O   1 
HETATM 1404 O O   . HOH E 5 .   ? -9.858  7.990   -11.225 1.00 11.82 ? 362 HOH A O   1 
HETATM 1405 O O   . HOH E 5 .   ? -3.449  6.989   0.030   1.00 27.48 ? 363 HOH A O   1 
HETATM 1406 O O   . HOH E 5 .   ? 11.989  -5.174  15.876  1.00 18.05 ? 364 HOH A O   1 
HETATM 1407 O O   . HOH E 5 .   ? -11.773 -3.646  0.932   1.00 14.31 ? 365 HOH A O   1 
HETATM 1408 O O   . HOH E 5 .   ? 10.685  -7.930  12.295  1.00 16.54 ? 366 HOH A O   1 
HETATM 1409 O O   . HOH E 5 .   ? 1.026   -11.870 9.529   1.00 16.98 ? 367 HOH A O   1 
HETATM 1410 O O   . HOH E 5 .   ? 7.700   -1.296  17.554  1.00 20.51 ? 368 HOH A O   1 
HETATM 1411 O O   . HOH E 5 .   ? 16.294  0.411   18.265  1.00 25.03 ? 369 HOH A O   1 
HETATM 1412 O O   . HOH E 5 .   ? 1.192   -13.017 -12.044 1.00 14.64 ? 370 HOH A O   1 
HETATM 1413 O O   . HOH E 5 .   ? 19.957  8.049   8.681   1.00 21.69 ? 371 HOH A O   1 
HETATM 1414 O O   . HOH E 5 .   ? -7.484  5.796   -8.850  1.00 16.71 ? 372 HOH A O   1 
HETATM 1415 O O   . HOH E 5 .   ? -10.361 -8.287  -7.308  1.00 25.17 ? 373 HOH A O   1 
HETATM 1416 O O   . HOH E 5 .   ? -19.521 17.248  -0.835  1.00 23.27 ? 374 HOH A O   1 
HETATM 1417 O O   . HOH E 5 .   ? -23.673 3.356   -7.982  1.00 17.38 ? 375 HOH A O   1 
HETATM 1418 O O   . HOH E 5 .   ? -13.585 12.838  -13.405 1.00 11.89 ? 376 HOH A O   1 
HETATM 1419 O O   . HOH E 5 .   ? -14.650 -7.835  -12.174 1.00 27.27 ? 377 HOH A O   1 
HETATM 1420 O O   . HOH E 5 .   ? -12.295 5.721   -13.134 1.00 17.08 ? 378 HOH A O   1 
HETATM 1421 O O   . HOH E 5 .   ? -1.326  4.984   -4.578  1.00 22.85 ? 379 HOH A O   1 
HETATM 1422 O O   . HOH E 5 .   ? -8.373  3.845   14.184  1.00 18.29 ? 380 HOH A O   1 
HETATM 1423 O O   . HOH E 5 .   ? -20.526 12.893  7.576   1.00 26.50 ? 381 HOH A O   1 
HETATM 1424 O O   . HOH E 5 .   ? 12.901  13.529  -5.609  1.00 26.94 ? 382 HOH A O   1 
HETATM 1425 O O   . HOH E 5 .   ? -0.437  1.001   10.172  1.00 16.80 ? 383 HOH A O   1 
HETATM 1426 O O   . HOH E 5 .   ? -0.696  -13.221 7.942   1.00 14.51 ? 384 HOH A O   1 
HETATM 1427 O O   . HOH E 5 .   ? -18.288 -5.309  -12.181 1.00 19.44 ? 385 HOH A O   1 
HETATM 1428 O O   . HOH E 5 .   ? 8.142   -17.319 -3.337  1.00 16.33 ? 386 HOH A O   1 
HETATM 1429 O O   . HOH E 5 .   ? 14.801  -10.282 11.387  1.00 20.79 ? 387 HOH A O   1 
HETATM 1430 O O   . HOH E 5 .   ? -8.187  14.332  2.727   1.00 21.45 ? 388 HOH A O   1 
HETATM 1431 O O   . HOH E 5 .   ? -19.940 -5.702  -9.314  1.00 22.27 ? 389 HOH A O   1 
HETATM 1432 O O   . HOH E 5 .   ? -18.932 -5.199  -0.916  1.00 20.76 ? 390 HOH A O   1 
HETATM 1433 O O   . HOH E 5 .   ? -24.150 9.792   -13.183 1.00 21.48 ? 391 HOH A O   1 
HETATM 1434 O O   . HOH E 5 .   ? 1.719   5.165   10.770  1.00 21.45 ? 392 HOH A O   1 
HETATM 1435 O O   . HOH E 5 .   ? -21.692 14.477  5.159   1.00 22.82 ? 393 HOH A O   1 
HETATM 1436 O O   . HOH E 5 .   ? -5.240  -12.088 -4.131  1.00 22.73 ? 394 HOH A O   1 
HETATM 1437 O O   . HOH E 5 .   ? -12.681 -8.194  1.512   1.00 23.02 ? 395 HOH A O   1 
HETATM 1438 O O   . HOH E 5 .   ? -3.088  1.971   7.337   1.00 24.73 ? 396 HOH A O   1 
HETATM 1439 O O   . HOH E 5 .   ? 7.633   -10.713 9.906   1.00 17.47 ? 397 HOH A O   1 
HETATM 1440 O O   . HOH E 5 .   ? 18.649  9.264   -7.041  1.00 28.34 ? 398 HOH A O   1 
HETATM 1441 O O   . HOH E 5 .   ? 18.684  -13.129 5.889   1.00 18.19 ? 399 HOH A O   1 
HETATM 1442 O O   . HOH E 5 .   ? 4.576   5.959   9.226   1.00 22.18 ? 400 HOH A O   1 
HETATM 1443 O O   . HOH E 5 .   ? -21.771 14.520  -1.963  1.00 25.76 ? 401 HOH A O   1 
HETATM 1444 O O   . HOH E 5 .   ? -14.429 18.427  3.697   1.00 31.69 ? 402 HOH A O   1 
HETATM 1445 O O   . HOH E 5 .   ? -12.200 11.399  9.453   1.00 26.78 ? 403 HOH A O   1 
HETATM 1446 O O   . HOH E 5 .   ? -3.317  -10.770 -10.753 0.50 16.51 ? 404 HOH A O   1 
HETATM 1447 O O   . HOH E 5 .   ? -11.041 -1.677  7.581   1.00 28.91 ? 405 HOH A O   1 
HETATM 1448 O O   . HOH E 5 .   ? 17.080  -1.500  14.206  1.00 10.21 ? 406 HOH A O   1 
HETATM 1449 O O   . HOH E 5 .   ? -23.005 0.675   -8.624  1.00 22.76 ? 407 HOH A O   1 
HETATM 1450 O O   . HOH E 5 .   ? 5.418   -16.598 6.701   1.00 26.00 ? 408 HOH A O   1 
HETATM 1451 O O   . HOH E 5 .   ? 22.676  4.646   -4.874  1.00 32.62 ? 409 HOH A O   1 
HETATM 1452 O O   . HOH E 5 .   ? -11.760 -3.694  4.035   1.00 27.50 ? 410 HOH A O   1 
HETATM 1453 O O   . HOH E 5 .   ? 18.938  -8.659  12.944  1.00 23.62 ? 411 HOH A O   1 
HETATM 1454 O O   . HOH E 5 .   ? -8.496  14.548  -0.016  1.00 25.73 ? 412 HOH A O   1 
HETATM 1455 O O   . HOH E 5 .   ? 0.697   3.165   9.074   1.00 25.14 ? 413 HOH A O   1 
HETATM 1456 O O   . HOH E 5 .   ? 1.868   7.343   -3.771  1.00 28.69 ? 414 HOH A O   1 
HETATM 1457 O O   . HOH E 5 .   ? -22.282 5.653   1.649   1.00 24.85 ? 415 HOH A O   1 
HETATM 1458 O O   . HOH E 5 .   ? 13.014  -18.632 2.465   1.00 28.60 ? 416 HOH A O   1 
HETATM 1459 O O   . HOH E 5 .   ? -12.557 -1.169  -16.432 1.00 17.69 ? 417 HOH A O   1 
HETATM 1460 O O   . HOH E 5 .   ? 11.915  -10.263 11.455  1.00 22.20 ? 418 HOH A O   1 
HETATM 1461 O O   . HOH E 5 .   ? 8.065   -8.761  11.749  1.00 18.52 ? 419 HOH A O   1 
HETATM 1462 O O   . HOH E 5 .   ? -24.055 -1.538  -7.651  1.00 23.59 ? 420 HOH A O   1 
HETATM 1463 O O   . HOH E 5 .   ? 11.121  -7.655  15.021  1.00 22.52 ? 421 HOH A O   1 
HETATM 1464 O O   . HOH E 5 .   ? -7.495  -8.488  -7.694  1.00 25.80 ? 422 HOH A O   1 
HETATM 1465 O O   . HOH E 5 .   ? 19.005  -6.081  14.248  1.00 22.67 ? 423 HOH A O   1 
HETATM 1466 O O   . HOH E 5 .   ? -9.282  -2.470  5.842   1.00 26.41 ? 424 HOH A O   1 
HETATM 1467 O O   . HOH E 5 .   ? -22.831 -3.705  -4.015  1.00 28.89 ? 425 HOH A O   1 
HETATM 1468 O O   . HOH E 5 .   ? 11.085  6.289   -14.855 0.50 26.08 ? 426 HOH A O   1 
# 
loop_
_pdbx_poly_seq_scheme.asym_id 
_pdbx_poly_seq_scheme.entity_id 
_pdbx_poly_seq_scheme.seq_id 
_pdbx_poly_seq_scheme.mon_id 
_pdbx_poly_seq_scheme.ndb_seq_num 
_pdbx_poly_seq_scheme.pdb_seq_num 
_pdbx_poly_seq_scheme.auth_seq_num 
_pdbx_poly_seq_scheme.pdb_mon_id 
_pdbx_poly_seq_scheme.auth_mon_id 
_pdbx_poly_seq_scheme.pdb_strand_id 
_pdbx_poly_seq_scheme.pdb_ins_code 
_pdbx_poly_seq_scheme.hetero 
A 1 1   MET 1   1   1   MET MET A . n 
A 1 2   ASN 2   2   2   ASN ASN A . n 
A 1 3   ILE 3   3   3   ILE ILE A . n 
A 1 4   PHE 4   4   4   PHE PHE A . n 
A 1 5   GLU 5   5   5   GLU GLU A . n 
A 1 6   MET 6   6   6   MET MET A . n 
A 1 7   LEU 7   7   7   LEU LEU A . n 
A 1 8   ARG 8   8   8   ARG ARG A . n 
A 1 9   ILE 9   9   9   ILE ILE A . n 
A 1 10  ASP 10  10  10  ASP ASP A . n 
A 1 11  GLU 11  11  11  GLU GLU A . n 
A 1 12  GLY 12  12  12  GLY GLY A . n 
A 1 13  LEU 13  13  13  LEU LEU A . n 
A 1 14  ARG 14  14  14  ARG ARG A . n 
A 1 15  LEU 15  15  15  LEU LEU A . n 
A 1 16  LYS 16  16  16  LYS LYS A . n 
A 1 17  ILE 17  17  17  ILE ILE A . n 
A 1 18  TYR 18  18  18  TYR TYR A . n 
A 1 19  LYS 19  19  19  LYS LYS A . n 
A 1 20  ASP 20  20  20  ASP ASP A . n 
A 1 21  THR 21  21  21  THR THR A . n 
A 1 22  GLU 22  22  22  GLU GLU A . n 
A 1 23  GLY 23  23  23  GLY GLY A . n 
A 1 24  TYR 24  24  24  TYR TYR A . n 
A 1 25  TYR 25  25  25  TYR TYR A . n 
A 1 26  THR 26  26  26  THR THR A . n 
A 1 27  ILE 27  27  27  ILE ILE A . n 
A 1 28  GLY 28  28  28  GLY GLY A . n 
A 1 29  ILE 29  29  29  ILE ILE A . n 
A 1 30  GLY 30  30  30  GLY GLY A . n 
A 1 31  HIS 31  31  31  HIS HIS A . n 
A 1 32  LEU 32  32  32  LEU LEU A . n 
A 1 33  LEU 33  33  33  LEU LEU A . n 
A 1 34  THR 34  34  34  THR THR A . n 
A 1 35  LYS 35  35  35  LYS LYS A . n 
A 1 36  SER 36  36  36  SER SER A . n 
A 1 37  PRO 37  37  37  PRO PRO A . n 
A 1 38  SER 38  38  38  SER SER A . n 
A 1 39  LEU 39  39  39  LEU LEU A . n 
A 1 40  ASN 40  40  40  ASN ASN A . n 
A 1 41  ALA 41  41  41  ALA ALA A . n 
A 1 42  ALA 42  42  42  ALA ALA A . n 
A 1 43  LYS 43  43  43  LYS LYS A . n 
A 1 44  SER 44  44  44  SER SER A . n 
A 1 45  GLU 45  45  45  GLU GLU A . n 
A 1 46  LEU 46  46  46  LEU LEU A . n 
A 1 47  ASP 47  47  47  ASP ASP A . n 
A 1 48  LYS 48  48  48  LYS LYS A . n 
A 1 49  ALA 49  49  49  ALA ALA A . n 
A 1 50  ILE 50  50  50  ILE ILE A . n 
A 1 51  GLY 51  51  51  GLY GLY A . n 
A 1 52  ARG 52  52  52  ARG ARG A . n 
A 1 53  ASN 53  53  53  ASN ASN A . n 
A 1 54  CYS 54  54  54  CYS CYS A . n 
A 1 55  ASN 55  55  55  ASN ASN A . n 
A 1 56  GLY 56  56  56  GLY GLY A . n 
A 1 57  VAL 57  57  57  VAL VAL A . n 
A 1 58  ILE 58  58  58  ILE ILE A . n 
A 1 59  THR 59  59  59  THR THR A . n 
A 1 60  LYS 60  60  60  LYS LYS A . n 
A 1 61  ASP 61  61  61  ASP ASP A . n 
A 1 62  GLU 62  62  62  GLU GLU A . n 
A 1 63  ALA 63  63  63  ALA ALA A . n 
A 1 64  GLU 64  64  64  GLU GLU A . n 
A 1 65  LYS 65  65  65  LYS LYS A . n 
A 1 66  LEU 66  66  66  LEU LEU A . n 
A 1 67  PHE 67  67  67  PHE PHE A . n 
A 1 68  ASN 68  68  68  ASN ASN A . n 
A 1 69  GLN 69  69  69  GLN GLN A . n 
A 1 70  ASP 70  70  70  ASP ASP A . n 
A 1 71  VAL 71  71  71  VAL VAL A . n 
A 1 72  ASP 72  72  72  ASP ASP A . n 
A 1 73  ALA 73  73  73  ALA ALA A . n 
A 1 74  ALA 74  74  74  ALA ALA A . n 
A 1 75  VAL 75  75  75  VAL VAL A . n 
A 1 76  ARG 76  76  76  ARG ARG A . n 
A 1 77  GLY 77  77  77  GLY GLY A . n 
A 1 78  ILE 78  78  78  ILE ILE A . n 
A 1 79  LEU 79  79  79  LEU LEU A . n 
A 1 80  ARG 80  80  80  ARG ARG A . n 
A 1 81  ASN 81  81  81  ASN ASN A . n 
A 1 82  ALA 82  82  82  ALA ALA A . n 
A 1 83  LYS 83  83  83  LYS LYS A . n 
A 1 84  LEU 84  84  84  LEU LEU A . n 
A 1 85  LYS 85  85  85  LYS LYS A . n 
A 1 86  PRO 86  86  86  PRO PRO A . n 
A 1 87  VAL 87  87  87  VAL VAL A . n 
A 1 88  TYR 88  88  88  TYR TYR A . n 
A 1 89  ASP 89  89  89  ASP ASP A . n 
A 1 90  SER 90  90  90  SER SER A . n 
A 1 91  LEU 91  91  91  LEU LEU A . n 
A 1 92  ASP 92  92  92  ASP ASP A . n 
A 1 93  ALA 93  93  93  ALA ALA A . n 
A 1 94  VAL 94  94  94  VAL VAL A . n 
A 1 95  ARG 95  95  95  ARG ARG A . n 
A 1 96  ARG 96  96  96  ARG ARG A . n 
A 1 97  CYS 97  97  97  CYS CYS A . n 
A 1 98  ALA 98  98  98  ALA ALA A . n 
A 1 99  ALA 99  99  99  ALA ALA A . n 
A 1 100 ILE 100 100 100 ILE ILE A . n 
A 1 101 ASN 101 101 101 ASN ASN A . n 
A 1 102 MET 102 102 102 MET MET A . n 
A 1 103 VAL 103 103 103 VAL VAL A . n 
A 1 104 PHE 104 104 104 PHE PHE A . n 
A 1 105 GLN 105 105 105 GLN GLN A . n 
A 1 106 MET 106 106 106 MET MET A . n 
A 1 107 GLY 107 107 107 GLY GLY A . n 
A 1 108 GLU 108 108 108 GLU GLU A . n 
A 1 109 THR 109 109 109 THR THR A . n 
A 1 110 GLY 110 110 110 GLY GLY A . n 
A 1 111 VAL 111 111 111 VAL VAL A . n 
A 1 112 ALA 112 112 112 ALA ALA A . n 
A 1 113 GLY 113 113 113 GLY GLY A . n 
A 1 114 PHE 114 114 114 PHE PHE A . n 
A 1 115 THR 115 115 115 THR THR A . n 
A 1 116 ASN 116 116 116 ASN ASN A . n 
A 1 117 SER 117 117 117 SER SER A . n 
A 1 118 LEU 118 118 118 LEU LEU A . n 
A 1 119 ARG 119 119 119 ARG ARG A . n 
A 1 120 MET 120 120 120 MET MET A . n 
A 1 121 LEU 121 121 121 LEU LEU A . n 
A 1 122 GLN 122 122 122 GLN GLN A . n 
A 1 123 GLN 123 123 123 GLN GLN A . n 
A 1 124 LYS 124 124 124 LYS LYS A . n 
A 1 125 ARG 125 125 125 ARG ARG A . n 
A 1 126 TRP 126 126 126 TRP TRP A . n 
A 1 127 ASP 127 127 127 ASP ASP A . n 
A 1 128 GLU 128 128 128 GLU GLU A . n 
A 1 129 ALA 129 129 129 ALA ALA A . n 
A 1 130 ALA 130 130 130 ALA ALA A . n 
A 1 131 VAL 131 131 131 VAL VAL A . n 
A 1 132 ASN 132 132 132 ASN ASN A . n 
A 1 133 LEU 133 133 133 LEU LEU A . n 
A 1 134 ALA 134 134 134 ALA ALA A . n 
A 1 135 LYS 135 135 135 LYS LYS A . n 
A 1 136 SER 136 136 136 SER SER A . n 
A 1 137 ARG 137 137 137 ARG ARG A . n 
A 1 138 TRP 138 138 138 TRP TRP A . n 
A 1 139 TYR 139 139 139 TYR TYR A . n 
A 1 140 ASN 140 140 140 ASN ASN A . n 
A 1 141 GLN 141 141 141 GLN GLN A . n 
A 1 142 THR 142 142 142 THR THR A . n 
A 1 143 PRO 143 143 143 PRO PRO A . n 
A 1 144 ASN 144 144 144 ASN ASN A . n 
A 1 145 ARG 145 145 145 ARG ARG A . n 
A 1 146 ALA 146 146 146 ALA ALA A . n 
A 1 147 LYS 147 147 147 LYS LYS A . n 
A 1 148 ARG 148 148 148 ARG ARG A . n 
A 1 149 VAL 149 149 149 VAL VAL A . n 
A 1 150 ILE 150 150 150 ILE ILE A . n 
A 1 151 THR 151 151 151 THR THR A . n 
A 1 152 THR 152 152 152 THR THR A . n 
A 1 153 PHE 153 153 153 PHE PHE A . n 
A 1 154 ARG 154 154 154 ARG ARG A . n 
A 1 155 THR 155 155 155 THR THR A . n 
A 1 156 GLY 156 156 156 GLY GLY A . n 
A 1 157 THR 157 157 157 THR THR A . n 
A 1 158 TRP 158 158 158 TRP TRP A . n 
A 1 159 ASP 159 159 159 ASP ASP A . n 
A 1 160 ALA 160 160 160 ALA ALA A . n 
A 1 161 TYR 161 161 161 TYR TYR A . n 
A 1 162 LYS 162 162 162 LYS LYS A . n 
A 1 163 ASN 163 163 163 ASN ASN A . n 
A 1 164 LEU 164 164 ?   ?   ?   A . n 
A 1 165 LEU 165 165 ?   ?   ?   A . n 
A 1 166 GLU 166 166 ?   ?   ?   A . n 
A 1 167 HIS 167 167 ?   ?   ?   A . n 
A 1 168 HIS 168 168 ?   ?   ?   A . n 
A 1 169 HIS 169 169 ?   ?   ?   A . n 
A 1 170 HIS 170 170 ?   ?   ?   A . n 
A 1 171 HIS 171 171 ?   ?   ?   A . n 
A 1 172 HIS 172 172 ?   ?   ?   A . n 
# 
loop_
_pdbx_nonpoly_scheme.asym_id 
_pdbx_nonpoly_scheme.entity_id 
_pdbx_nonpoly_scheme.mon_id 
_pdbx_nonpoly_scheme.ndb_seq_num 
_pdbx_nonpoly_scheme.pdb_seq_num 
_pdbx_nonpoly_scheme.auth_seq_num 
_pdbx_nonpoly_scheme.pdb_mon_id 
_pdbx_nonpoly_scheme.auth_mon_id 
_pdbx_nonpoly_scheme.pdb_strand_id 
_pdbx_nonpoly_scheme.pdb_ins_code 
B 2 Y84 1   201 201 Y84 LIG A . 
C 3 BME 1   202 202 BME BME A . 
D 4 TRS 1   203 210 TRS TRS A . 
E 5 HOH 1   301 51  HOH HOH A . 
E 5 HOH 2   302 64  HOH HOH A . 
E 5 HOH 3   303 86  HOH HOH A . 
E 5 HOH 4   304 105 HOH HOH A . 
E 5 HOH 5   305 93  HOH HOH A . 
E 5 HOH 6   306 42  HOH HOH A . 
E 5 HOH 7   307 119 HOH HOH A . 
E 5 HOH 8   308 114 HOH HOH A . 
E 5 HOH 9   309 69  HOH HOH A . 
E 5 HOH 10  310 125 HOH HOH A . 
E 5 HOH 11  311 18  HOH HOH A . 
E 5 HOH 12  312 72  HOH HOH A . 
E 5 HOH 13  313 101 HOH HOH A . 
E 5 HOH 14  314 20  HOH HOH A . 
E 5 HOH 15  315 22  HOH HOH A . 
E 5 HOH 16  316 31  HOH HOH A . 
E 5 HOH 17  317 117 HOH HOH A . 
E 5 HOH 18  318 98  HOH HOH A . 
E 5 HOH 19  319 112 HOH HOH A . 
E 5 HOH 20  320 57  HOH HOH A . 
E 5 HOH 21  321 24  HOH HOH A . 
E 5 HOH 22  322 84  HOH HOH A . 
E 5 HOH 23  323 43  HOH HOH A . 
E 5 HOH 24  324 37  HOH HOH A . 
E 5 HOH 25  325 48  HOH HOH A . 
E 5 HOH 26  326 23  HOH HOH A . 
E 5 HOH 27  327 11  HOH HOH A . 
E 5 HOH 28  328 38  HOH HOH A . 
E 5 HOH 29  329 39  HOH HOH A . 
E 5 HOH 30  330 25  HOH HOH A . 
E 5 HOH 31  331 56  HOH HOH A . 
E 5 HOH 32  332 2   HOH HOH A . 
E 5 HOH 33  333 99  HOH HOH A . 
E 5 HOH 34  334 14  HOH HOH A . 
E 5 HOH 35  335 82  HOH HOH A . 
E 5 HOH 36  336 80  HOH HOH A . 
E 5 HOH 37  337 136 HOH HOH A . 
E 5 HOH 38  338 120 HOH HOH A . 
E 5 HOH 39  339 95  HOH HOH A . 
E 5 HOH 40  340 21  HOH HOH A . 
E 5 HOH 41  341 62  HOH HOH A . 
E 5 HOH 42  342 4   HOH HOH A . 
E 5 HOH 43  343 92  HOH HOH A . 
E 5 HOH 44  344 106 HOH HOH A . 
E 5 HOH 45  345 53  HOH HOH A . 
E 5 HOH 46  346 74  HOH HOH A . 
E 5 HOH 47  347 60  HOH HOH A . 
E 5 HOH 48  348 66  HOH HOH A . 
E 5 HOH 49  349 15  HOH HOH A . 
E 5 HOH 50  350 13  HOH HOH A . 
E 5 HOH 51  351 77  HOH HOH A . 
E 5 HOH 52  352 49  HOH HOH A . 
E 5 HOH 53  353 124 HOH HOH A . 
E 5 HOH 54  354 7   HOH HOH A . 
E 5 HOH 55  355 65  HOH HOH A . 
E 5 HOH 56  356 142 HOH HOH A . 
E 5 HOH 57  357 139 HOH HOH A . 
E 5 HOH 58  358 50  HOH HOH A . 
E 5 HOH 59  359 89  HOH HOH A . 
E 5 HOH 60  360 30  HOH HOH A . 
E 5 HOH 61  361 3   HOH HOH A . 
E 5 HOH 62  362 5   HOH HOH A . 
E 5 HOH 63  363 121 HOH HOH A . 
E 5 HOH 64  364 16  HOH HOH A . 
E 5 HOH 65  365 19  HOH HOH A . 
E 5 HOH 66  366 27  HOH HOH A . 
E 5 HOH 67  367 41  HOH HOH A . 
E 5 HOH 68  368 63  HOH HOH A . 
E 5 HOH 69  369 97  HOH HOH A . 
E 5 HOH 70  370 33  HOH HOH A . 
E 5 HOH 71  371 141 HOH HOH A . 
E 5 HOH 72  372 26  HOH HOH A . 
E 5 HOH 73  373 103 HOH HOH A . 
E 5 HOH 74  374 67  HOH HOH A . 
E 5 HOH 75  375 35  HOH HOH A . 
E 5 HOH 76  376 10  HOH HOH A . 
E 5 HOH 77  377 107 HOH HOH A . 
E 5 HOH 78  378 12  HOH HOH A . 
E 5 HOH 79  379 78  HOH HOH A . 
E 5 HOH 80  380 17  HOH HOH A . 
E 5 HOH 81  381 123 HOH HOH A . 
E 5 HOH 82  382 134 HOH HOH A . 
E 5 HOH 83  383 70  HOH HOH A . 
E 5 HOH 84  384 8   HOH HOH A . 
E 5 HOH 85  385 45  HOH HOH A . 
E 5 HOH 86  386 6   HOH HOH A . 
E 5 HOH 87  387 32  HOH HOH A . 
E 5 HOH 88  388 47  HOH HOH A . 
E 5 HOH 89  389 83  HOH HOH A . 
E 5 HOH 90  390 29  HOH HOH A . 
E 5 HOH 91  391 46  HOH HOH A . 
E 5 HOH 92  392 28  HOH HOH A . 
E 5 HOH 93  393 88  HOH HOH A . 
E 5 HOH 94  394 126 HOH HOH A . 
E 5 HOH 95  395 36  HOH HOH A . 
E 5 HOH 96  396 129 HOH HOH A . 
E 5 HOH 97  397 71  HOH HOH A . 
E 5 HOH 98  398 58  HOH HOH A . 
E 5 HOH 99  399 34  HOH HOH A . 
E 5 HOH 100 400 40  HOH HOH A . 
E 5 HOH 101 401 104 HOH HOH A . 
E 5 HOH 102 402 132 HOH HOH A . 
E 5 HOH 103 403 122 HOH HOH A . 
E 5 HOH 104 404 81  HOH HOH A . 
E 5 HOH 105 405 143 HOH HOH A . 
E 5 HOH 106 406 1   HOH HOH A . 
E 5 HOH 107 407 59  HOH HOH A . 
E 5 HOH 108 408 116 HOH HOH A . 
E 5 HOH 109 409 108 HOH HOH A . 
E 5 HOH 110 410 100 HOH HOH A . 
E 5 HOH 111 411 91  HOH HOH A . 
E 5 HOH 112 412 113 HOH HOH A . 
E 5 HOH 113 413 111 HOH HOH A . 
E 5 HOH 114 414 144 HOH HOH A . 
E 5 HOH 115 415 138 HOH HOH A . 
E 5 HOH 116 416 135 HOH HOH A . 
E 5 HOH 117 417 55  HOH HOH A . 
E 5 HOH 118 418 85  HOH HOH A . 
E 5 HOH 119 419 61  HOH HOH A . 
E 5 HOH 120 420 90  HOH HOH A . 
E 5 HOH 121 421 87  HOH HOH A . 
E 5 HOH 122 422 140 HOH HOH A . 
E 5 HOH 123 423 75  HOH HOH A . 
E 5 HOH 124 424 131 HOH HOH A . 
E 5 HOH 125 425 137 HOH HOH A . 
E 5 HOH 126 426 118 HOH HOH A . 
# 
_pdbx_struct_assembly.id                   1 
_pdbx_struct_assembly.details              author_and_software_defined_assembly 
_pdbx_struct_assembly.method_details       PISA 
_pdbx_struct_assembly.oligomeric_details   monomeric 
_pdbx_struct_assembly.oligomeric_count     1 
# 
_pdbx_struct_assembly_gen.assembly_id       1 
_pdbx_struct_assembly_gen.oper_expression   1 
_pdbx_struct_assembly_gen.asym_id_list      A,B,C,D,E 
# 
_pdbx_struct_oper_list.id                   1 
_pdbx_struct_oper_list.type                 'identity operation' 
_pdbx_struct_oper_list.name                 1_555 
_pdbx_struct_oper_list.symmetry_operation   x,y,z 
_pdbx_struct_oper_list.matrix[1][1]         1.0000000000 
_pdbx_struct_oper_list.matrix[1][2]         0.0000000000 
_pdbx_struct_oper_list.matrix[1][3]         0.0000000000 
_pdbx_struct_oper_list.vector[1]            0.0000000000 
_pdbx_struct_oper_list.matrix[2][1]         0.0000000000 
_pdbx_struct_oper_list.matrix[2][2]         1.0000000000 
_pdbx_struct_oper_list.matrix[2][3]         0.0000000000 
_pdbx_struct_oper_list.vector[2]            0.0000000000 
_pdbx_struct_oper_list.matrix[3][1]         0.0000000000 
_pdbx_struct_oper_list.matrix[3][2]         0.0000000000 
_pdbx_struct_oper_list.matrix[3][3]         1.0000000000 
_pdbx_struct_oper_list.vector[3]            0.0000000000 
# 
loop_
_pdbx_struct_special_symmetry.id 
_pdbx_struct_special_symmetry.PDB_model_num 
_pdbx_struct_special_symmetry.auth_asym_id 
_pdbx_struct_special_symmetry.auth_comp_id 
_pdbx_struct_special_symmetry.auth_seq_id 
_pdbx_struct_special_symmetry.PDB_ins_code 
_pdbx_struct_special_symmetry.label_asym_id 
_pdbx_struct_special_symmetry.label_comp_id 
_pdbx_struct_special_symmetry.label_seq_id 
1 1 A HOH 404 ? E HOH . 
2 1 A HOH 426 ? E HOH . 
# 
loop_
_pdbx_audit_revision_history.ordinal 
_pdbx_audit_revision_history.data_content_type 
_pdbx_audit_revision_history.major_revision 
_pdbx_audit_revision_history.minor_revision 
_pdbx_audit_revision_history.revision_date 
1 'Structure model' 1 0 2021-05-19 
2 'Structure model' 1 1 2021-12-08 
3 'Structure model' 1 2 2023-10-18 
# 
_pdbx_audit_revision_details.ordinal             1 
_pdbx_audit_revision_details.revision_ordinal    1 
_pdbx_audit_revision_details.data_content_type   'Structure model' 
_pdbx_audit_revision_details.provider            repository 
_pdbx_audit_revision_details.type                'Initial release' 
_pdbx_audit_revision_details.description         ? 
_pdbx_audit_revision_details.details             ? 
# 
loop_
_pdbx_audit_revision_group.ordinal 
_pdbx_audit_revision_group.revision_ordinal 
_pdbx_audit_revision_group.data_content_type 
_pdbx_audit_revision_group.group 
1 2 'Structure model' 'Database references'    
2 3 'Structure model' 'Data collection'        
3 3 'Structure model' 'Refinement description' 
# 
loop_
_pdbx_audit_revision_category.ordinal 
_pdbx_audit_revision_category.revision_ordinal 
_pdbx_audit_revision_category.data_content_type 
_pdbx_audit_revision_category.category 
1 2 'Structure model' citation                      
2 2 'Structure model' citation_author               
3 2 'Structure model' database_2                    
4 3 'Structure model' chem_comp_atom                
5 3 'Structure model' chem_comp_bond                
6 3 'Structure model' pdbx_initial_refinement_model 
# 
loop_
_pdbx_audit_revision_item.ordinal 
_pdbx_audit_revision_item.revision_ordinal 
_pdbx_audit_revision_item.data_content_type 
_pdbx_audit_revision_item.item 
1  2 'Structure model' '_citation.country'                   
2  2 'Structure model' '_citation.journal_abbrev'            
3  2 'Structure model' '_citation.journal_id_ASTM'           
4  2 'Structure model' '_citation.journal_id_CSD'            
5  2 'Structure model' '_citation.journal_id_ISSN'           
6  2 'Structure model' '_citation.journal_volume'            
7  2 'Structure model' '_citation.pdbx_database_id_DOI'      
8  2 'Structure model' '_citation.pdbx_database_id_PubMed'   
9  2 'Structure model' '_citation.title'                     
10 2 'Structure model' '_citation.year'                      
11 2 'Structure model' '_citation_author.identifier_ORCID'   
12 2 'Structure model' '_database_2.pdbx_DOI'                
13 2 'Structure model' '_database_2.pdbx_database_accession' 
# 
_phasing.method   MR 
# 
loop_
_software.citation_id 
_software.classification 
_software.compiler_name 
_software.compiler_version 
_software.contact_author 
_software.contact_author_email 
_software.date 
_software.description 
_software.dependencies 
_software.hardware 
_software.language 
_software.location 
_software.mods 
_software.name 
_software.os 
_software.os_version 
_software.type 
_software.version 
_software.pdbx_ordinal 
? 'data reduction'  ? ? 'Wolfgang Kabsch' Wolfgang.Kabsch@mpimf-heidelberg.mpg.de ?               ? ? ? ?          
http://www.mpimf-heidelberg.mpg.de/~kabsch/xds/     ? XDS         ? ? package .           1 
? 'data scaling'    ? ? 'Phil Evans'      ?                                       29/03/17        ? ? ? ?          
http://www.mrc-lmb.cam.ac.uk/harry/pre/aimless.html ? Aimless     ? ? program 0.5.32      2 
? phasing           ? ? 'Alexei Vaguine'  alexei@ysbl.york.ac.uk                  ?               ? ? ? Fortran_77 
http://www.ccp4.ac.uk/dist/html/molrep.html         ? MOLREP      ? ? program .           3 
? refinement        ? ? 'Paul D. Adams'   PDAdams@lbl.gov                         ?               ? ? ? C++        
http://www.phenix-online.org/                       ? PHENIX      ? ? package 1.11.1_2575 4 
? 'data extraction' ? ? PDB               deposit@deposit.rcsb.org                'Oct. 31, 2020' ? ? ? C++        
http://sw-tools.pdb.org/apps/PDB_EXTRACT/           ? PDB_EXTRACT ? ? package 3.27        5 
# 
_pdbx_entry_details.entry_id                 7LOE 
_pdbx_entry_details.has_ligand_of_interest   Y 
_pdbx_entry_details.compound_details         ? 
_pdbx_entry_details.source_details           ? 
_pdbx_entry_details.nonpolymer_details       ? 
_pdbx_entry_details.sequence_details         ? 
# 
loop_
_pdbx_unobs_or_zero_occ_atoms.id 
_pdbx_unobs_or_zero_occ_atoms.PDB_model_num 
_pdbx_unobs_or_zero_occ_atoms.polymer_flag 
_pdbx_unobs_or_zero_occ_atoms.occupancy_flag 
_pdbx_unobs_or_zero_occ_atoms.auth_asym_id 
_pdbx_unobs_or_zero_occ_atoms.auth_comp_id 
_pdbx_unobs_or_zero_occ_atoms.auth_seq_id 
_pdbx_unobs_or_zero_occ_atoms.PDB_ins_code 
_pdbx_unobs_or_zero_occ_atoms.auth_atom_id 
_pdbx_unobs_or_zero_occ_atoms.label_alt_id 
_pdbx_unobs_or_zero_occ_atoms.label_asym_id 
_pdbx_unobs_or_zero_occ_atoms.label_comp_id 
_pdbx_unobs_or_zero_occ_atoms.label_seq_id 
_pdbx_unobs_or_zero_occ_atoms.label_atom_id 
1 1 Y 1 A ASN 116 ? OD1 ? A ASN 116 OD1 
2 1 Y 1 A ASN 116 ? ND2 ? A ASN 116 ND2 
# 
loop_
_pdbx_unobs_or_zero_occ_residues.id 
_pdbx_unobs_or_zero_occ_residues.PDB_model_num 
_pdbx_unobs_or_zero_occ_residues.polymer_flag 
_pdbx_unobs_or_zero_occ_residues.occupancy_flag 
_pdbx_unobs_or_zero_occ_residues.auth_asym_id 
_pdbx_unobs_or_zero_occ_residues.auth_comp_id 
_pdbx_unobs_or_zero_occ_residues.auth_seq_id 
_pdbx_unobs_or_zero_occ_residues.PDB_ins_code 
_pdbx_unobs_or_zero_occ_residues.label_asym_id 
_pdbx_unobs_or_zero_occ_residues.label_comp_id 
_pdbx_unobs_or_zero_occ_residues.label_seq_id 
1 1 Y 1 A LEU 164 ? A LEU 164 
2 1 Y 1 A LEU 165 ? A LEU 165 
3 1 Y 1 A GLU 166 ? A GLU 166 
4 1 Y 1 A HIS 167 ? A HIS 167 
5 1 Y 1 A HIS 168 ? A HIS 168 
6 1 Y 1 A HIS 169 ? A HIS 169 
7 1 Y 1 A HIS 170 ? A HIS 170 
8 1 Y 1 A HIS 171 ? A HIS 171 
9 1 Y 1 A HIS 172 ? A HIS 172 
# 
loop_
_chem_comp_atom.comp_id 
_chem_comp_atom.atom_id 
_chem_comp_atom.type_symbol 
_chem_comp_atom.pdbx_aromatic_flag 
_chem_comp_atom.pdbx_stereo_config 
_chem_comp_atom.pdbx_ordinal 
ALA N    N N N 1   
ALA CA   C N S 2   
ALA C    C N N 3   
ALA O    O N N 4   
ALA CB   C N N 5   
ALA OXT  O N N 6   
ALA H    H N N 7   
ALA H2   H N N 8   
ALA HA   H N N 9   
ALA HB1  H N N 10  
ALA HB2  H N N 11  
ALA HB3  H N N 12  
ALA HXT  H N N 13  
ARG N    N N N 14  
ARG CA   C N S 15  
ARG C    C N N 16  
ARG O    O N N 17  
ARG CB   C N N 18  
ARG CG   C N N 19  
ARG CD   C N N 20  
ARG NE   N N N 21  
ARG CZ   C N N 22  
ARG NH1  N N N 23  
ARG NH2  N N N 24  
ARG OXT  O N N 25  
ARG H    H N N 26  
ARG H2   H N N 27  
ARG HA   H N N 28  
ARG HB2  H N N 29  
ARG HB3  H N N 30  
ARG HG2  H N N 31  
ARG HG3  H N N 32  
ARG HD2  H N N 33  
ARG HD3  H N N 34  
ARG HE   H N N 35  
ARG HH11 H N N 36  
ARG HH12 H N N 37  
ARG HH21 H N N 38  
ARG HH22 H N N 39  
ARG HXT  H N N 40  
ASN N    N N N 41  
ASN CA   C N S 42  
ASN C    C N N 43  
ASN O    O N N 44  
ASN CB   C N N 45  
ASN CG   C N N 46  
ASN OD1  O N N 47  
ASN ND2  N N N 48  
ASN OXT  O N N 49  
ASN H    H N N 50  
ASN H2   H N N 51  
ASN HA   H N N 52  
ASN HB2  H N N 53  
ASN HB3  H N N 54  
ASN HD21 H N N 55  
ASN HD22 H N N 56  
ASN HXT  H N N 57  
ASP N    N N N 58  
ASP CA   C N S 59  
ASP C    C N N 60  
ASP O    O N N 61  
ASP CB   C N N 62  
ASP CG   C N N 63  
ASP OD1  O N N 64  
ASP OD2  O N N 65  
ASP OXT  O N N 66  
ASP H    H N N 67  
ASP H2   H N N 68  
ASP HA   H N N 69  
ASP HB2  H N N 70  
ASP HB3  H N N 71  
ASP HD2  H N N 72  
ASP HXT  H N N 73  
BME C1   C N N 74  
BME C2   C N N 75  
BME O1   O N N 76  
BME S2   S N N 77  
BME H11  H N N 78  
BME H12  H N N 79  
BME H21  H N N 80  
BME H22  H N N 81  
BME HO1  H N N 82  
BME HS2  H N N 83  
CYS N    N N N 84  
CYS CA   C N R 85  
CYS C    C N N 86  
CYS O    O N N 87  
CYS CB   C N N 88  
CYS SG   S N N 89  
CYS OXT  O N N 90  
CYS H    H N N 91  
CYS H2   H N N 92  
CYS HA   H N N 93  
CYS HB2  H N N 94  
CYS HB3  H N N 95  
CYS HG   H N N 96  
CYS HXT  H N N 97  
GLN N    N N N 98  
GLN CA   C N S 99  
GLN C    C N N 100 
GLN O    O N N 101 
GLN CB   C N N 102 
GLN CG   C N N 103 
GLN CD   C N N 104 
GLN OE1  O N N 105 
GLN NE2  N N N 106 
GLN OXT  O N N 107 
GLN H    H N N 108 
GLN H2   H N N 109 
GLN HA   H N N 110 
GLN HB2  H N N 111 
GLN HB3  H N N 112 
GLN HG2  H N N 113 
GLN HG3  H N N 114 
GLN HE21 H N N 115 
GLN HE22 H N N 116 
GLN HXT  H N N 117 
GLU N    N N N 118 
GLU CA   C N S 119 
GLU C    C N N 120 
GLU O    O N N 121 
GLU CB   C N N 122 
GLU CG   C N N 123 
GLU CD   C N N 124 
GLU OE1  O N N 125 
GLU OE2  O N N 126 
GLU OXT  O N N 127 
GLU H    H N N 128 
GLU H2   H N N 129 
GLU HA   H N N 130 
GLU HB2  H N N 131 
GLU HB3  H N N 132 
GLU HG2  H N N 133 
GLU HG3  H N N 134 
GLU HE2  H N N 135 
GLU HXT  H N N 136 
GLY N    N N N 137 
GLY CA   C N N 138 
GLY C    C N N 139 
GLY O    O N N 140 
GLY OXT  O N N 141 
GLY H    H N N 142 
GLY H2   H N N 143 
GLY HA2  H N N 144 
GLY HA3  H N N 145 
GLY HXT  H N N 146 
HIS N    N N N 147 
HIS CA   C N S 148 
HIS C    C N N 149 
HIS O    O N N 150 
HIS CB   C N N 151 
HIS CG   C Y N 152 
HIS ND1  N Y N 153 
HIS CD2  C Y N 154 
HIS CE1  C Y N 155 
HIS NE2  N Y N 156 
HIS OXT  O N N 157 
HIS H    H N N 158 
HIS H2   H N N 159 
HIS HA   H N N 160 
HIS HB2  H N N 161 
HIS HB3  H N N 162 
HIS HD1  H N N 163 
HIS HD2  H N N 164 
HIS HE1  H N N 165 
HIS HE2  H N N 166 
HIS HXT  H N N 167 
HOH O    O N N 168 
HOH H1   H N N 169 
HOH H2   H N N 170 
ILE N    N N N 171 
ILE CA   C N S 172 
ILE C    C N N 173 
ILE O    O N N 174 
ILE CB   C N S 175 
ILE CG1  C N N 176 
ILE CG2  C N N 177 
ILE CD1  C N N 178 
ILE OXT  O N N 179 
ILE H    H N N 180 
ILE H2   H N N 181 
ILE HA   H N N 182 
ILE HB   H N N 183 
ILE HG12 H N N 184 
ILE HG13 H N N 185 
ILE HG21 H N N 186 
ILE HG22 H N N 187 
ILE HG23 H N N 188 
ILE HD11 H N N 189 
ILE HD12 H N N 190 
ILE HD13 H N N 191 
ILE HXT  H N N 192 
LEU N    N N N 193 
LEU CA   C N S 194 
LEU C    C N N 195 
LEU O    O N N 196 
LEU CB   C N N 197 
LEU CG   C N N 198 
LEU CD1  C N N 199 
LEU CD2  C N N 200 
LEU OXT  O N N 201 
LEU H    H N N 202 
LEU H2   H N N 203 
LEU HA   H N N 204 
LEU HB2  H N N 205 
LEU HB3  H N N 206 
LEU HG   H N N 207 
LEU HD11 H N N 208 
LEU HD12 H N N 209 
LEU HD13 H N N 210 
LEU HD21 H N N 211 
LEU HD22 H N N 212 
LEU HD23 H N N 213 
LEU HXT  H N N 214 
LYS N    N N N 215 
LYS CA   C N S 216 
LYS C    C N N 217 
LYS O    O N N 218 
LYS CB   C N N 219 
LYS CG   C N N 220 
LYS CD   C N N 221 
LYS CE   C N N 222 
LYS NZ   N N N 223 
LYS OXT  O N N 224 
LYS H    H N N 225 
LYS H2   H N N 226 
LYS HA   H N N 227 
LYS HB2  H N N 228 
LYS HB3  H N N 229 
LYS HG2  H N N 230 
LYS HG3  H N N 231 
LYS HD2  H N N 232 
LYS HD3  H N N 233 
LYS HE2  H N N 234 
LYS HE3  H N N 235 
LYS HZ1  H N N 236 
LYS HZ2  H N N 237 
LYS HZ3  H N N 238 
LYS HXT  H N N 239 
MET N    N N N 240 
MET CA   C N S 241 
MET C    C N N 242 
MET O    O N N 243 
MET CB   C N N 244 
MET CG   C N N 245 
MET SD   S N N 246 
MET CE   C N N 247 
MET OXT  O N N 248 
MET H    H N N 249 
MET H2   H N N 250 
MET HA   H N N 251 
MET HB2  H N N 252 
MET HB3  H N N 253 
MET HG2  H N N 254 
MET HG3  H N N 255 
MET HE1  H N N 256 
MET HE2  H N N 257 
MET HE3  H N N 258 
MET HXT  H N N 259 
PHE N    N N N 260 
PHE CA   C N S 261 
PHE C    C N N 262 
PHE O    O N N 263 
PHE CB   C N N 264 
PHE CG   C Y N 265 
PHE CD1  C Y N 266 
PHE CD2  C Y N 267 
PHE CE1  C Y N 268 
PHE CE2  C Y N 269 
PHE CZ   C Y N 270 
PHE OXT  O N N 271 
PHE H    H N N 272 
PHE H2   H N N 273 
PHE HA   H N N 274 
PHE HB2  H N N 275 
PHE HB3  H N N 276 
PHE HD1  H N N 277 
PHE HD2  H N N 278 
PHE HE1  H N N 279 
PHE HE2  H N N 280 
PHE HZ   H N N 281 
PHE HXT  H N N 282 
PRO N    N N N 283 
PRO CA   C N S 284 
PRO C    C N N 285 
PRO O    O N N 286 
PRO CB   C N N 287 
PRO CG   C N N 288 
PRO CD   C N N 289 
PRO OXT  O N N 290 
PRO H    H N N 291 
PRO HA   H N N 292 
PRO HB2  H N N 293 
PRO HB3  H N N 294 
PRO HG2  H N N 295 
PRO HG3  H N N 296 
PRO HD2  H N N 297 
PRO HD3  H N N 298 
PRO HXT  H N N 299 
SER N    N N N 300 
SER CA   C N S 301 
SER C    C N N 302 
SER O    O N N 303 
SER CB   C N N 304 
SER OG   O N N 305 
SER OXT  O N N 306 
SER H    H N N 307 
SER H2   H N N 308 
SER HA   H N N 309 
SER HB2  H N N 310 
SER HB3  H N N 311 
SER HG   H N N 312 
SER HXT  H N N 313 
THR N    N N N 314 
THR CA   C N S 315 
THR C    C N N 316 
THR O    O N N 317 
THR CB   C N R 318 
THR OG1  O N N 319 
THR CG2  C N N 320 
THR OXT  O N N 321 
THR H    H N N 322 
THR H2   H N N 323 
THR HA   H N N 324 
THR HB   H N N 325 
THR HG1  H N N 326 
THR HG21 H N N 327 
THR HG22 H N N 328 
THR HG23 H N N 329 
THR HXT  H N N 330 
TRP N    N N N 331 
TRP CA   C N S 332 
TRP C    C N N 333 
TRP O    O N N 334 
TRP CB   C N N 335 
TRP CG   C Y N 336 
TRP CD1  C Y N 337 
TRP CD2  C Y N 338 
TRP NE1  N Y N 339 
TRP CE2  C Y N 340 
TRP CE3  C Y N 341 
TRP CZ2  C Y N 342 
TRP CZ3  C Y N 343 
TRP CH2  C Y N 344 
TRP OXT  O N N 345 
TRP H    H N N 346 
TRP H2   H N N 347 
TRP HA   H N N 348 
TRP HB2  H N N 349 
TRP HB3  H N N 350 
TRP HD1  H N N 351 
TRP HE1  H N N 352 
TRP HE3  H N N 353 
TRP HZ2  H N N 354 
TRP HZ3  H N N 355 
TRP HH2  H N N 356 
TRP HXT  H N N 357 
TRS C    C N N 358 
TRS C1   C N N 359 
TRS C2   C N N 360 
TRS C3   C N N 361 
TRS N    N N N 362 
TRS O1   O N N 363 
TRS O2   O N N 364 
TRS O3   O N N 365 
TRS H11  H N N 366 
TRS H12  H N N 367 
TRS H21  H N N 368 
TRS H22  H N N 369 
TRS H31  H N N 370 
TRS H32  H N N 371 
TRS HN1  H N N 372 
TRS HN2  H N N 373 
TRS HN3  H N N 374 
TRS HO1  H N N 375 
TRS HO2  H N N 376 
TRS HO3  H N N 377 
TYR N    N N N 378 
TYR CA   C N S 379 
TYR C    C N N 380 
TYR O    O N N 381 
TYR CB   C N N 382 
TYR CG   C Y N 383 
TYR CD1  C Y N 384 
TYR CD2  C Y N 385 
TYR CE1  C Y N 386 
TYR CE2  C Y N 387 
TYR CZ   C Y N 388 
TYR OH   O N N 389 
TYR OXT  O N N 390 
TYR H    H N N 391 
TYR H2   H N N 392 
TYR HA   H N N 393 
TYR HB2  H N N 394 
TYR HB3  H N N 395 
TYR HD1  H N N 396 
TYR HD2  H N N 397 
TYR HE1  H N N 398 
TYR HE2  H N N 399 
TYR HH   H N N 400 
TYR HXT  H N N 401 
VAL N    N N N 402 
VAL CA   C N S 403 
VAL C    C N N 404 
VAL O    O N N 405 
VAL CB   C N N 406 
VAL CG1  C N N 407 
VAL CG2  C N N 408 
VAL OXT  O N N 409 
VAL H    H N N 410 
VAL H2   H N N 411 
VAL HA   H N N 412 
VAL HB   H N N 413 
VAL HG11 H N N 414 
VAL HG12 H N N 415 
VAL HG13 H N N 416 
VAL HG21 H N N 417 
VAL HG22 H N N 418 
VAL HG23 H N N 419 
VAL HXT  H N N 420 
Y84 C10  C Y N 421 
Y84 C02  C Y N 422 
Y84 C03  C Y N 423 
Y84 C04  C Y N 424 
Y84 C05  C Y N 425 
Y84 C06  C Y N 426 
Y84 C07  C Y N 427 
Y84 C08  C Y N 428 
Y84 C09  C Y N 429 
Y84 C11  C Y N 430 
Y84 F01  F N N 431 
Y84 H1   H N N 432 
Y84 H2   H N N 433 
Y84 H3   H N N 434 
Y84 H4   H N N 435 
Y84 H5   H N N 436 
Y84 H6   H N N 437 
Y84 H7   H N N 438 
# 
loop_
_chem_comp_bond.comp_id 
_chem_comp_bond.atom_id_1 
_chem_comp_bond.atom_id_2 
_chem_comp_bond.value_order 
_chem_comp_bond.pdbx_aromatic_flag 
_chem_comp_bond.pdbx_stereo_config 
_chem_comp_bond.pdbx_ordinal 
ALA N   CA   sing N N 1   
ALA N   H    sing N N 2   
ALA N   H2   sing N N 3   
ALA CA  C    sing N N 4   
ALA CA  CB   sing N N 5   
ALA CA  HA   sing N N 6   
ALA C   O    doub N N 7   
ALA C   OXT  sing N N 8   
ALA CB  HB1  sing N N 9   
ALA CB  HB2  sing N N 10  
ALA CB  HB3  sing N N 11  
ALA OXT HXT  sing N N 12  
ARG N   CA   sing N N 13  
ARG N   H    sing N N 14  
ARG N   H2   sing N N 15  
ARG CA  C    sing N N 16  
ARG CA  CB   sing N N 17  
ARG CA  HA   sing N N 18  
ARG C   O    doub N N 19  
ARG C   OXT  sing N N 20  
ARG CB  CG   sing N N 21  
ARG CB  HB2  sing N N 22  
ARG CB  HB3  sing N N 23  
ARG CG  CD   sing N N 24  
ARG CG  HG2  sing N N 25  
ARG CG  HG3  sing N N 26  
ARG CD  NE   sing N N 27  
ARG CD  HD2  sing N N 28  
ARG CD  HD3  sing N N 29  
ARG NE  CZ   sing N N 30  
ARG NE  HE   sing N N 31  
ARG CZ  NH1  sing N N 32  
ARG CZ  NH2  doub N N 33  
ARG NH1 HH11 sing N N 34  
ARG NH1 HH12 sing N N 35  
ARG NH2 HH21 sing N N 36  
ARG NH2 HH22 sing N N 37  
ARG OXT HXT  sing N N 38  
ASN N   CA   sing N N 39  
ASN N   H    sing N N 40  
ASN N   H2   sing N N 41  
ASN CA  C    sing N N 42  
ASN CA  CB   sing N N 43  
ASN CA  HA   sing N N 44  
ASN C   O    doub N N 45  
ASN C   OXT  sing N N 46  
ASN CB  CG   sing N N 47  
ASN CB  HB2  sing N N 48  
ASN CB  HB3  sing N N 49  
ASN CG  OD1  doub N N 50  
ASN CG  ND2  sing N N 51  
ASN ND2 HD21 sing N N 52  
ASN ND2 HD22 sing N N 53  
ASN OXT HXT  sing N N 54  
ASP N   CA   sing N N 55  
ASP N   H    sing N N 56  
ASP N   H2   sing N N 57  
ASP CA  C    sing N N 58  
ASP CA  CB   sing N N 59  
ASP CA  HA   sing N N 60  
ASP C   O    doub N N 61  
ASP C   OXT  sing N N 62  
ASP CB  CG   sing N N 63  
ASP CB  HB2  sing N N 64  
ASP CB  HB3  sing N N 65  
ASP CG  OD1  doub N N 66  
ASP CG  OD2  sing N N 67  
ASP OD2 HD2  sing N N 68  
ASP OXT HXT  sing N N 69  
BME C1  C2   sing N N 70  
BME C1  O1   sing N N 71  
BME C1  H11  sing N N 72  
BME C1  H12  sing N N 73  
BME C2  S2   sing N N 74  
BME C2  H21  sing N N 75  
BME C2  H22  sing N N 76  
BME O1  HO1  sing N N 77  
BME S2  HS2  sing N N 78  
CYS N   CA   sing N N 79  
CYS N   H    sing N N 80  
CYS N   H2   sing N N 81  
CYS CA  C    sing N N 82  
CYS CA  CB   sing N N 83  
CYS CA  HA   sing N N 84  
CYS C   O    doub N N 85  
CYS C   OXT  sing N N 86  
CYS CB  SG   sing N N 87  
CYS CB  HB2  sing N N 88  
CYS CB  HB3  sing N N 89  
CYS SG  HG   sing N N 90  
CYS OXT HXT  sing N N 91  
GLN N   CA   sing N N 92  
GLN N   H    sing N N 93  
GLN N   H2   sing N N 94  
GLN CA  C    sing N N 95  
GLN CA  CB   sing N N 96  
GLN CA  HA   sing N N 97  
GLN C   O    doub N N 98  
GLN C   OXT  sing N N 99  
GLN CB  CG   sing N N 100 
GLN CB  HB2  sing N N 101 
GLN CB  HB3  sing N N 102 
GLN CG  CD   sing N N 103 
GLN CG  HG2  sing N N 104 
GLN CG  HG3  sing N N 105 
GLN CD  OE1  doub N N 106 
GLN CD  NE2  sing N N 107 
GLN NE2 HE21 sing N N 108 
GLN NE2 HE22 sing N N 109 
GLN OXT HXT  sing N N 110 
GLU N   CA   sing N N 111 
GLU N   H    sing N N 112 
GLU N   H2   sing N N 113 
GLU CA  C    sing N N 114 
GLU CA  CB   sing N N 115 
GLU CA  HA   sing N N 116 
GLU C   O    doub N N 117 
GLU C   OXT  sing N N 118 
GLU CB  CG   sing N N 119 
GLU CB  HB2  sing N N 120 
GLU CB  HB3  sing N N 121 
GLU CG  CD   sing N N 122 
GLU CG  HG2  sing N N 123 
GLU CG  HG3  sing N N 124 
GLU CD  OE1  doub N N 125 
GLU CD  OE2  sing N N 126 
GLU OE2 HE2  sing N N 127 
GLU OXT HXT  sing N N 128 
GLY N   CA   sing N N 129 
GLY N   H    sing N N 130 
GLY N   H2   sing N N 131 
GLY CA  C    sing N N 132 
GLY CA  HA2  sing N N 133 
GLY CA  HA3  sing N N 134 
GLY C   O    doub N N 135 
GLY C   OXT  sing N N 136 
GLY OXT HXT  sing N N 137 
HIS N   CA   sing N N 138 
HIS N   H    sing N N 139 
HIS N   H2   sing N N 140 
HIS CA  C    sing N N 141 
HIS CA  CB   sing N N 142 
HIS CA  HA   sing N N 143 
HIS C   O    doub N N 144 
HIS C   OXT  sing N N 145 
HIS CB  CG   sing N N 146 
HIS CB  HB2  sing N N 147 
HIS CB  HB3  sing N N 148 
HIS CG  ND1  sing Y N 149 
HIS CG  CD2  doub Y N 150 
HIS ND1 CE1  doub Y N 151 
HIS ND1 HD1  sing N N 152 
HIS CD2 NE2  sing Y N 153 
HIS CD2 HD2  sing N N 154 
HIS CE1 NE2  sing Y N 155 
HIS CE1 HE1  sing N N 156 
HIS NE2 HE2  sing N N 157 
HIS OXT HXT  sing N N 158 
HOH O   H1   sing N N 159 
HOH O   H2   sing N N 160 
ILE N   CA   sing N N 161 
ILE N   H    sing N N 162 
ILE N   H2   sing N N 163 
ILE CA  C    sing N N 164 
ILE CA  CB   sing N N 165 
ILE CA  HA   sing N N 166 
ILE C   O    doub N N 167 
ILE C   OXT  sing N N 168 
ILE CB  CG1  sing N N 169 
ILE CB  CG2  sing N N 170 
ILE CB  HB   sing N N 171 
ILE CG1 CD1  sing N N 172 
ILE CG1 HG12 sing N N 173 
ILE CG1 HG13 sing N N 174 
ILE CG2 HG21 sing N N 175 
ILE CG2 HG22 sing N N 176 
ILE CG2 HG23 sing N N 177 
ILE CD1 HD11 sing N N 178 
ILE CD1 HD12 sing N N 179 
ILE CD1 HD13 sing N N 180 
ILE OXT HXT  sing N N 181 
LEU N   CA   sing N N 182 
LEU N   H    sing N N 183 
LEU N   H2   sing N N 184 
LEU CA  C    sing N N 185 
LEU CA  CB   sing N N 186 
LEU CA  HA   sing N N 187 
LEU C   O    doub N N 188 
LEU C   OXT  sing N N 189 
LEU CB  CG   sing N N 190 
LEU CB  HB2  sing N N 191 
LEU CB  HB3  sing N N 192 
LEU CG  CD1  sing N N 193 
LEU CG  CD2  sing N N 194 
LEU CG  HG   sing N N 195 
LEU CD1 HD11 sing N N 196 
LEU CD1 HD12 sing N N 197 
LEU CD1 HD13 sing N N 198 
LEU CD2 HD21 sing N N 199 
LEU CD2 HD22 sing N N 200 
LEU CD2 HD23 sing N N 201 
LEU OXT HXT  sing N N 202 
LYS N   CA   sing N N 203 
LYS N   H    sing N N 204 
LYS N   H2   sing N N 205 
LYS CA  C    sing N N 206 
LYS CA  CB   sing N N 207 
LYS CA  HA   sing N N 208 
LYS C   O    doub N N 209 
LYS C   OXT  sing N N 210 
LYS CB  CG   sing N N 211 
LYS CB  HB2  sing N N 212 
LYS CB  HB3  sing N N 213 
LYS CG  CD   sing N N 214 
LYS CG  HG2  sing N N 215 
LYS CG  HG3  sing N N 216 
LYS CD  CE   sing N N 217 
LYS CD  HD2  sing N N 218 
LYS CD  HD3  sing N N 219 
LYS CE  NZ   sing N N 220 
LYS CE  HE2  sing N N 221 
LYS CE  HE3  sing N N 222 
LYS NZ  HZ1  sing N N 223 
LYS NZ  HZ2  sing N N 224 
LYS NZ  HZ3  sing N N 225 
LYS OXT HXT  sing N N 226 
MET N   CA   sing N N 227 
MET N   H    sing N N 228 
MET N   H2   sing N N 229 
MET CA  C    sing N N 230 
MET CA  CB   sing N N 231 
MET CA  HA   sing N N 232 
MET C   O    doub N N 233 
MET C   OXT  sing N N 234 
MET CB  CG   sing N N 235 
MET CB  HB2  sing N N 236 
MET CB  HB3  sing N N 237 
MET CG  SD   sing N N 238 
MET CG  HG2  sing N N 239 
MET CG  HG3  sing N N 240 
MET SD  CE   sing N N 241 
MET CE  HE1  sing N N 242 
MET CE  HE2  sing N N 243 
MET CE  HE3  sing N N 244 
MET OXT HXT  sing N N 245 
PHE N   CA   sing N N 246 
PHE N   H    sing N N 247 
PHE N   H2   sing N N 248 
PHE CA  C    sing N N 249 
PHE CA  CB   sing N N 250 
PHE CA  HA   sing N N 251 
PHE C   O    doub N N 252 
PHE C   OXT  sing N N 253 
PHE CB  CG   sing N N 254 
PHE CB  HB2  sing N N 255 
PHE CB  HB3  sing N N 256 
PHE CG  CD1  doub Y N 257 
PHE CG  CD2  sing Y N 258 
PHE CD1 CE1  sing Y N 259 
PHE CD1 HD1  sing N N 260 
PHE CD2 CE2  doub Y N 261 
PHE CD2 HD2  sing N N 262 
PHE CE1 CZ   doub Y N 263 
PHE CE1 HE1  sing N N 264 
PHE CE2 CZ   sing Y N 265 
PHE CE2 HE2  sing N N 266 
PHE CZ  HZ   sing N N 267 
PHE OXT HXT  sing N N 268 
PRO N   CA   sing N N 269 
PRO N   CD   sing N N 270 
PRO N   H    sing N N 271 
PRO CA  C    sing N N 272 
PRO CA  CB   sing N N 273 
PRO CA  HA   sing N N 274 
PRO C   O    doub N N 275 
PRO C   OXT  sing N N 276 
PRO CB  CG   sing N N 277 
PRO CB  HB2  sing N N 278 
PRO CB  HB3  sing N N 279 
PRO CG  CD   sing N N 280 
PRO CG  HG2  sing N N 281 
PRO CG  HG3  sing N N 282 
PRO CD  HD2  sing N N 283 
PRO CD  HD3  sing N N 284 
PRO OXT HXT  sing N N 285 
SER N   CA   sing N N 286 
SER N   H    sing N N 287 
SER N   H2   sing N N 288 
SER CA  C    sing N N 289 
SER CA  CB   sing N N 290 
SER CA  HA   sing N N 291 
SER C   O    doub N N 292 
SER C   OXT  sing N N 293 
SER CB  OG   sing N N 294 
SER CB  HB2  sing N N 295 
SER CB  HB3  sing N N 296 
SER OG  HG   sing N N 297 
SER OXT HXT  sing N N 298 
THR N   CA   sing N N 299 
THR N   H    sing N N 300 
THR N   H2   sing N N 301 
THR CA  C    sing N N 302 
THR CA  CB   sing N N 303 
THR CA  HA   sing N N 304 
THR C   O    doub N N 305 
THR C   OXT  sing N N 306 
THR CB  OG1  sing N N 307 
THR CB  CG2  sing N N 308 
THR CB  HB   sing N N 309 
THR OG1 HG1  sing N N 310 
THR CG2 HG21 sing N N 311 
THR CG2 HG22 sing N N 312 
THR CG2 HG23 sing N N 313 
THR OXT HXT  sing N N 314 
TRP N   CA   sing N N 315 
TRP N   H    sing N N 316 
TRP N   H2   sing N N 317 
TRP CA  C    sing N N 318 
TRP CA  CB   sing N N 319 
TRP CA  HA   sing N N 320 
TRP C   O    doub N N 321 
TRP C   OXT  sing N N 322 
TRP CB  CG   sing N N 323 
TRP CB  HB2  sing N N 324 
TRP CB  HB3  sing N N 325 
TRP CG  CD1  doub Y N 326 
TRP CG  CD2  sing Y N 327 
TRP CD1 NE1  sing Y N 328 
TRP CD1 HD1  sing N N 329 
TRP CD2 CE2  doub Y N 330 
TRP CD2 CE3  sing Y N 331 
TRP NE1 CE2  sing Y N 332 
TRP NE1 HE1  sing N N 333 
TRP CE2 CZ2  sing Y N 334 
TRP CE3 CZ3  doub Y N 335 
TRP CE3 HE3  sing N N 336 
TRP CZ2 CH2  doub Y N 337 
TRP CZ2 HZ2  sing N N 338 
TRP CZ3 CH2  sing Y N 339 
TRP CZ3 HZ3  sing N N 340 
TRP CH2 HH2  sing N N 341 
TRP OXT HXT  sing N N 342 
TRS C   C1   sing N N 343 
TRS C   C2   sing N N 344 
TRS C   C3   sing N N 345 
TRS C   N    sing N N 346 
TRS C1  O1   sing N N 347 
TRS C1  H11  sing N N 348 
TRS C1  H12  sing N N 349 
TRS C2  O2   sing N N 350 
TRS C2  H21  sing N N 351 
TRS C2  H22  sing N N 352 
TRS C3  O3   sing N N 353 
TRS C3  H31  sing N N 354 
TRS C3  H32  sing N N 355 
TRS N   HN1  sing N N 356 
TRS N   HN2  sing N N 357 
TRS N   HN3  sing N N 358 
TRS O1  HO1  sing N N 359 
TRS O2  HO2  sing N N 360 
TRS O3  HO3  sing N N 361 
TYR N   CA   sing N N 362 
TYR N   H    sing N N 363 
TYR N   H2   sing N N 364 
TYR CA  C    sing N N 365 
TYR CA  CB   sing N N 366 
TYR CA  HA   sing N N 367 
TYR C   O    doub N N 368 
TYR C   OXT  sing N N 369 
TYR CB  CG   sing N N 370 
TYR CB  HB2  sing N N 371 
TYR CB  HB3  sing N N 372 
TYR CG  CD1  doub Y N 373 
TYR CG  CD2  sing Y N 374 
TYR CD1 CE1  sing Y N 375 
TYR CD1 HD1  sing N N 376 
TYR CD2 CE2  doub Y N 377 
TYR CD2 HD2  sing N N 378 
TYR CE1 CZ   doub Y N 379 
TYR CE1 HE1  sing N N 380 
TYR CE2 CZ   sing Y N 381 
TYR CE2 HE2  sing N N 382 
TYR CZ  OH   sing N N 383 
TYR OH  HH   sing N N 384 
TYR OXT HXT  sing N N 385 
VAL N   CA   sing N N 386 
VAL N   H    sing N N 387 
VAL N   H2   sing N N 388 
VAL CA  C    sing N N 389 
VAL CA  CB   sing N N 390 
VAL CA  HA   sing N N 391 
VAL C   O    doub N N 392 
VAL C   OXT  sing N N 393 
VAL CB  CG1  sing N N 394 
VAL CB  CG2  sing N N 395 
VAL CB  HB   sing N N 396 
VAL CG1 HG11 sing N N 397 
VAL CG1 HG12 sing N N 398 
VAL CG1 HG13 sing N N 399 
VAL CG2 HG21 sing N N 400 
VAL CG2 HG22 sing N N 401 
VAL CG2 HG23 sing N N 402 
VAL OXT HXT  sing N N 403 
Y84 C05 C04  doub Y N 404 
Y84 C05 C06  sing Y N 405 
Y84 C04 C03  sing Y N 406 
Y84 C07 C06  doub Y N 407 
Y84 C07 C08  sing Y N 408 
Y84 C06 C11  sing Y N 409 
Y84 C03 C02  doub Y N 410 
Y84 C08 C09  doub Y N 411 
Y84 C11 C02  sing Y N 412 
Y84 C11 C10  doub Y N 413 
Y84 C02 F01  sing N N 414 
Y84 C09 C10  sing Y N 415 
Y84 C10 H1   sing N N 416 
Y84 C03 H2   sing N N 417 
Y84 C04 H3   sing N N 418 
Y84 C05 H4   sing N N 419 
Y84 C07 H5   sing N N 420 
Y84 C08 H6   sing N N 421 
Y84 C09 H7   sing N N 422 
# 
_pdbx_audit_support.funding_organization   
'National Institutes of Health/National Institute of General Medical Sciences (NIH/NIGMS)' 
_pdbx_audit_support.country                'United States' 
_pdbx_audit_support.grant_number           ? 
_pdbx_audit_support.ordinal                1 
# 
_pdbx_entity_instance_feature.ordinal        1 
_pdbx_entity_instance_feature.comp_id        Y84 
_pdbx_entity_instance_feature.asym_id        ? 
_pdbx_entity_instance_feature.seq_num        ? 
_pdbx_entity_instance_feature.auth_comp_id   Y84 
_pdbx_entity_instance_feature.auth_asym_id   ? 
_pdbx_entity_instance_feature.auth_seq_num   ? 
_pdbx_entity_instance_feature.feature_type   'SUBJECT OF INVESTIGATION' 
_pdbx_entity_instance_feature.details        ? 
# 
loop_
_pdbx_entity_nonpoly.entity_id 
_pdbx_entity_nonpoly.name 
_pdbx_entity_nonpoly.comp_id 
2 1-fluoranylnaphthalene                   Y84 
3 BETA-MERCAPTOETHANOL                     BME 
4 2-AMINO-2-HYDROXYMETHYL-PROPANE-1,3-DIOL TRS 
5 water                                    HOH 
# 
_pdbx_initial_refinement_model.id               1 
_pdbx_initial_refinement_model.entity_id_list   ? 
_pdbx_initial_refinement_model.type             'experimental model' 
_pdbx_initial_refinement_model.source_name      PDB 
_pdbx_initial_refinement_model.accession_code   4W57 
_pdbx_initial_refinement_model.details          ? 
# 
_pdbx_struct_assembly_auth_evidence.id                     1 
_pdbx_struct_assembly_auth_evidence.assembly_id            1 
_pdbx_struct_assembly_auth_evidence.experimental_support   none 
_pdbx_struct_assembly_auth_evidence.details                ? 
# 
